data_9IBH
#
_entry.id   9IBH
#
_cell.length_a   1.00
_cell.length_b   1.00
_cell.length_c   1.00
_cell.angle_alpha   90.00
_cell.angle_beta   90.00
_cell.angle_gamma   90.00
#
_symmetry.space_group_name_H-M   'P 1'
#
loop_
_entity.id
_entity.type
_entity.pdbx_description
1 polymer 'Polyribonucleotide nucleotidyltransferase'
2 polymer 'Ribonuclease E'
3 water water
#
loop_
_entity_poly.entity_id
_entity_poly.type
_entity_poly.pdbx_seq_one_letter_code
_entity_poly.pdbx_strand_id
1 'polypeptide(L)'
;MLNPIVRKFQYGQHTVTLETGMMARQATAAVMVSMDDTAVFVTVVGQKKAKPGQDFFPLTVNYQERTYAAGRIPGSFFRR
EGRPSEGETLIARLIDRPVRPLFPEGFVNEVQVIATVVSVNPQVNPDIVAMIGASAALSLSGIPFNGPIGAARVGYINDQ
YVLNPTQDELKESKLDLVVAGTEAAVLMVESEAELLSEDTMLGAVVFGHEQQQVVIQAINDLVKEAGKPRWDWQPEAVND
ALNARVAALAESRLSDAYRITDKQERYAQVDVIKSETIEQLIAEDETLDANELGEILHAIEKNVVRSRVLAGEPRIDGRE
KDMIRGLDVRTGVLPRTHGSALFTRGETQALVTATLGTARDAQVLDELMGERTDSFLFHYNFPPYSVGETGMVGSPKRRE
IGHGRLAKRGVLAVMPDMDKFPYTVRVVSEITESNGSSSMASVCGASLALMDAGVPIKAAVAGIAMGLVKEGDNYVVLSD
ILGDEDHLGDMDFKVAGSRDGISALQMDIKIEGITKEIMQVALNQAKGARLHILGVMEQAINAPRG
;
A,B,C
2 'polypeptide(L)' NHASAPMTRAPAPEYVPETPHHSDWQRPSFHFEGKGAAGGHSATRHASAPATRPQPVE D
#
# COMPACT_ATOMS: atom_id res chain seq x y z
N MET A 1 -0.23 -40.54 12.28
CA MET A 1 0.79 -40.80 11.26
C MET A 1 1.97 -39.85 11.43
N LEU A 2 1.84 -38.89 12.35
CA LEU A 2 2.87 -37.91 12.62
C LEU A 2 3.39 -38.06 14.03
N ASN A 3 4.70 -37.94 14.18
CA ASN A 3 5.38 -38.11 15.46
C ASN A 3 6.33 -36.95 15.73
N PRO A 4 6.02 -36.07 16.67
CA PRO A 4 6.91 -34.95 16.95
C PRO A 4 8.03 -35.32 17.91
N ILE A 5 9.17 -34.68 17.70
CA ILE A 5 10.33 -34.81 18.58
C ILE A 5 10.29 -33.66 19.56
N VAL A 6 10.15 -33.99 20.84
CA VAL A 6 9.96 -33.02 21.92
C VAL A 6 11.09 -33.19 22.91
N ARG A 7 11.80 -32.09 23.20
CA ARG A 7 12.85 -32.10 24.22
C ARG A 7 12.59 -30.99 25.22
N LYS A 8 12.63 -31.34 26.50
CA LYS A 8 12.37 -30.42 27.60
C LYS A 8 13.63 -30.21 28.43
N PHE A 9 13.89 -28.98 28.82
CA PHE A 9 15.00 -28.64 29.70
C PHE A 9 14.57 -27.53 30.62
N GLN A 10 15.36 -27.30 31.67
CA GLN A 10 15.04 -26.27 32.66
C GLN A 10 15.91 -25.05 32.39
N TYR A 11 15.26 -23.91 32.18
CA TYR A 11 15.92 -22.64 31.93
C TYR A 11 15.56 -21.73 33.09
N GLY A 12 16.39 -21.77 34.13
CA GLY A 12 16.13 -20.94 35.28
C GLY A 12 15.00 -21.54 36.07
N GLN A 13 14.00 -20.73 36.35
CA GLN A 13 12.82 -21.20 37.06
C GLN A 13 11.76 -21.71 36.10
N HIS A 14 12.04 -21.76 34.80
CA HIS A 14 11.06 -22.19 33.82
C HIS A 14 11.46 -23.50 33.17
N THR A 15 10.49 -24.14 32.52
CA THR A 15 10.71 -25.34 31.74
C THR A 15 10.47 -25.01 30.28
N VAL A 16 11.52 -25.12 29.46
CA VAL A 16 11.43 -24.84 28.03
C VAL A 16 11.28 -26.16 27.29
N THR A 17 10.34 -26.18 26.34
CA THR A 17 10.08 -27.33 25.49
C THR A 17 10.31 -26.93 24.04
N LEU A 18 11.09 -27.73 23.33
CA LEU A 18 11.32 -27.56 21.90
C LEU A 18 10.67 -28.73 21.18
N GLU A 19 9.77 -28.42 20.25
CA GLU A 19 9.04 -29.44 19.51
C GLU A 19 9.26 -29.23 18.02
N THR A 20 9.70 -30.27 17.32
CA THR A 20 9.91 -30.17 15.89
C THR A 20 9.47 -31.47 15.22
N GLY A 21 9.20 -31.38 13.91
CA GLY A 21 8.94 -32.56 13.10
C GLY A 21 7.50 -32.78 12.72
N MET A 22 6.56 -32.08 13.35
CA MET A 22 5.14 -32.33 13.12
C MET A 22 4.45 -31.23 12.34
N MET A 23 4.70 -29.97 12.66
CA MET A 23 4.01 -28.85 12.03
C MET A 23 4.93 -28.17 11.02
N ALA A 24 4.34 -27.70 9.93
CA ALA A 24 5.03 -26.97 8.86
C ALA A 24 6.22 -27.78 8.33
N ARG A 25 5.88 -28.89 7.68
CA ARG A 25 6.89 -29.81 7.18
C ARG A 25 7.36 -29.46 5.78
N GLN A 26 6.83 -28.39 5.18
CA GLN A 26 7.27 -27.93 3.88
C GLN A 26 8.23 -26.75 3.97
N ALA A 27 8.42 -26.20 5.15
CA ALA A 27 9.43 -25.18 5.36
C ALA A 27 10.79 -25.81 5.58
N THR A 28 11.84 -25.00 5.47
CA THR A 28 13.18 -25.51 5.71
C THR A 28 13.33 -26.00 7.15
N ALA A 29 12.67 -25.33 8.10
CA ALA A 29 12.63 -25.82 9.47
C ALA A 29 11.53 -25.10 10.23
N ALA A 30 10.95 -25.81 11.20
CA ALA A 30 9.87 -25.25 12.01
C ALA A 30 9.97 -25.81 13.41
N VAL A 31 9.93 -24.94 14.41
CA VAL A 31 10.03 -25.33 15.81
C VAL A 31 8.95 -24.61 16.61
N MET A 32 8.32 -25.33 17.52
CA MET A 32 7.41 -24.75 18.50
C MET A 32 8.13 -24.73 19.85
N VAL A 33 8.36 -23.53 20.38
CA VAL A 33 9.06 -23.35 21.65
C VAL A 33 8.06 -22.89 22.69
N SER A 34 8.05 -23.56 23.83
CA SER A 34 7.14 -23.22 24.92
C SER A 34 7.93 -23.00 26.19
N MET A 35 7.69 -21.86 26.83
CA MET A 35 8.29 -21.47 28.11
C MET A 35 7.13 -21.21 29.06
N ASP A 36 6.80 -22.20 29.88
CA ASP A 36 5.79 -22.10 30.93
C ASP A 36 4.48 -21.51 30.38
N ASP A 37 3.92 -22.23 29.41
CA ASP A 37 2.65 -21.95 28.75
C ASP A 37 2.73 -20.79 27.77
N THR A 38 3.89 -20.18 27.56
CA THR A 38 4.06 -19.21 26.48
C THR A 38 4.69 -19.92 25.30
N ALA A 39 3.95 -20.01 24.20
CA ALA A 39 4.37 -20.79 23.05
C ALA A 39 4.46 -19.91 21.82
N VAL A 40 5.59 -20.02 21.12
CA VAL A 40 5.85 -19.32 19.87
C VAL A 40 6.23 -20.35 18.82
N PHE A 41 5.61 -20.26 17.65
CA PHE A 41 5.91 -21.10 16.51
C PHE A 41 6.81 -20.33 15.55
N VAL A 42 8.02 -20.85 15.30
CA VAL A 42 9.01 -20.17 14.48
C VAL A 42 9.33 -21.05 13.28
N THR A 43 9.23 -20.48 12.08
CA THR A 43 9.57 -21.17 10.85
C THR A 43 10.64 -20.41 10.11
N VAL A 44 11.54 -21.15 9.46
CA VAL A 44 12.56 -20.56 8.59
C VAL A 44 12.51 -21.27 7.25
N VAL A 45 12.51 -20.48 6.18
CA VAL A 45 12.54 -20.97 4.80
C VAL A 45 13.72 -20.32 4.12
N GLY A 46 14.62 -21.13 3.56
CA GLY A 46 15.72 -20.56 2.82
C GLY A 46 15.73 -21.03 1.38
N GLN A 47 15.88 -20.08 0.45
CA GLN A 47 15.94 -20.42 -0.96
C GLN A 47 17.29 -21.05 -1.27
N LYS A 48 17.28 -22.18 -1.97
CA LYS A 48 18.46 -22.99 -2.20
C LYS A 48 19.32 -22.48 -3.35
N LYS A 49 18.85 -21.49 -4.09
CA LYS A 49 19.60 -20.89 -5.21
C LYS A 49 19.61 -19.38 -5.05
N ALA A 50 20.79 -18.79 -5.19
CA ALA A 50 20.94 -17.34 -5.01
C ALA A 50 20.37 -16.64 -6.24
N LYS A 51 19.82 -15.44 -6.07
CA LYS A 51 19.35 -14.70 -7.27
C LYS A 51 20.59 -14.36 -8.08
N PRO A 52 20.54 -14.29 -9.43
CA PRO A 52 21.76 -14.11 -10.27
C PRO A 52 22.52 -12.84 -9.91
N GLY A 53 21.82 -11.72 -9.72
CA GLY A 53 22.53 -10.50 -9.28
C GLY A 53 22.20 -10.21 -7.83
N GLN A 54 23.15 -10.42 -6.92
CA GLN A 54 22.84 -10.24 -5.48
C GLN A 54 24.09 -9.75 -4.75
N ASP A 55 23.97 -8.58 -4.13
CA ASP A 55 25.10 -8.01 -3.40
C ASP A 55 24.96 -8.16 -1.89
N PHE A 56 23.74 -8.04 -1.38
CA PHE A 56 23.50 -8.07 0.05
C PHE A 56 22.81 -9.39 0.39
N PHE A 57 22.89 -9.78 1.66
CA PHE A 57 22.17 -10.96 2.10
C PHE A 57 20.71 -10.57 2.33
N PRO A 58 19.76 -11.16 1.61
CA PRO A 58 18.32 -10.87 1.85
C PRO A 58 17.73 -11.68 3.02
N LEU A 59 17.95 -11.19 4.23
CA LEU A 59 17.36 -11.81 5.41
C LEU A 59 16.18 -10.98 5.89
N THR A 60 15.04 -11.63 6.09
CA THR A 60 13.85 -10.98 6.61
C THR A 60 13.40 -11.73 7.86
N VAL A 61 13.13 -11.00 8.93
CA VAL A 61 12.57 -11.56 10.16
C VAL A 61 11.23 -10.87 10.42
N ASN A 62 10.17 -11.66 10.47
CA ASN A 62 8.82 -11.17 10.73
C ASN A 62 8.34 -11.78 12.04
N TYR A 63 7.96 -10.92 12.98
CA TYR A 63 7.43 -11.35 14.27
C TYR A 63 6.00 -10.87 14.37
N GLN A 64 5.07 -11.80 14.56
CA GLN A 64 3.66 -11.49 14.65
C GLN A 64 3.08 -12.04 15.95
N GLU A 65 2.23 -11.23 16.58
CA GLU A 65 1.55 -11.57 17.82
C GLU A 65 0.06 -11.75 17.54
N ARG A 66 -0.48 -12.90 17.93
CA ARG A 66 -1.87 -13.23 17.67
C ARG A 66 -2.67 -13.05 18.95
N THR A 67 -3.78 -12.32 18.86
CA THR A 67 -4.55 -12.01 20.05
C THR A 67 -5.16 -13.24 20.69
N TYR A 68 -5.44 -14.28 19.90
CA TYR A 68 -6.03 -15.49 20.47
C TYR A 68 -5.07 -16.15 21.46
N ALA A 69 -3.79 -15.81 21.39
CA ALA A 69 -2.82 -16.34 22.35
C ALA A 69 -3.17 -15.93 23.77
N ALA A 70 -3.76 -14.76 23.94
CA ALA A 70 -4.15 -14.26 25.25
C ALA A 70 -5.60 -14.54 25.58
N GLY A 71 -6.29 -15.32 24.75
CA GLY A 71 -7.70 -15.59 24.96
C GLY A 71 -8.57 -14.36 24.83
N ARG A 72 -8.26 -13.48 23.87
CA ARG A 72 -9.01 -12.26 23.66
C ARG A 72 -9.29 -12.07 22.19
N ILE A 73 -10.40 -11.41 21.89
CA ILE A 73 -10.76 -11.04 20.53
C ILE A 73 -10.23 -9.63 20.28
N PRO A 74 -9.52 -9.38 19.19
CA PRO A 74 -8.89 -8.05 19.01
C PRO A 74 -9.90 -6.93 19.03
N GLY A 75 -9.49 -5.81 19.63
CA GLY A 75 -10.34 -4.64 19.74
C GLY A 75 -10.36 -3.74 18.53
N SER A 76 -9.67 -4.14 17.46
CA SER A 76 -9.68 -3.37 16.23
C SER A 76 -11.08 -3.37 15.61
N PHE A 77 -11.30 -2.40 14.72
CA PHE A 77 -12.59 -2.28 14.05
C PHE A 77 -12.93 -3.56 13.28
N PHE A 78 -11.96 -4.14 12.60
CA PHE A 78 -12.18 -5.32 11.77
C PHE A 78 -12.01 -6.62 12.55
N ARG A 79 -11.72 -6.53 13.85
CA ARG A 79 -11.56 -7.71 14.71
C ARG A 79 -10.44 -8.62 14.21
N ARG A 80 -9.41 -8.02 13.63
CA ARG A 80 -8.25 -8.72 13.13
C ARG A 80 -7.02 -7.87 13.44
N GLU A 81 -5.86 -8.53 13.51
CA GLU A 81 -4.59 -7.84 13.65
C GLU A 81 -4.00 -7.68 12.25
N GLY A 82 -3.98 -6.45 11.76
CA GLY A 82 -3.60 -6.18 10.39
C GLY A 82 -2.21 -5.63 10.16
N ARG A 83 -1.84 -4.60 10.92
CA ARG A 83 -0.54 -4.00 10.67
C ARG A 83 0.42 -4.36 11.79
N PRO A 84 1.67 -4.71 11.48
CA PRO A 84 2.63 -4.96 12.57
C PRO A 84 2.76 -3.72 13.43
N SER A 85 2.83 -3.93 14.74
CA SER A 85 2.94 -2.80 15.66
C SER A 85 4.40 -2.42 15.87
N GLU A 86 4.62 -1.41 16.72
CA GLU A 86 5.97 -0.99 17.03
C GLU A 86 6.72 -2.06 17.82
N GLY A 87 6.05 -2.67 18.81
CA GLY A 87 6.68 -3.70 19.60
C GLY A 87 7.03 -4.93 18.78
N GLU A 88 6.24 -5.20 17.74
CA GLU A 88 6.49 -6.37 16.91
C GLU A 88 7.69 -6.12 16.03
N THR A 89 7.84 -4.89 15.55
CA THR A 89 8.96 -4.55 14.69
C THR A 89 10.24 -4.48 15.53
N LEU A 90 10.09 -4.23 16.82
CA LEU A 90 11.24 -4.13 17.70
C LEU A 90 11.67 -5.51 18.17
N ILE A 91 10.74 -6.45 18.23
CA ILE A 91 11.14 -7.81 18.57
C ILE A 91 11.74 -8.47 17.34
N ALA A 92 11.31 -8.06 16.18
CA ALA A 92 11.90 -8.62 14.94
C ALA A 92 13.34 -8.19 14.83
N ARG A 93 13.67 -6.97 15.22
CA ARG A 93 15.06 -6.45 15.19
C ARG A 93 15.89 -7.11 16.30
N LEU A 94 15.27 -7.47 17.41
CA LEU A 94 15.98 -8.17 18.49
C LEU A 94 16.34 -9.55 17.99
N ILE A 95 15.48 -10.18 17.18
CA ILE A 95 15.85 -11.46 16.56
C ILE A 95 16.83 -11.28 15.42
N ASP A 96 16.64 -10.26 14.58
CA ASP A 96 17.49 -10.05 13.42
C ASP A 96 18.92 -9.68 13.79
N ARG A 97 19.12 -8.84 14.80
CA ARG A 97 20.46 -8.37 15.09
C ARG A 97 21.46 -9.47 15.47
N PRO A 98 21.14 -10.46 16.31
CA PRO A 98 22.14 -11.47 16.67
C PRO A 98 22.39 -12.52 15.59
N VAL A 99 21.50 -12.69 14.62
CA VAL A 99 21.61 -13.78 13.66
C VAL A 99 22.30 -13.34 12.38
N ARG A 100 22.04 -12.11 11.92
CA ARG A 100 22.60 -11.66 10.63
C ARG A 100 24.12 -11.80 10.60
N PRO A 101 24.88 -11.40 11.64
CA PRO A 101 26.33 -11.61 11.62
C PRO A 101 26.78 -13.06 11.64
N LEU A 102 25.87 -14.03 11.72
CA LEU A 102 26.25 -15.42 11.91
C LEU A 102 26.08 -16.25 10.66
N PHE A 103 25.57 -15.66 9.58
CA PHE A 103 25.50 -16.36 8.32
C PHE A 103 26.84 -16.17 7.60
N PRO A 104 27.43 -17.21 7.01
CA PRO A 104 28.77 -17.07 6.43
C PRO A 104 28.90 -15.91 5.44
N GLU A 105 30.12 -15.44 5.22
CA GLU A 105 30.32 -14.33 4.31
C GLU A 105 30.16 -14.80 2.87
N GLY A 106 29.63 -13.92 2.02
CA GLY A 106 29.28 -14.29 0.67
C GLY A 106 27.96 -15.01 0.53
N PHE A 107 27.31 -15.36 1.63
CA PHE A 107 26.01 -16.03 1.60
C PHE A 107 24.94 -14.99 1.29
N VAL A 108 24.31 -15.11 0.13
CA VAL A 108 23.33 -14.10 -0.29
C VAL A 108 22.04 -14.78 -0.73
N ASN A 109 21.81 -15.99 -0.26
CA ASN A 109 20.55 -16.67 -0.53
C ASN A 109 19.47 -16.07 0.36
N GLU A 110 18.25 -15.98 -0.16
CA GLU A 110 17.20 -15.32 0.60
C GLU A 110 16.72 -16.21 1.73
N VAL A 111 16.61 -15.64 2.93
CA VAL A 111 16.15 -16.35 4.11
C VAL A 111 15.04 -15.54 4.76
N GLN A 112 13.94 -16.21 5.11
CA GLN A 112 12.86 -15.59 5.86
C GLN A 112 12.56 -16.38 7.11
N VAL A 113 12.59 -15.71 8.25
CA VAL A 113 12.22 -16.28 9.54
C VAL A 113 10.90 -15.66 9.95
N ILE A 114 9.93 -16.49 10.33
CA ILE A 114 8.62 -16.02 10.76
C ILE A 114 8.35 -16.61 12.14
N ALA A 115 8.19 -15.73 13.14
CA ALA A 115 7.89 -16.14 14.51
C ALA A 115 6.48 -15.66 14.84
N THR A 116 5.58 -16.61 15.06
CA THR A 116 4.20 -16.32 15.39
C THR A 116 3.93 -16.73 16.83
N VAL A 117 3.40 -15.82 17.62
CA VAL A 117 3.06 -16.13 19.00
C VAL A 117 1.70 -16.80 19.02
N VAL A 118 1.66 -18.04 19.52
CA VAL A 118 0.44 -18.84 19.50
C VAL A 118 -0.12 -19.09 20.89
N SER A 119 0.59 -18.71 21.94
CA SER A 119 0.05 -18.82 23.29
C SER A 119 0.87 -17.93 24.21
N VAL A 120 0.20 -17.26 25.14
CA VAL A 120 0.86 -16.29 26.00
C VAL A 120 0.49 -16.56 27.45
N ASN A 121 1.51 -16.77 28.28
CA ASN A 121 1.35 -16.71 29.72
C ASN A 121 1.66 -15.28 30.13
N PRO A 122 0.71 -14.55 30.72
CA PRO A 122 0.90 -13.11 30.97
C PRO A 122 2.17 -12.74 31.71
N GLN A 123 2.86 -13.73 32.29
CA GLN A 123 4.05 -13.47 33.09
C GLN A 123 5.35 -13.81 32.38
N VAL A 124 5.30 -14.57 31.28
CA VAL A 124 6.48 -14.89 30.49
C VAL A 124 6.42 -14.13 29.18
N ASN A 125 7.39 -13.23 28.96
CA ASN A 125 7.43 -12.44 27.74
C ASN A 125 7.75 -13.33 26.54
N PRO A 126 7.06 -13.14 25.40
CA PRO A 126 7.29 -14.00 24.22
C PRO A 126 8.52 -13.65 23.40
N ASP A 127 9.31 -12.64 23.77
CA ASP A 127 10.42 -12.24 22.92
C ASP A 127 11.62 -13.17 23.08
N ILE A 128 11.94 -13.56 24.32
CA ILE A 128 13.03 -14.50 24.52
C ILE A 128 12.66 -15.86 23.92
N VAL A 129 11.40 -16.25 24.06
CA VAL A 129 10.94 -17.50 23.46
C VAL A 129 11.06 -17.44 21.95
N ALA A 130 10.82 -16.27 21.36
CA ALA A 130 10.95 -16.14 19.91
C ALA A 130 12.40 -16.21 19.47
N MET A 131 13.31 -15.61 20.24
CA MET A 131 14.73 -15.68 19.91
C MET A 131 15.27 -17.10 20.03
N ILE A 132 14.81 -17.84 21.04
CA ILE A 132 15.22 -19.24 21.16
C ILE A 132 14.64 -20.09 20.04
N GLY A 133 13.41 -19.79 19.62
CA GLY A 133 12.83 -20.53 18.52
C GLY A 133 13.48 -20.22 17.19
N ALA A 134 14.00 -18.99 17.04
CA ALA A 134 14.68 -18.65 15.80
C ALA A 134 16.06 -19.29 15.75
N SER A 135 16.72 -19.38 16.90
CA SER A 135 18.00 -20.06 16.94
C SER A 135 17.84 -21.54 16.63
N ALA A 136 16.77 -22.14 17.16
CA ALA A 136 16.56 -23.56 16.97
C ALA A 136 16.17 -23.86 15.54
N ALA A 137 15.31 -23.02 14.95
CA ALA A 137 14.86 -23.25 13.60
C ALA A 137 16.00 -23.04 12.62
N LEU A 138 16.91 -22.11 12.92
CA LEU A 138 17.98 -21.83 11.97
C LEU A 138 19.07 -22.88 12.09
N SER A 139 19.24 -23.45 13.28
CA SER A 139 20.27 -24.47 13.48
C SER A 139 19.79 -25.84 13.01
N LEU A 140 18.48 -26.06 12.96
CA LEU A 140 17.93 -27.32 12.46
C LEU A 140 17.72 -27.31 10.96
N SER A 141 17.71 -26.14 10.33
CA SER A 141 17.35 -26.04 8.92
C SER A 141 18.45 -26.60 8.01
N GLY A 142 19.71 -26.54 8.44
CA GLY A 142 20.80 -26.91 7.59
C GLY A 142 21.43 -25.74 6.87
N ILE A 143 20.70 -24.63 6.74
CA ILE A 143 21.17 -23.43 6.09
C ILE A 143 22.48 -23.01 6.75
N PRO A 144 23.51 -22.66 5.97
CA PRO A 144 24.77 -22.19 6.56
C PRO A 144 24.56 -21.11 7.61
N PHE A 145 24.85 -21.44 8.87
CA PHE A 145 24.61 -20.56 10.01
C PHE A 145 25.61 -20.98 11.07
N ASN A 146 26.26 -20.01 11.71
CA ASN A 146 27.35 -20.35 12.62
C ASN A 146 26.90 -20.44 14.08
N GLY A 147 26.56 -21.66 14.50
CA GLY A 147 26.31 -21.96 15.88
C GLY A 147 24.95 -21.53 16.37
N PRO A 148 24.39 -22.28 17.32
CA PRO A 148 23.15 -21.84 17.96
C PRO A 148 23.44 -20.64 18.87
N ILE A 149 22.53 -19.68 18.87
CA ILE A 149 22.61 -18.59 19.83
C ILE A 149 21.60 -18.87 20.93
N GLY A 150 21.82 -18.22 22.08
CA GLY A 150 20.88 -18.25 23.17
C GLY A 150 20.50 -16.81 23.45
N ALA A 151 19.48 -16.65 24.28
CA ALA A 151 19.08 -15.33 24.75
C ALA A 151 18.67 -15.39 26.21
N ALA A 152 18.82 -14.27 26.89
CA ALA A 152 18.45 -14.17 28.30
C ALA A 152 18.06 -12.74 28.60
N ARG A 153 17.13 -12.58 29.54
CA ARG A 153 16.81 -11.26 30.07
C ARG A 153 17.25 -11.26 31.52
N VAL A 154 18.08 -10.28 31.88
CA VAL A 154 18.55 -10.08 33.23
C VAL A 154 17.87 -8.86 33.83
N GLY A 155 17.64 -8.95 35.15
CA GLY A 155 17.10 -7.85 35.90
C GLY A 155 17.90 -7.70 37.18
N TYR A 156 17.75 -6.54 37.81
CA TYR A 156 18.49 -6.21 39.03
C TYR A 156 17.48 -6.02 40.16
N ILE A 157 17.36 -7.03 41.03
CA ILE A 157 16.43 -6.99 42.15
C ILE A 157 17.22 -7.26 43.43
N ASN A 158 17.05 -6.37 44.41
CA ASN A 158 17.74 -6.48 45.69
C ASN A 158 19.25 -6.59 45.51
N ASP A 159 19.77 -5.83 44.56
CA ASP A 159 21.20 -5.81 44.23
C ASP A 159 21.69 -7.20 43.81
N GLN A 160 20.82 -7.99 43.19
CA GLN A 160 21.18 -9.30 42.68
C GLN A 160 20.63 -9.47 41.26
N TYR A 161 21.31 -10.30 40.49
CA TYR A 161 20.90 -10.58 39.11
C TYR A 161 19.82 -11.64 39.09
N VAL A 162 18.76 -11.37 38.33
CA VAL A 162 17.62 -12.27 38.19
C VAL A 162 17.51 -12.66 36.73
N LEU A 163 17.46 -13.97 36.46
CA LEU A 163 17.39 -14.48 35.10
C LEU A 163 15.93 -14.60 34.68
N ASN A 164 15.62 -14.07 33.49
CA ASN A 164 14.27 -14.03 32.93
C ASN A 164 13.29 -13.58 34.01
N PRO A 165 13.39 -12.33 34.44
CA PRO A 165 12.43 -11.81 35.42
C PRO A 165 11.02 -11.78 34.86
N THR A 166 10.07 -12.18 35.70
CA THR A 166 8.67 -12.18 35.28
C THR A 166 8.17 -10.75 35.26
N GLN A 167 6.99 -10.56 34.65
CA GLN A 167 6.47 -9.20 34.48
C GLN A 167 6.28 -8.53 35.82
N ASP A 168 5.91 -9.29 36.85
CA ASP A 168 5.77 -8.73 38.19
C ASP A 168 7.12 -8.34 38.77
N GLU A 169 8.10 -9.25 38.70
CA GLU A 169 9.45 -8.96 39.18
C GLU A 169 10.06 -7.76 38.49
N LEU A 170 9.66 -7.50 37.24
CA LEU A 170 10.21 -6.35 36.51
C LEU A 170 9.75 -5.02 37.10
N LYS A 171 8.67 -5.01 37.87
CA LYS A 171 8.21 -3.77 38.50
C LYS A 171 9.20 -3.32 39.57
N GLU A 172 9.80 -4.25 40.30
CA GLU A 172 10.73 -3.93 41.37
C GLU A 172 12.18 -3.92 40.92
N SER A 173 12.45 -4.19 39.65
CA SER A 173 13.81 -4.30 39.14
C SER A 173 14.30 -2.97 38.59
N LYS A 174 15.60 -2.75 38.74
CA LYS A 174 16.24 -1.54 38.25
C LYS A 174 16.94 -1.75 36.92
N LEU A 175 16.88 -2.96 36.36
CA LEU A 175 17.49 -3.24 35.07
C LEU A 175 16.51 -4.05 34.23
N ASP A 176 16.71 -3.98 32.91
CA ASP A 176 15.99 -4.80 31.94
C ASP A 176 16.91 -4.98 30.74
N LEU A 177 17.74 -6.03 30.79
CA LEU A 177 18.77 -6.26 29.79
C LEU A 177 18.56 -7.57 29.04
N VAL A 178 18.64 -7.53 27.71
CA VAL A 178 18.58 -8.72 26.85
C VAL A 178 19.96 -8.97 26.27
N VAL A 179 20.52 -10.15 26.56
CA VAL A 179 21.81 -10.58 26.00
C VAL A 179 21.57 -11.78 25.10
N ALA A 180 22.07 -11.70 23.87
CA ALA A 180 22.05 -12.84 22.97
C ALA A 180 23.49 -13.13 22.58
N GLY A 181 23.87 -14.41 22.68
CA GLY A 181 25.21 -14.77 22.26
C GLY A 181 25.35 -16.21 21.84
N THR A 182 26.55 -16.55 21.37
CA THR A 182 26.87 -17.92 21.01
C THR A 182 27.55 -18.58 22.20
N GLU A 183 28.26 -19.68 21.98
CA GLU A 183 28.86 -20.39 23.09
C GLU A 183 30.14 -19.72 23.54
N ALA A 184 30.80 -18.95 22.66
CA ALA A 184 32.08 -18.35 22.95
C ALA A 184 32.06 -16.82 23.03
N ALA A 185 31.00 -16.17 22.53
CA ALA A 185 31.02 -14.72 22.47
C ALA A 185 29.62 -14.14 22.59
N VAL A 186 29.53 -12.97 23.19
CA VAL A 186 28.29 -12.21 23.24
C VAL A 186 28.16 -11.49 21.90
N LEU A 187 26.94 -11.37 21.39
CA LEU A 187 26.77 -10.76 20.09
C LEU A 187 25.84 -9.56 20.11
N MET A 188 24.87 -9.54 21.02
CA MET A 188 23.91 -8.45 21.05
C MET A 188 23.54 -8.17 22.50
N VAL A 189 23.46 -6.89 22.84
CA VAL A 189 23.00 -6.45 24.16
C VAL A 189 22.04 -5.29 23.95
N GLU A 190 20.88 -5.34 24.60
CA GLU A 190 19.92 -4.24 24.57
C GLU A 190 19.41 -4.06 25.98
N SER A 191 19.53 -2.86 26.53
CA SER A 191 19.20 -2.73 27.94
C SER A 191 18.62 -1.37 28.29
N GLU A 192 17.89 -1.34 29.40
CA GLU A 192 17.38 -0.11 29.99
C GLU A 192 17.58 -0.22 31.49
N ALA A 193 18.36 0.68 32.06
CA ALA A 193 18.65 0.64 33.48
C ALA A 193 18.17 1.91 34.17
N GLU A 194 18.17 1.87 35.50
CA GLU A 194 17.82 3.05 36.29
C GLU A 194 19.09 3.66 36.89
N LEU A 195 19.88 4.26 36.00
CA LEU A 195 21.14 4.95 36.38
C LEU A 195 22.02 4.04 37.24
N LEU A 196 22.49 2.97 36.61
CA LEU A 196 23.36 2.00 37.25
C LEU A 196 24.79 2.16 36.73
N SER A 197 25.73 1.57 37.47
CA SER A 197 27.15 1.69 37.14
C SER A 197 27.49 0.86 35.91
N GLU A 198 28.75 0.95 35.48
CA GLU A 198 29.20 0.20 34.32
C GLU A 198 29.64 -1.21 34.69
N ASP A 199 30.00 -1.40 35.96
CA ASP A 199 30.36 -2.72 36.46
C ASP A 199 29.10 -3.56 36.64
N THR A 200 28.02 -2.91 37.07
CA THR A 200 26.76 -3.61 37.29
C THR A 200 26.11 -3.96 35.97
N MET A 201 26.50 -3.26 34.89
CA MET A 201 25.88 -3.46 33.59
C MET A 201 26.71 -4.42 32.76
N LEU A 202 27.99 -4.61 33.12
CA LEU A 202 28.78 -5.63 32.43
C LEU A 202 28.64 -6.96 33.13
N GLY A 203 28.46 -6.94 34.46
CA GLY A 203 28.21 -8.16 35.19
C GLY A 203 26.95 -8.84 34.71
N ALA A 204 25.95 -8.05 34.31
CA ALA A 204 24.70 -8.61 33.83
C ALA A 204 24.88 -9.25 32.47
N VAL A 205 25.70 -8.66 31.61
CA VAL A 205 25.98 -9.25 30.31
C VAL A 205 26.69 -10.59 30.50
N VAL A 206 27.58 -10.66 31.48
CA VAL A 206 28.34 -11.89 31.72
C VAL A 206 27.43 -12.95 32.35
N PHE A 207 26.53 -12.51 33.22
CA PHE A 207 25.59 -13.44 33.85
C PHE A 207 24.63 -14.00 32.81
N GLY A 208 24.01 -13.14 32.01
CA GLY A 208 23.08 -13.60 31.00
C GLY A 208 23.73 -14.52 29.99
N HIS A 209 25.01 -14.29 29.69
CA HIS A 209 25.70 -15.12 28.72
C HIS A 209 26.02 -16.48 29.33
N GLU A 210 26.33 -16.50 30.63
CA GLU A 210 26.68 -17.76 31.27
C GLU A 210 25.43 -18.58 31.54
N GLN A 211 24.28 -17.93 31.62
CA GLN A 211 23.00 -18.58 31.91
C GLN A 211 22.38 -19.12 30.62
N GLN A 212 22.66 -18.49 29.47
CA GLN A 212 22.11 -18.91 28.19
C GLN A 212 22.76 -20.19 27.66
N GLN A 213 23.73 -20.74 28.39
CA GLN A 213 24.45 -21.86 27.83
C GLN A 213 23.63 -23.12 27.86
N VAL A 214 22.63 -23.19 28.75
CA VAL A 214 21.75 -24.35 28.77
C VAL A 214 20.87 -24.35 27.53
N VAL A 215 20.61 -23.17 26.98
CA VAL A 215 19.78 -23.06 25.80
C VAL A 215 20.59 -23.43 24.58
N ILE A 216 21.87 -23.07 24.60
CA ILE A 216 22.69 -23.38 23.44
C ILE A 216 23.00 -24.88 23.43
N GLN A 217 23.09 -25.50 24.61
CA GLN A 217 23.37 -26.92 24.70
C GLN A 217 22.15 -27.76 24.38
N ALA A 218 20.96 -27.28 24.74
CA ALA A 218 19.76 -28.02 24.38
C ALA A 218 19.45 -27.88 22.89
N ILE A 219 19.68 -26.70 22.32
CA ILE A 219 19.53 -26.57 20.87
C ILE A 219 20.53 -27.47 20.15
N ASN A 220 21.75 -27.58 20.69
CA ASN A 220 22.74 -28.44 20.06
C ASN A 220 22.32 -29.90 20.10
N ASP A 221 21.71 -30.33 21.20
CA ASP A 221 21.23 -31.72 21.26
C ASP A 221 20.07 -31.94 20.30
N LEU A 222 19.13 -30.99 20.25
CA LEU A 222 18.01 -31.12 19.33
C LEU A 222 18.49 -31.18 17.88
N VAL A 223 19.49 -30.37 17.53
CA VAL A 223 20.02 -30.41 16.17
C VAL A 223 20.74 -31.72 15.92
N LYS A 224 21.43 -32.24 16.94
CA LYS A 224 22.13 -33.51 16.76
C LYS A 224 21.15 -34.64 16.46
N GLU A 225 19.98 -34.61 17.11
CA GLU A 225 19.02 -35.70 16.88
C GLU A 225 18.17 -35.49 15.64
N ALA A 226 17.65 -34.29 15.41
CA ALA A 226 16.65 -34.05 14.37
C ALA A 226 17.09 -33.07 13.29
N GLY A 227 18.34 -32.65 13.28
CA GLY A 227 18.77 -31.65 12.33
C GLY A 227 18.89 -32.20 10.92
N LYS A 228 18.48 -31.39 9.95
CA LYS A 228 18.65 -31.76 8.55
C LYS A 228 20.11 -31.60 8.14
N PRO A 229 20.56 -32.35 7.14
CA PRO A 229 21.97 -32.26 6.73
C PRO A 229 22.33 -30.86 6.27
N ARG A 230 23.56 -30.45 6.57
CA ARG A 230 24.02 -29.12 6.22
C ARG A 230 24.05 -28.94 4.71
N TRP A 231 23.78 -27.72 4.28
CA TRP A 231 23.78 -27.41 2.85
C TRP A 231 25.18 -27.58 2.26
N ASP A 232 25.22 -27.74 0.94
CA ASP A 232 26.47 -27.84 0.20
C ASP A 232 26.93 -26.48 -0.33
N TRP A 233 26.61 -25.41 0.38
CA TRP A 233 26.96 -24.06 -0.06
C TRP A 233 28.46 -23.84 0.09
N GLN A 234 29.11 -23.48 -1.01
CA GLN A 234 30.51 -23.08 -1.02
C GLN A 234 30.61 -21.61 -1.40
N PRO A 235 31.40 -20.82 -0.66
CA PRO A 235 31.55 -19.41 -1.04
C PRO A 235 32.25 -19.26 -2.39
N GLU A 236 31.84 -18.24 -3.14
CA GLU A 236 32.43 -18.00 -4.44
C GLU A 236 33.91 -17.65 -4.31
N ALA A 237 34.72 -18.26 -5.17
CA ALA A 237 36.16 -18.06 -5.09
C ALA A 237 36.51 -16.60 -5.39
N VAL A 238 37.46 -16.08 -4.62
CA VAL A 238 37.93 -14.71 -4.82
C VAL A 238 39.02 -14.69 -5.88
N ASN A 239 38.99 -13.64 -6.70
CA ASN A 239 39.97 -13.46 -7.78
C ASN A 239 41.29 -12.96 -7.18
N ASP A 240 42.09 -13.91 -6.68
CA ASP A 240 43.35 -13.55 -6.04
C ASP A 240 44.26 -12.76 -6.97
N ALA A 241 44.32 -13.16 -8.25
CA ALA A 241 45.16 -12.44 -9.20
C ALA A 241 44.64 -11.02 -9.40
N LEU A 242 43.35 -10.87 -9.67
CA LEU A 242 42.78 -9.54 -9.86
C LEU A 242 42.90 -8.71 -8.60
N ASN A 243 42.65 -9.31 -7.44
CA ASN A 243 42.85 -8.65 -6.17
C ASN A 243 44.26 -8.08 -6.07
N ALA A 244 45.27 -8.94 -6.20
CA ALA A 244 46.65 -8.49 -6.09
C ALA A 244 47.00 -7.44 -7.13
N ARG A 245 46.39 -7.50 -8.31
CA ARG A 245 46.70 -6.51 -9.34
C ARG A 245 46.14 -5.15 -8.95
N VAL A 246 44.88 -5.10 -8.55
CA VAL A 246 44.30 -3.84 -8.09
C VAL A 246 45.06 -3.31 -6.89
N ALA A 247 45.50 -4.22 -6.01
CA ALA A 247 46.25 -3.81 -4.82
C ALA A 247 47.57 -3.17 -5.20
N ALA A 248 48.31 -3.80 -6.11
CA ALA A 248 49.58 -3.23 -6.53
C ALA A 248 49.37 -1.89 -7.21
N LEU A 249 48.30 -1.77 -8.00
CA LEU A 249 48.04 -0.52 -8.72
C LEU A 249 47.67 0.62 -7.79
N ALA A 250 46.84 0.37 -6.77
CA ALA A 250 46.23 1.47 -6.03
C ALA A 250 46.50 1.54 -4.53
N GLU A 251 47.01 0.47 -3.90
CA GLU A 251 47.11 0.46 -2.44
C GLU A 251 48.05 1.55 -1.93
N SER A 252 49.24 1.65 -2.53
CA SER A 252 50.18 2.67 -2.09
C SER A 252 49.64 4.08 -2.34
N ARG A 253 49.03 4.28 -3.51
CA ARG A 253 48.51 5.60 -3.84
C ARG A 253 47.41 6.02 -2.87
N LEU A 254 46.50 5.11 -2.55
CA LEU A 254 45.43 5.44 -1.60
C LEU A 254 46.00 5.64 -0.19
N SER A 255 46.96 4.80 0.21
CA SER A 255 47.56 4.94 1.53
C SER A 255 48.24 6.29 1.68
N ASP A 256 48.81 6.82 0.60
CA ASP A 256 49.45 8.13 0.69
C ASP A 256 48.43 9.25 0.56
N ALA A 257 47.41 9.07 -0.28
CA ALA A 257 46.32 10.03 -0.37
C ALA A 257 45.65 10.25 0.97
N TYR A 258 45.57 9.23 1.81
CA TYR A 258 44.87 9.39 3.08
C TYR A 258 45.65 10.18 4.11
N ARG A 259 46.95 10.36 3.92
CA ARG A 259 47.71 11.22 4.82
C ARG A 259 47.38 12.69 4.64
N ILE A 260 46.66 13.05 3.58
CA ILE A 260 46.21 14.43 3.40
C ILE A 260 45.24 14.81 4.50
N THR A 261 45.36 16.04 4.99
CA THR A 261 44.59 16.53 6.12
C THR A 261 43.44 17.43 5.70
N ASP A 262 43.10 17.45 4.41
CA ASP A 262 41.95 18.19 3.91
C ASP A 262 40.94 17.20 3.33
N LYS A 263 39.69 17.31 3.77
CA LYS A 263 38.67 16.35 3.37
C LYS A 263 38.42 16.38 1.87
N GLN A 264 38.17 17.57 1.31
CA GLN A 264 37.81 17.67 -0.10
C GLN A 264 38.98 17.31 -1.00
N GLU A 265 40.19 17.78 -0.68
CA GLU A 265 41.35 17.43 -1.49
C GLU A 265 41.61 15.93 -1.48
N ARG A 266 41.50 15.32 -0.30
CA ARG A 266 41.68 13.87 -0.20
C ARG A 266 40.62 13.13 -1.00
N TYR A 267 39.37 13.57 -0.91
CA TYR A 267 38.29 12.92 -1.65
C TYR A 267 38.52 13.03 -3.15
N ALA A 268 38.95 14.21 -3.61
CA ALA A 268 39.20 14.39 -5.04
C ALA A 268 40.35 13.50 -5.52
N GLN A 269 41.46 13.47 -4.77
CA GLN A 269 42.57 12.63 -5.19
C GLN A 269 42.21 11.15 -5.15
N VAL A 270 41.42 10.74 -4.15
CA VAL A 270 40.98 9.35 -4.08
C VAL A 270 40.14 9.00 -5.30
N ASP A 271 39.20 9.88 -5.65
CA ASP A 271 38.40 9.67 -6.86
C ASP A 271 39.28 9.55 -8.10
N VAL A 272 40.30 10.41 -8.20
CA VAL A 272 41.23 10.34 -9.33
C VAL A 272 41.94 8.99 -9.36
N ILE A 273 42.47 8.56 -8.22
CA ILE A 273 43.22 7.30 -8.16
C ILE A 273 42.32 6.15 -8.56
N LYS A 274 41.06 6.19 -8.13
CA LYS A 274 40.11 5.14 -8.48
C LYS A 274 39.87 5.12 -9.98
N SER A 275 39.41 6.26 -10.53
CA SER A 275 39.14 6.34 -11.96
C SER A 275 40.33 5.88 -12.79
N GLU A 276 41.55 6.29 -12.41
CA GLU A 276 42.72 5.95 -13.20
C GLU A 276 43.01 4.46 -13.13
N THR A 277 42.93 3.85 -11.93
CA THR A 277 43.15 2.41 -11.83
C THR A 277 42.11 1.65 -12.65
N ILE A 278 40.85 2.10 -12.61
CA ILE A 278 39.79 1.44 -13.35
C ILE A 278 40.06 1.52 -14.84
N GLU A 279 40.14 2.74 -15.38
CA GLU A 279 40.45 2.94 -16.79
C GLU A 279 41.65 2.12 -17.25
N GLN A 280 42.74 2.13 -16.48
CA GLN A 280 43.93 1.40 -16.89
C GLN A 280 43.67 -0.10 -16.95
N LEU A 281 42.99 -0.65 -15.93
CA LEU A 281 42.71 -2.07 -15.92
C LEU A 281 41.79 -2.47 -17.05
N ILE A 282 40.80 -1.62 -17.35
CA ILE A 282 39.90 -1.89 -18.47
C ILE A 282 40.66 -1.87 -19.78
N ALA A 283 41.61 -0.94 -19.91
CA ALA A 283 42.45 -0.93 -21.10
C ALA A 283 43.27 -2.21 -21.21
N GLU A 284 43.80 -2.69 -20.09
CA GLU A 284 44.55 -3.95 -20.11
C GLU A 284 43.64 -5.13 -20.46
N ASP A 285 42.51 -5.26 -19.75
CA ASP A 285 41.54 -6.32 -19.98
C ASP A 285 40.18 -5.70 -20.23
N GLU A 286 39.64 -5.89 -21.44
CA GLU A 286 38.36 -5.32 -21.80
C GLU A 286 37.18 -6.03 -21.15
N THR A 287 37.39 -7.24 -20.62
CA THR A 287 36.30 -7.99 -20.01
C THR A 287 35.95 -7.52 -18.61
N LEU A 288 36.87 -6.84 -17.93
CA LEU A 288 36.63 -6.44 -16.55
C LEU A 288 35.45 -5.47 -16.45
N ASP A 289 34.59 -5.70 -15.46
CA ASP A 289 33.42 -4.87 -15.25
C ASP A 289 33.72 -3.80 -14.21
N ALA A 290 32.98 -2.68 -14.31
CA ALA A 290 33.28 -1.52 -13.47
C ALA A 290 32.91 -1.74 -12.01
N ASN A 291 31.78 -2.40 -11.74
CA ASN A 291 31.33 -2.49 -10.35
C ASN A 291 32.23 -3.41 -9.53
N GLU A 292 32.74 -4.49 -10.14
CA GLU A 292 33.63 -5.39 -9.41
C GLU A 292 34.92 -4.68 -9.00
N LEU A 293 35.57 -4.02 -9.96
CA LEU A 293 36.79 -3.29 -9.64
C LEU A 293 36.52 -2.16 -8.65
N GLY A 294 35.37 -1.50 -8.78
CA GLY A 294 35.02 -0.46 -7.83
C GLY A 294 34.86 -1.00 -6.42
N GLU A 295 34.24 -2.17 -6.28
CA GLU A 295 34.09 -2.79 -4.98
C GLU A 295 35.45 -3.23 -4.41
N ILE A 296 36.34 -3.73 -5.27
CA ILE A 296 37.68 -4.08 -4.80
C ILE A 296 38.42 -2.84 -4.32
N LEU A 297 38.25 -1.73 -5.03
CA LEU A 297 38.87 -0.48 -4.60
C LEU A 297 38.31 -0.02 -3.27
N HIS A 298 36.98 -0.11 -3.11
CA HIS A 298 36.35 0.30 -1.86
C HIS A 298 36.85 -0.57 -0.70
N ALA A 299 37.02 -1.87 -0.94
CA ALA A 299 37.54 -2.76 0.09
C ALA A 299 38.98 -2.40 0.45
N ILE A 300 39.80 -2.08 -0.55
CA ILE A 300 41.17 -1.65 -0.29
C ILE A 300 41.18 -0.38 0.53
N GLU A 301 40.28 0.55 0.21
CA GLU A 301 40.17 1.80 0.95
C GLU A 301 39.79 1.53 2.41
N LYS A 302 38.84 0.62 2.63
CA LYS A 302 38.46 0.27 4.00
C LYS A 302 39.62 -0.35 4.75
N ASN A 303 40.37 -1.24 4.10
CA ASN A 303 41.52 -1.85 4.75
C ASN A 303 42.59 -0.80 5.07
N VAL A 304 42.75 0.20 4.21
CA VAL A 304 43.70 1.27 4.46
C VAL A 304 43.29 2.05 5.70
N VAL A 305 42.02 2.45 5.77
CA VAL A 305 41.53 3.19 6.93
C VAL A 305 41.69 2.36 8.20
N ARG A 306 41.39 1.07 8.13
CA ARG A 306 41.51 0.21 9.30
C ARG A 306 42.96 0.11 9.76
N SER A 307 43.89 -0.05 8.82
CA SER A 307 45.30 -0.15 9.18
C SER A 307 45.79 1.16 9.79
N ARG A 308 45.35 2.29 9.26
CA ARG A 308 45.74 3.57 9.82
C ARG A 308 45.21 3.74 11.24
N VAL A 309 43.94 3.36 11.46
CA VAL A 309 43.35 3.49 12.79
C VAL A 309 44.08 2.59 13.79
N LEU A 310 44.37 1.35 13.39
CA LEU A 310 44.99 0.40 14.30
C LEU A 310 46.46 0.72 14.57
N ALA A 311 47.10 1.51 13.71
CA ALA A 311 48.48 1.92 13.92
C ALA A 311 48.62 3.18 14.75
N GLY A 312 47.52 3.79 15.17
CA GLY A 312 47.57 5.01 15.93
C GLY A 312 47.49 6.29 15.12
N GLU A 313 47.31 6.18 13.80
CA GLU A 313 47.21 7.35 12.96
C GLU A 313 45.89 8.09 13.21
N PRO A 314 45.84 9.38 12.90
CA PRO A 314 44.57 10.12 13.07
C PRO A 314 43.47 9.56 12.17
N ARG A 315 42.24 9.75 12.61
CA ARG A 315 41.09 9.21 11.89
C ARG A 315 40.87 9.97 10.59
N ILE A 316 39.80 9.60 9.88
CA ILE A 316 39.54 10.17 8.56
C ILE A 316 39.22 11.66 8.61
N ASP A 317 38.90 12.17 9.80
CA ASP A 317 38.60 13.59 9.97
C ASP A 317 39.64 14.30 10.81
N GLY A 318 40.77 13.64 11.10
CA GLY A 318 41.84 14.24 11.87
C GLY A 318 41.76 14.03 13.36
N ARG A 319 40.68 13.47 13.88
CA ARG A 319 40.54 13.24 15.30
C ARG A 319 41.33 12.00 15.73
N GLU A 320 41.68 11.97 17.01
CA GLU A 320 42.27 10.78 17.61
C GLU A 320 41.14 9.91 18.14
N LYS A 321 41.48 8.89 18.93
CA LYS A 321 40.45 7.95 19.37
C LYS A 321 39.51 8.58 20.39
N ASP A 322 40.04 9.39 21.30
CA ASP A 322 39.25 9.89 22.42
C ASP A 322 38.63 11.27 22.20
N MET A 323 38.76 11.86 21.02
CA MET A 323 38.19 13.18 20.80
C MET A 323 36.75 13.09 20.31
N ILE A 324 35.93 13.98 20.84
CA ILE A 324 34.52 14.09 20.49
C ILE A 324 34.37 15.30 19.57
N ARG A 325 33.43 15.22 18.65
CA ARG A 325 33.22 16.29 17.68
C ARG A 325 32.68 17.53 18.37
N GLY A 326 32.79 18.67 17.68
CA GLY A 326 32.38 19.93 18.27
C GLY A 326 30.89 19.93 18.60
N LEU A 327 30.55 20.53 19.72
CA LEU A 327 29.19 20.51 20.26
C LEU A 327 28.60 21.91 20.27
N ASP A 328 27.34 22.00 19.87
CA ASP A 328 26.58 23.25 19.92
C ASP A 328 25.21 22.95 20.49
N VAL A 329 24.87 23.64 21.57
CA VAL A 329 23.61 23.44 22.28
C VAL A 329 22.81 24.73 22.22
N ARG A 330 21.55 24.63 21.81
CA ARG A 330 20.69 25.80 21.72
C ARG A 330 19.33 25.43 22.28
N THR A 331 18.77 26.29 23.13
CA THR A 331 17.50 26.02 23.78
C THR A 331 16.52 27.14 23.42
N GLY A 332 15.23 26.82 23.45
CA GLY A 332 14.21 27.79 23.12
C GLY A 332 14.20 28.22 21.66
N VAL A 333 14.34 27.26 20.74
CA VAL A 333 14.45 27.59 19.32
C VAL A 333 13.06 27.85 18.74
N LEU A 334 12.09 26.99 19.04
CA LEU A 334 10.80 27.17 18.38
C LEU A 334 9.90 28.07 19.22
N PRO A 335 9.15 28.96 18.57
CA PRO A 335 8.40 29.98 19.32
C PRO A 335 7.23 29.45 20.13
N ARG A 336 6.45 28.51 19.60
CA ARG A 336 5.20 28.12 20.25
C ARG A 336 5.19 26.70 20.76
N THR A 337 6.33 26.02 20.81
CA THR A 337 6.36 24.71 21.42
C THR A 337 6.56 24.86 22.93
N HIS A 338 6.14 23.82 23.67
CA HIS A 338 6.28 23.86 25.12
C HIS A 338 7.76 23.83 25.51
N GLY A 339 8.53 22.98 24.85
CA GLY A 339 9.97 22.95 25.05
C GLY A 339 10.68 22.56 23.78
N SER A 340 11.81 23.19 23.46
CA SER A 340 12.51 22.86 22.24
C SER A 340 14.01 22.99 22.46
N ALA A 341 14.78 22.23 21.68
CA ALA A 341 16.22 22.33 21.74
C ALA A 341 16.83 21.82 20.45
N LEU A 342 17.92 22.46 20.04
CA LEU A 342 18.72 22.05 18.90
C LEU A 342 20.08 21.59 19.41
N PHE A 343 20.39 20.32 19.18
CA PHE A 343 21.66 19.74 19.60
C PHE A 343 22.49 19.38 18.37
N THR A 344 23.74 19.85 18.34
CA THR A 344 24.66 19.56 17.24
C THR A 344 25.93 18.94 17.78
N ARG A 345 26.34 17.82 17.17
CA ARG A 345 27.61 17.16 17.44
C ARG A 345 28.30 16.99 16.09
N GLY A 346 29.23 17.89 15.78
CA GLY A 346 29.89 17.84 14.49
C GLY A 346 28.88 18.02 13.37
N GLU A 347 28.72 17.00 12.55
CA GLU A 347 27.79 17.03 11.43
C GLU A 347 26.49 16.26 11.71
N THR A 348 26.25 15.87 12.96
CA THR A 348 24.99 15.26 13.35
C THR A 348 24.18 16.31 14.12
N GLN A 349 22.94 16.51 13.73
CA GLN A 349 22.15 17.53 14.40
C GLN A 349 20.70 17.07 14.53
N ALA A 350 20.10 17.41 15.67
CA ALA A 350 18.75 17.00 16.01
C ALA A 350 17.98 18.14 16.65
N LEU A 351 16.80 18.44 16.10
CA LEU A 351 15.85 19.38 16.66
C LEU A 351 14.78 18.59 17.41
N VAL A 352 14.77 18.71 18.73
CA VAL A 352 13.89 17.94 19.60
C VAL A 352 12.89 18.87 20.28
N THR A 353 11.64 18.44 20.38
CA THR A 353 10.59 19.20 21.05
C THR A 353 9.89 18.34 22.09
N ALA A 354 9.43 18.99 23.16
CA ALA A 354 8.66 18.37 24.22
C ALA A 354 7.32 19.09 24.33
N THR A 355 6.24 18.31 24.41
CA THR A 355 4.88 18.80 24.56
C THR A 355 4.23 18.15 25.77
N LEU A 356 3.57 18.95 26.61
CA LEU A 356 2.88 18.47 27.80
C LEU A 356 1.38 18.42 27.55
N GLY A 357 0.74 17.32 27.95
CA GLY A 357 -0.69 17.17 27.85
C GLY A 357 -1.28 16.67 29.15
N THR A 358 -2.59 16.45 29.12
CA THR A 358 -3.28 15.97 30.31
C THR A 358 -3.19 14.45 30.38
N ALA A 359 -3.63 13.89 31.51
CA ALA A 359 -3.50 12.45 31.72
C ALA A 359 -4.26 11.66 30.66
N ARG A 360 -5.38 12.20 30.22
CA ARG A 360 -6.27 11.53 29.23
C ARG A 360 -5.59 11.35 27.87
N ASP A 361 -4.62 12.20 27.57
CA ASP A 361 -3.98 12.17 26.26
C ASP A 361 -2.95 11.05 26.17
N ALA A 362 -2.66 10.37 27.29
CA ALA A 362 -1.71 9.28 27.33
C ALA A 362 -2.14 8.13 26.41
N GLN A 363 -1.17 7.49 25.77
CA GLN A 363 -1.47 6.42 24.84
C GLN A 363 -1.86 5.15 25.57
N VAL A 364 -2.92 4.50 25.09
CA VAL A 364 -3.36 3.22 25.61
C VAL A 364 -2.97 2.14 24.61
N LEU A 365 -2.10 1.22 25.03
CA LEU A 365 -1.61 0.14 24.19
C LEU A 365 -2.28 -1.15 24.65
N ASP A 366 -3.05 -1.75 23.75
CA ASP A 366 -3.67 -3.05 24.03
C ASP A 366 -2.67 -4.11 23.56
N GLU A 367 -1.97 -4.69 24.52
CA GLU A 367 -0.90 -5.65 24.25
C GLU A 367 -1.30 -7.03 24.73
N LEU A 368 -0.56 -8.03 24.24
CA LEU A 368 -0.88 -9.42 24.58
C LEU A 368 -0.72 -9.66 26.07
N MET A 369 0.35 -9.10 26.67
CA MET A 369 0.57 -9.28 28.09
C MET A 369 -0.52 -8.60 28.91
N GLY A 370 -1.01 -7.46 28.44
CA GLY A 370 -2.04 -6.72 29.14
C GLY A 370 -2.07 -5.28 28.68
N GLU A 371 -3.17 -4.62 29.01
CA GLU A 371 -3.33 -3.22 28.64
C GLU A 371 -2.31 -2.37 29.40
N ARG A 372 -1.73 -1.40 28.70
CA ARG A 372 -0.71 -0.55 29.31
C ARG A 372 -0.96 0.90 28.94
N THR A 373 -0.92 1.78 29.93
CA THR A 373 -1.06 3.21 29.70
C THR A 373 0.33 3.83 29.72
N ASP A 374 0.70 4.47 28.62
CA ASP A 374 2.01 5.11 28.47
C ASP A 374 1.78 6.62 28.50
N SER A 375 2.31 7.26 29.54
CA SER A 375 2.25 8.70 29.69
C SER A 375 3.48 9.40 29.12
N PHE A 376 4.47 8.65 28.66
CA PHE A 376 5.66 9.20 28.02
C PHE A 376 5.73 8.62 26.61
N LEU A 377 5.69 9.50 25.61
CA LEU A 377 5.78 9.10 24.21
C LEU A 377 7.04 9.70 23.61
N PHE A 378 7.80 8.89 22.88
CA PHE A 378 8.99 9.36 22.20
C PHE A 378 8.87 8.98 20.73
N HIS A 379 8.88 9.98 19.85
CA HIS A 379 8.74 9.77 18.42
C HIS A 379 10.00 10.29 17.73
N TYR A 380 10.50 9.50 16.79
CA TYR A 380 11.76 9.78 16.11
C TYR A 380 11.49 9.84 14.61
N ASN A 381 11.93 10.94 13.99
CA ASN A 381 11.73 11.14 12.53
C ASN A 381 13.08 11.35 11.86
N PHE A 382 13.46 10.50 10.92
CA PHE A 382 14.72 10.62 10.17
C PHE A 382 14.41 10.93 8.74
N PRO A 383 14.34 12.20 8.33
CA PRO A 383 13.96 12.60 6.96
C PRO A 383 15.07 12.26 5.96
N PRO A 384 14.79 12.15 4.64
CA PRO A 384 15.86 11.88 3.67
C PRO A 384 16.91 12.97 3.58
N TYR A 385 16.58 14.22 3.90
CA TYR A 385 17.54 15.30 3.74
C TYR A 385 18.57 15.34 4.86
N SER A 386 18.43 14.49 5.88
CA SER A 386 19.42 14.45 6.94
C SER A 386 20.76 13.95 6.42
N VAL A 387 20.74 13.12 5.37
CA VAL A 387 21.95 12.58 4.76
C VAL A 387 22.16 13.16 3.36
N GLY A 388 21.38 14.17 2.99
CA GLY A 388 21.53 14.81 1.70
C GLY A 388 21.01 14.04 0.50
N GLU A 389 19.98 13.23 0.69
CA GLU A 389 19.43 12.43 -0.40
C GLU A 389 17.94 12.68 -0.50
N THR A 390 17.36 12.21 -1.60
CA THR A 390 15.91 12.24 -1.82
C THR A 390 15.33 10.84 -1.60
N GLY A 391 14.07 10.80 -1.21
CA GLY A 391 13.44 9.53 -0.90
C GLY A 391 12.04 9.74 -0.38
N MET A 392 11.43 8.63 0.02
CA MET A 392 10.08 8.69 0.55
C MET A 392 10.06 9.39 1.91
N VAL A 393 9.02 10.18 2.12
CA VAL A 393 8.88 10.99 3.33
C VAL A 393 7.63 10.52 4.07
N GLY A 394 7.74 10.37 5.39
CA GLY A 394 6.62 10.02 6.23
C GLY A 394 6.56 8.57 6.64
N SER A 395 7.42 7.72 6.06
CA SER A 395 7.38 6.30 6.35
C SER A 395 8.60 5.98 7.20
N PRO A 396 8.46 5.52 8.47
CA PRO A 396 9.63 5.10 9.30
C PRO A 396 10.08 3.70 8.93
N LYS A 397 11.38 3.50 8.73
CA LYS A 397 11.91 2.15 8.47
C LYS A 397 12.00 1.36 9.80
N ARG A 398 12.67 0.21 9.80
CA ARG A 398 12.77 -0.61 11.03
C ARG A 398 13.81 0.01 11.97
N ARG A 399 14.80 0.70 11.41
CA ARG A 399 15.83 1.38 12.23
C ARG A 399 15.23 2.61 12.90
N GLU A 400 14.47 3.39 12.16
CA GLU A 400 13.91 4.65 12.72
C GLU A 400 12.92 4.34 13.84
N ILE A 401 12.61 3.06 14.05
CA ILE A 401 11.70 2.64 15.15
C ILE A 401 12.59 2.13 16.29
N GLY A 402 13.72 1.49 15.95
CA GLY A 402 14.65 0.99 16.96
C GLY A 402 15.55 2.08 17.48
N HIS A 403 15.78 3.10 16.66
CA HIS A 403 16.60 4.26 17.07
C HIS A 403 15.77 5.13 17.98
N GLY A 404 14.47 5.12 17.77
CA GLY A 404 13.59 5.87 18.66
C GLY A 404 13.33 5.12 19.93
N ARG A 405 13.25 3.80 19.88
CA ARG A 405 13.09 3.07 21.13
C ARG A 405 14.36 3.12 21.97
N LEU A 406 15.54 3.15 21.33
CA LEU A 406 16.78 3.32 22.08
C LEU A 406 16.84 4.68 22.75
N ALA A 407 16.41 5.73 22.06
CA ALA A 407 16.43 7.07 22.66
C ALA A 407 15.41 7.17 23.80
N LYS A 408 14.23 6.54 23.62
CA LYS A 408 13.27 6.50 24.71
C LYS A 408 13.85 5.76 25.92
N ARG A 409 14.56 4.66 25.68
CA ARG A 409 15.17 3.93 26.78
C ARG A 409 16.21 4.78 27.50
N GLY A 410 16.97 5.57 26.75
CA GLY A 410 17.99 6.40 27.36
C GLY A 410 17.43 7.56 28.14
N VAL A 411 16.26 8.06 27.76
CA VAL A 411 15.63 9.16 28.50
C VAL A 411 14.73 8.68 29.64
N LEU A 412 14.24 7.44 29.59
CA LEU A 412 13.22 6.98 30.52
C LEU A 412 13.68 6.97 31.98
N ALA A 413 14.98 6.88 32.25
CA ALA A 413 15.42 6.71 33.62
C ALA A 413 15.24 7.96 34.46
N VAL A 414 15.29 9.14 33.84
CA VAL A 414 15.21 10.40 34.57
C VAL A 414 13.83 11.02 34.54
N MET A 415 12.87 10.39 33.89
CA MET A 415 11.54 10.98 33.79
C MET A 415 10.88 11.03 35.17
N PRO A 416 10.19 12.12 35.50
CA PRO A 416 9.59 12.24 36.83
C PRO A 416 8.46 11.25 37.06
N ASP A 417 8.27 10.90 38.33
CA ASP A 417 7.22 9.97 38.72
C ASP A 417 5.84 10.62 38.58
N MET A 418 4.82 9.77 38.46
CA MET A 418 3.47 10.26 38.21
C MET A 418 2.97 11.16 39.34
N ASP A 419 3.26 10.78 40.59
CA ASP A 419 2.80 11.60 41.71
C ASP A 419 3.44 12.98 41.69
N LYS A 420 4.74 13.05 41.38
CA LYS A 420 5.41 14.34 41.30
C LYS A 420 4.94 15.13 40.08
N PHE A 421 4.91 14.49 38.92
CA PHE A 421 4.46 15.12 37.68
C PHE A 421 3.32 14.32 37.07
N PRO A 422 2.06 14.73 37.26
CA PRO A 422 0.91 13.98 36.74
C PRO A 422 0.46 14.43 35.35
N TYR A 423 1.38 14.55 34.41
CA TYR A 423 1.09 14.98 33.05
C TYR A 423 1.61 13.95 32.05
N THR A 424 1.10 14.06 30.84
CA THR A 424 1.56 13.26 29.71
C THR A 424 2.58 14.07 28.93
N VAL A 425 3.72 13.47 28.63
CA VAL A 425 4.81 14.15 27.94
C VAL A 425 5.06 13.43 26.62
N ARG A 426 5.13 14.21 25.54
CA ARG A 426 5.50 13.70 24.21
C ARG A 426 6.75 14.42 23.76
N VAL A 427 7.79 13.66 23.44
CA VAL A 427 9.05 14.18 22.93
C VAL A 427 9.16 13.74 21.48
N VAL A 428 9.26 14.70 20.57
CA VAL A 428 9.41 14.43 19.15
C VAL A 428 10.78 14.94 18.71
N SER A 429 11.57 14.04 18.12
CA SER A 429 12.91 14.35 17.65
C SER A 429 12.94 14.25 16.14
N GLU A 430 13.42 15.31 15.48
CA GLU A 430 13.61 15.33 14.03
C GLU A 430 15.10 15.42 13.75
N ILE A 431 15.63 14.43 13.03
CA ILE A 431 17.04 14.41 12.73
C ILE A 431 17.28 15.31 11.52
N THR A 432 17.97 16.43 11.72
CA THR A 432 18.20 17.37 10.64
C THR A 432 19.52 17.12 9.95
N GLU A 433 20.49 16.52 10.64
CA GLU A 433 21.75 16.13 10.04
C GLU A 433 22.16 14.79 10.61
N SER A 434 22.73 13.92 9.78
CA SER A 434 23.18 12.60 10.24
C SER A 434 24.55 12.32 9.65
N ASN A 435 25.55 12.24 10.52
CA ASN A 435 26.91 11.84 10.19
C ASN A 435 27.48 11.11 11.40
N GLY A 436 26.79 10.09 11.85
CA GLY A 436 27.09 9.46 13.12
C GLY A 436 25.81 8.88 13.71
N SER A 437 25.70 8.96 15.03
CA SER A 437 24.57 8.38 15.74
C SER A 437 23.54 9.46 16.03
N SER A 438 22.42 9.41 15.31
CA SER A 438 21.34 10.34 15.53
C SER A 438 20.58 10.02 16.81
N SER A 439 20.57 8.75 17.23
CA SER A 439 19.84 8.37 18.43
C SER A 439 20.41 9.02 19.68
N MET A 440 21.74 9.15 19.76
CA MET A 440 22.32 9.75 20.96
C MET A 440 22.14 11.26 20.96
N ALA A 441 22.12 11.87 19.77
CA ALA A 441 21.78 13.28 19.69
C ALA A 441 20.32 13.50 20.06
N SER A 442 19.46 12.53 19.72
CA SER A 442 18.08 12.59 20.15
C SER A 442 17.97 12.49 21.66
N VAL A 443 18.81 11.67 22.29
CA VAL A 443 18.80 11.57 23.75
C VAL A 443 19.17 12.91 24.38
N CYS A 444 20.26 13.52 23.90
CA CYS A 444 20.68 14.80 24.49
C CYS A 444 19.66 15.90 24.22
N GLY A 445 19.08 15.90 23.02
CA GLY A 445 18.08 16.91 22.70
C GLY A 445 16.79 16.71 23.48
N ALA A 446 16.39 15.46 23.70
CA ALA A 446 15.25 15.17 24.56
C ALA A 446 15.50 15.69 25.97
N SER A 447 16.74 15.57 26.46
CA SER A 447 17.00 16.05 27.81
C SER A 447 16.91 17.56 27.87
N LEU A 448 17.51 18.23 26.88
CA LEU A 448 17.51 19.69 26.89
C LEU A 448 16.09 20.23 26.70
N ALA A 449 15.32 19.61 25.81
CA ALA A 449 13.94 20.03 25.58
C ALA A 449 13.06 19.78 26.79
N LEU A 450 13.29 18.66 27.50
CA LEU A 450 12.50 18.39 28.70
C LEU A 450 12.78 19.42 29.77
N MET A 451 14.04 19.82 29.95
CA MET A 451 14.30 20.90 30.90
C MET A 451 13.73 22.23 30.41
N ASP A 452 13.77 22.47 29.10
CA ASP A 452 13.21 23.71 28.56
C ASP A 452 11.70 23.78 28.76
N ALA A 453 11.02 22.64 28.77
CA ALA A 453 9.57 22.63 28.96
C ALA A 453 9.17 22.67 30.43
N GLY A 454 10.12 22.55 31.35
CA GLY A 454 9.82 22.58 32.76
C GLY A 454 9.55 21.24 33.38
N VAL A 455 9.74 20.15 32.65
CA VAL A 455 9.56 18.80 33.20
C VAL A 455 10.63 18.56 34.26
N PRO A 456 10.26 18.29 35.50
CA PRO A 456 11.25 18.11 36.57
C PRO A 456 11.98 16.77 36.50
N ILE A 457 12.91 16.66 35.55
CA ILE A 457 13.62 15.40 35.36
C ILE A 457 14.70 15.28 36.43
N LYS A 458 15.01 14.03 36.79
CA LYS A 458 15.93 13.78 37.89
C LYS A 458 17.33 14.34 37.60
N ALA A 459 17.87 14.02 36.42
CA ALA A 459 19.16 14.53 36.01
C ALA A 459 19.19 14.64 34.49
N ALA A 460 20.20 15.36 34.00
CA ALA A 460 20.41 15.45 32.56
C ALA A 460 21.10 14.19 32.06
N VAL A 461 20.63 13.69 30.92
CA VAL A 461 21.19 12.50 30.29
C VAL A 461 21.78 12.87 28.95
N ALA A 462 22.84 12.16 28.58
CA ALA A 462 23.47 12.30 27.27
C ALA A 462 23.90 10.93 26.79
N GLY A 463 24.11 10.81 25.50
CA GLY A 463 24.50 9.55 24.90
C GLY A 463 25.70 9.71 23.98
N ILE A 464 26.46 8.63 23.88
CA ILE A 464 27.62 8.56 22.98
C ILE A 464 27.61 7.21 22.28
N ALA A 465 27.81 7.23 20.97
CA ALA A 465 28.00 6.00 20.20
C ALA A 465 29.47 5.83 19.88
N MET A 466 29.99 4.65 20.18
CA MET A 466 31.41 4.36 20.05
C MET A 466 31.61 3.03 19.35
N GLY A 467 32.84 2.80 18.96
CA GLY A 467 33.19 1.60 18.21
C GLY A 467 34.52 1.07 18.69
N LEU A 468 34.70 -0.23 18.51
CA LEU A 468 35.95 -0.88 18.86
C LEU A 468 36.46 -1.64 17.66
N VAL A 469 37.74 -1.45 17.35
CA VAL A 469 38.43 -2.07 16.23
C VAL A 469 39.45 -3.04 16.81
N LYS A 470 39.42 -4.28 16.35
CA LYS A 470 40.30 -5.30 16.90
C LYS A 470 40.99 -6.07 15.79
N GLU A 471 42.28 -6.32 15.97
CA GLU A 471 43.11 -7.14 15.07
C GLU A 471 43.99 -8.00 15.98
N GLY A 472 43.51 -9.20 16.29
CA GLY A 472 44.33 -10.11 17.06
C GLY A 472 44.35 -9.71 18.52
N ASP A 473 45.49 -9.19 18.94
CA ASP A 473 45.65 -8.65 20.28
C ASP A 473 45.47 -7.14 20.31
N ASN A 474 45.69 -6.45 19.20
CA ASN A 474 45.65 -4.99 19.20
C ASN A 474 44.21 -4.50 19.03
N TYR A 475 43.78 -3.60 19.92
CA TYR A 475 42.46 -3.03 19.79
C TYR A 475 42.51 -1.53 20.07
N VAL A 476 41.63 -0.80 19.41
CA VAL A 476 41.51 0.64 19.55
C VAL A 476 40.03 0.97 19.77
N VAL A 477 39.74 1.75 20.80
CA VAL A 477 38.39 2.19 21.10
C VAL A 477 38.22 3.61 20.58
N LEU A 478 37.25 3.80 19.68
CA LEU A 478 37.00 5.07 19.01
C LEU A 478 35.75 5.70 19.60
N SER A 479 35.88 6.93 20.08
CA SER A 479 34.77 7.70 20.62
C SER A 479 34.10 8.49 19.51
N ASP A 480 32.78 8.67 19.63
CA ASP A 480 31.98 9.44 18.69
C ASP A 480 32.27 9.01 17.24
N ILE A 481 31.88 7.77 16.97
CA ILE A 481 32.13 7.18 15.66
C ILE A 481 31.26 7.85 14.62
N LEU A 482 31.81 8.01 13.41
CA LEU A 482 31.11 8.69 12.32
C LEU A 482 30.25 7.71 11.54
N GLY A 483 29.42 8.27 10.66
CA GLY A 483 28.61 7.47 9.76
C GLY A 483 29.41 6.82 8.65
N ASP A 484 30.65 7.26 8.44
CA ASP A 484 31.54 6.70 7.43
C ASP A 484 32.63 5.84 8.05
N GLU A 485 32.52 5.57 9.35
CA GLU A 485 33.41 4.66 10.07
C GLU A 485 32.67 3.40 10.51
N ASP A 486 31.52 3.13 9.90
CA ASP A 486 30.72 1.96 10.29
C ASP A 486 31.45 0.66 10.01
N HIS A 487 32.18 0.59 8.90
CA HIS A 487 32.94 -0.61 8.58
C HIS A 487 33.98 -0.91 9.64
N LEU A 488 34.43 0.12 10.37
CA LEU A 488 35.48 -0.02 11.37
C LEU A 488 34.97 -0.56 12.69
N GLY A 489 33.68 -0.83 12.81
CA GLY A 489 33.18 -1.20 14.12
C GLY A 489 33.05 -2.69 14.34
N ASP A 490 34.09 -3.31 14.90
CA ASP A 490 33.99 -4.71 15.28
C ASP A 490 33.01 -4.86 16.42
N MET A 491 33.04 -3.92 17.36
CA MET A 491 32.00 -3.83 18.39
C MET A 491 31.43 -2.42 18.30
N ASP A 492 30.14 -2.30 18.05
CA ASP A 492 29.49 -1.00 18.02
C ASP A 492 28.57 -0.91 19.24
N PHE A 493 28.81 0.07 20.11
CA PHE A 493 28.03 0.20 21.32
C PHE A 493 27.62 1.65 21.53
N LYS A 494 26.37 1.86 21.95
CA LYS A 494 25.86 3.18 22.27
C LYS A 494 25.48 3.20 23.74
N VAL A 495 26.07 4.12 24.50
CA VAL A 495 25.81 4.23 25.92
C VAL A 495 25.14 5.57 26.21
N ALA A 496 23.99 5.54 26.87
CA ALA A 496 23.32 6.73 27.33
C ALA A 496 23.31 6.74 28.86
N GLY A 497 23.25 7.91 29.45
CA GLY A 497 23.19 7.97 30.90
C GLY A 497 23.42 9.37 31.42
N SER A 498 23.33 9.47 32.74
CA SER A 498 23.50 10.74 33.42
C SER A 498 24.96 10.84 33.91
N ARG A 499 25.22 11.78 34.81
CA ARG A 499 26.55 11.92 35.37
C ARG A 499 26.89 10.81 36.36
N ASP A 500 25.88 10.09 36.85
CA ASP A 500 26.11 9.08 37.88
C ASP A 500 25.80 7.65 37.47
N GLY A 501 25.22 7.41 36.29
CA GLY A 501 24.97 6.04 35.90
C GLY A 501 24.52 5.93 34.47
N ILE A 502 24.31 4.68 34.05
CA ILE A 502 23.90 4.36 32.69
C ILE A 502 22.40 4.14 32.65
N SER A 503 21.73 4.73 31.67
CA SER A 503 20.30 4.54 31.49
C SER A 503 19.96 3.62 30.33
N ALA A 504 20.86 3.44 29.38
CA ALA A 504 20.65 2.51 28.28
C ALA A 504 22.00 2.06 27.74
N LEU A 505 22.05 0.81 27.27
CA LEU A 505 23.26 0.24 26.69
C LEU A 505 22.88 -0.71 25.56
N GLN A 506 23.30 -0.38 24.34
CA GLN A 506 23.12 -1.25 23.18
C GLN A 506 24.49 -1.63 22.64
N MET A 507 24.77 -2.93 22.53
CA MET A 507 26.00 -3.44 21.95
C MET A 507 25.69 -4.36 20.77
N ASP A 508 26.62 -4.39 19.81
CA ASP A 508 26.53 -5.20 18.59
C ASP A 508 27.95 -5.65 18.17
N ILE A 509 28.36 -6.79 18.71
CA ILE A 509 29.71 -7.37 18.46
C ILE A 509 29.65 -8.32 17.27
N LYS A 510 30.58 -8.19 16.32
CA LYS A 510 30.54 -9.01 15.10
C LYS A 510 31.81 -9.86 15.02
N ILE A 511 32.62 -9.86 16.05
CA ILE A 511 33.86 -10.68 16.09
C ILE A 511 33.87 -11.52 17.37
N GLU A 512 34.95 -12.26 17.63
CA GLU A 512 35.10 -13.03 18.84
C GLU A 512 36.41 -12.57 19.47
N GLY A 513 36.47 -12.58 20.80
CA GLY A 513 37.68 -12.16 21.49
C GLY A 513 37.45 -10.96 22.38
N ILE A 514 36.23 -10.44 22.40
CA ILE A 514 35.91 -9.23 23.22
C ILE A 514 35.64 -9.70 24.64
N THR A 515 36.68 -9.82 25.45
CA THR A 515 36.56 -10.22 26.86
C THR A 515 36.00 -9.09 27.66
N LYS A 516 35.61 -9.34 28.90
CA LYS A 516 35.03 -8.30 29.78
C LYS A 516 36.06 -7.20 30.06
N GLU A 517 37.34 -7.54 30.10
CA GLU A 517 38.40 -6.53 30.32
C GLU A 517 38.44 -5.51 29.18
N ILE A 518 38.15 -5.92 27.96
CA ILE A 518 38.11 -4.97 26.81
C ILE A 518 36.83 -4.14 26.89
N MET A 519 35.75 -4.70 27.41
CA MET A 519 34.48 -4.01 27.56
C MET A 519 34.55 -2.98 28.69
N GLN A 520 35.37 -3.23 29.70
CA GLN A 520 35.56 -2.25 30.77
C GLN A 520 36.29 -1.03 30.26
N VAL A 521 37.31 -1.23 29.43
CA VAL A 521 38.03 -0.10 28.87
C VAL A 521 37.12 0.71 27.95
N ALA A 522 36.31 0.01 27.14
CA ALA A 522 35.40 0.71 26.25
C ALA A 522 34.36 1.50 27.04
N LEU A 523 33.81 0.92 28.11
CA LEU A 523 32.80 1.64 28.86
C LEU A 523 33.40 2.79 29.66
N ASN A 524 34.66 2.67 30.09
CA ASN A 524 35.29 3.81 30.75
C ASN A 524 35.49 4.96 29.78
N GLN A 525 35.91 4.66 28.56
CA GLN A 525 36.04 5.73 27.57
C GLN A 525 34.68 6.34 27.25
N ALA A 526 33.64 5.51 27.21
CA ALA A 526 32.29 6.02 26.95
C ALA A 526 31.81 6.90 28.09
N LYS A 527 32.15 6.52 29.33
CA LYS A 527 31.80 7.36 30.47
C LYS A 527 32.48 8.71 30.37
N GLY A 528 33.76 8.73 30.02
CA GLY A 528 34.45 10.01 29.91
C GLY A 528 33.84 10.89 28.83
N ALA A 529 33.48 10.29 27.70
CA ALA A 529 32.86 11.04 26.62
C ALA A 529 31.50 11.60 27.04
N ARG A 530 30.69 10.78 27.72
CA ARG A 530 29.37 11.23 28.14
C ARG A 530 29.44 12.32 29.21
N LEU A 531 30.44 12.28 30.09
CA LEU A 531 30.61 13.37 31.05
C LEU A 531 31.08 14.65 30.37
N HIS A 532 31.89 14.53 29.32
CA HIS A 532 32.24 15.74 28.57
C HIS A 532 31.00 16.34 27.90
N ILE A 533 30.19 15.49 27.25
CA ILE A 533 28.98 16.00 26.61
C ILE A 533 28.03 16.59 27.64
N LEU A 534 27.98 16.00 28.84
CA LEU A 534 27.06 16.50 29.85
C LEU A 534 27.57 17.79 30.47
N GLY A 535 28.89 17.98 30.47
CA GLY A 535 29.43 19.25 30.93
C GLY A 535 29.09 20.35 29.96
N VAL A 536 29.24 20.08 28.66
CA VAL A 536 28.88 21.07 27.64
C VAL A 536 27.38 21.37 27.70
N MET A 537 26.55 20.33 27.89
CA MET A 537 25.11 20.54 27.98
C MET A 537 24.74 21.36 29.21
N GLU A 538 25.40 21.12 30.34
CA GLU A 538 25.06 21.80 31.58
C GLU A 538 25.42 23.27 31.54
N GLN A 539 26.35 23.68 30.68
CA GLN A 539 26.68 25.09 30.56
C GLN A 539 25.56 25.91 29.93
N ALA A 540 24.52 25.28 29.38
CA ALA A 540 23.40 26.05 28.86
C ALA A 540 22.17 25.98 29.76
N ILE A 541 21.40 24.90 29.65
CA ILE A 541 20.11 24.84 30.34
C ILE A 541 20.29 24.75 31.86
N ASN A 542 21.17 23.85 32.30
CA ASN A 542 21.58 23.66 33.70
C ASN A 542 20.50 23.09 34.60
N ALA A 543 19.26 23.57 34.48
CA ALA A 543 18.20 23.13 35.37
C ALA A 543 16.85 23.38 34.70
N PRO A 544 15.81 22.65 35.10
CA PRO A 544 14.48 22.83 34.50
C PRO A 544 13.98 24.26 34.60
N ARG A 545 13.23 24.69 33.59
CA ARG A 545 12.71 26.05 33.52
C ARG A 545 11.51 26.21 34.44
N MET B 1 -26.73 14.23 -30.02
CA MET B 1 -27.29 14.31 -28.65
C MET B 1 -26.95 13.04 -27.88
N LEU B 2 -27.50 12.90 -26.68
CA LEU B 2 -27.29 11.64 -25.92
C LEU B 2 -28.58 10.82 -26.06
N ASN B 3 -28.49 9.66 -26.71
CA ASN B 3 -29.69 8.79 -26.89
C ASN B 3 -29.45 7.46 -26.20
N PRO B 4 -30.21 7.11 -25.14
CA PRO B 4 -29.99 5.86 -24.37
C PRO B 4 -30.74 4.68 -24.95
N ILE B 5 -30.15 3.50 -24.95
CA ILE B 5 -30.78 2.25 -25.37
C ILE B 5 -31.17 1.47 -24.13
N VAL B 6 -32.48 1.38 -23.87
CA VAL B 6 -33.05 0.79 -22.67
C VAL B 6 -33.83 -0.47 -23.02
N ARG B 7 -33.50 -1.59 -22.35
CA ARG B 7 -34.25 -2.83 -22.48
C ARG B 7 -34.73 -3.29 -21.11
N LYS B 8 -36.03 -3.53 -20.99
CA LYS B 8 -36.64 -3.99 -19.74
C LYS B 8 -37.18 -5.41 -19.91
N PHE B 9 -36.90 -6.27 -18.93
CA PHE B 9 -37.43 -7.63 -18.93
C PHE B 9 -37.84 -8.02 -17.51
N GLN B 10 -38.70 -9.04 -17.43
CA GLN B 10 -39.16 -9.57 -16.15
C GLN B 10 -38.25 -10.71 -15.70
N TYR B 11 -37.69 -10.59 -14.51
CA TYR B 11 -36.84 -11.62 -13.90
C TYR B 11 -37.53 -12.04 -12.61
N GLY B 12 -38.28 -13.13 -12.68
CA GLY B 12 -39.00 -13.59 -11.50
C GLY B 12 -40.03 -12.59 -11.06
N GLN B 13 -39.84 -12.05 -9.86
CA GLN B 13 -40.75 -11.07 -9.28
C GLN B 13 -40.26 -9.63 -9.48
N HIS B 14 -39.16 -9.45 -10.20
CA HIS B 14 -38.55 -8.13 -10.35
C HIS B 14 -38.51 -7.74 -11.81
N THR B 15 -38.37 -6.44 -12.06
CA THR B 15 -38.15 -5.91 -13.39
C THR B 15 -36.71 -5.45 -13.49
N VAL B 16 -36.01 -5.91 -14.52
CA VAL B 16 -34.63 -5.53 -14.78
C VAL B 16 -34.59 -4.59 -15.97
N THR B 17 -33.86 -3.49 -15.80
CA THR B 17 -33.65 -2.48 -16.82
C THR B 17 -32.16 -2.45 -17.14
N LEU B 18 -31.84 -2.53 -18.43
CA LEU B 18 -30.48 -2.44 -18.91
C LEU B 18 -30.39 -1.19 -19.78
N GLU B 19 -29.54 -0.24 -19.41
CA GLU B 19 -29.37 0.97 -20.22
C GLU B 19 -27.93 1.09 -20.67
N THR B 20 -27.74 1.35 -21.96
CA THR B 20 -26.40 1.54 -22.52
C THR B 20 -26.44 2.62 -23.56
N GLY B 21 -25.31 3.30 -23.78
CA GLY B 21 -25.17 4.24 -24.87
C GLY B 21 -24.93 5.68 -24.48
N MET B 22 -25.23 6.07 -23.25
CA MET B 22 -25.15 7.51 -22.89
C MET B 22 -24.15 7.84 -21.77
N MET B 23 -23.71 6.87 -20.97
CA MET B 23 -22.77 7.14 -19.90
C MET B 23 -21.48 6.38 -20.16
N ALA B 24 -20.36 6.97 -19.76
CA ALA B 24 -19.04 6.39 -19.90
C ALA B 24 -18.84 5.85 -21.32
N ARG B 25 -18.90 6.76 -22.28
CA ARG B 25 -18.78 6.42 -23.69
C ARG B 25 -17.34 6.35 -24.17
N GLN B 26 -16.37 6.55 -23.28
CA GLN B 26 -14.97 6.40 -23.66
C GLN B 26 -14.40 5.07 -23.20
N ALA B 27 -15.23 4.22 -22.60
CA ALA B 27 -14.89 2.88 -22.17
C ALA B 27 -15.38 1.90 -23.22
N THR B 28 -14.79 0.70 -23.24
CA THR B 28 -15.16 -0.25 -24.28
C THR B 28 -16.65 -0.54 -24.21
N ALA B 29 -17.18 -0.72 -23.00
CA ALA B 29 -18.62 -0.85 -22.84
C ALA B 29 -19.00 -0.38 -21.44
N ALA B 30 -20.26 0.03 -21.30
CA ALA B 30 -20.78 0.49 -20.02
C ALA B 30 -22.28 0.28 -20.01
N VAL B 31 -22.79 -0.33 -18.95
CA VAL B 31 -24.22 -0.58 -18.80
C VAL B 31 -24.65 -0.21 -17.40
N MET B 32 -25.83 0.38 -17.28
CA MET B 32 -26.47 0.65 -16.00
C MET B 32 -27.60 -0.36 -15.85
N VAL B 33 -27.45 -1.27 -14.89
CA VAL B 33 -28.44 -2.32 -14.65
C VAL B 33 -29.20 -1.98 -13.38
N SER B 34 -30.53 -1.96 -13.47
CA SER B 34 -31.38 -1.65 -12.33
C SER B 34 -32.41 -2.75 -12.15
N MET B 35 -32.50 -3.30 -10.95
CA MET B 35 -33.52 -4.29 -10.63
C MET B 35 -34.26 -3.83 -9.37
N ASP B 36 -35.49 -3.34 -9.57
CA ASP B 36 -36.39 -2.93 -8.49
C ASP B 36 -35.73 -1.95 -7.52
N ASP B 37 -35.08 -0.94 -8.10
CA ASP B 37 -34.44 0.21 -7.44
C ASP B 37 -33.00 -0.09 -7.03
N THR B 38 -32.50 -1.30 -7.20
CA THR B 38 -31.08 -1.55 -6.95
C THR B 38 -30.35 -1.41 -8.28
N ALA B 39 -29.46 -0.42 -8.37
CA ALA B 39 -28.80 -0.09 -9.62
C ALA B 39 -27.30 -0.13 -9.45
N VAL B 40 -26.64 -0.78 -10.41
CA VAL B 40 -25.19 -0.91 -10.48
C VAL B 40 -24.74 -0.45 -11.87
N PHE B 41 -23.80 0.48 -11.91
CA PHE B 41 -23.14 0.90 -13.14
C PHE B 41 -21.88 0.06 -13.35
N VAL B 42 -21.84 -0.72 -14.44
CA VAL B 42 -20.73 -1.61 -14.73
C VAL B 42 -20.06 -1.17 -16.02
N THR B 43 -18.74 -1.00 -15.99
CA THR B 43 -17.97 -0.60 -17.15
C THR B 43 -16.84 -1.59 -17.38
N VAL B 44 -16.61 -1.94 -18.64
CA VAL B 44 -15.49 -2.77 -19.04
C VAL B 44 -14.60 -1.98 -20.00
N VAL B 45 -13.30 -2.01 -19.73
CA VAL B 45 -12.28 -1.42 -20.61
C VAL B 45 -11.28 -2.52 -20.95
N GLY B 46 -11.10 -2.78 -22.24
CA GLY B 46 -10.09 -3.72 -22.68
C GLY B 46 -9.02 -3.08 -23.54
N GLN B 47 -7.76 -3.34 -23.24
CA GLN B 47 -6.67 -2.81 -24.05
C GLN B 47 -6.57 -3.58 -25.36
N LYS B 48 -6.28 -2.86 -26.43
CA LYS B 48 -6.33 -3.44 -27.77
C LYS B 48 -5.05 -4.17 -28.15
N LYS B 49 -3.93 -3.85 -27.49
CA LYS B 49 -2.65 -4.50 -27.74
C LYS B 49 -2.15 -5.15 -26.46
N ALA B 50 -1.66 -6.38 -26.60
CA ALA B 50 -1.13 -7.18 -25.49
C ALA B 50 0.30 -6.78 -25.17
N LYS B 51 0.60 -6.73 -23.87
CA LYS B 51 1.98 -6.40 -23.44
C LYS B 51 2.92 -7.48 -24.00
N PRO B 52 4.02 -7.13 -24.69
CA PRO B 52 4.90 -8.13 -25.31
C PRO B 52 5.48 -9.05 -24.24
N GLY B 53 5.41 -10.35 -24.48
CA GLY B 53 5.91 -11.30 -23.50
C GLY B 53 4.94 -11.59 -22.37
N GLN B 54 3.65 -11.43 -22.62
CA GLN B 54 2.62 -11.67 -21.61
C GLN B 54 2.20 -13.12 -21.65
N ASP B 55 2.14 -13.76 -20.48
CA ASP B 55 1.80 -15.17 -20.39
C ASP B 55 0.41 -15.39 -19.80
N PHE B 56 0.08 -14.70 -18.72
CA PHE B 56 -1.19 -14.88 -18.04
C PHE B 56 -2.18 -13.83 -18.54
N PHE B 57 -3.46 -14.11 -18.37
CA PHE B 57 -4.48 -13.13 -18.74
C PHE B 57 -4.67 -12.14 -17.59
N PRO B 58 -4.39 -10.85 -17.80
CA PRO B 58 -4.65 -9.87 -16.75
C PRO B 58 -6.10 -9.43 -16.71
N LEU B 59 -6.91 -10.04 -15.86
CA LEU B 59 -8.29 -9.64 -15.68
C LEU B 59 -8.46 -9.10 -14.28
N THR B 60 -8.98 -7.88 -14.18
CA THR B 60 -9.27 -7.29 -12.87
C THR B 60 -10.75 -6.97 -12.79
N VAL B 61 -11.38 -7.38 -11.69
CA VAL B 61 -12.77 -7.02 -11.41
C VAL B 61 -12.76 -6.26 -10.11
N ASN B 62 -13.23 -5.01 -10.15
CA ASN B 62 -13.35 -4.16 -8.97
C ASN B 62 -14.81 -3.89 -8.70
N TYR B 63 -15.28 -4.31 -7.53
CA TYR B 63 -16.65 -4.05 -7.10
C TYR B 63 -16.61 -3.01 -5.99
N GLN B 64 -17.39 -1.94 -6.17
CA GLN B 64 -17.41 -0.82 -5.25
C GLN B 64 -18.83 -0.60 -4.76
N GLU B 65 -18.94 -0.30 -3.47
CA GLU B 65 -20.21 0.04 -2.85
C GLU B 65 -20.15 1.48 -2.36
N ARG B 66 -21.15 2.26 -2.71
CA ARG B 66 -21.20 3.69 -2.37
C ARG B 66 -22.26 3.90 -1.31
N THR B 67 -21.90 4.62 -0.24
CA THR B 67 -22.84 4.80 0.86
C THR B 67 -24.01 5.68 0.43
N TYR B 68 -23.78 6.60 -0.51
CA TYR B 68 -24.86 7.44 -1.00
C TYR B 68 -25.95 6.63 -1.66
N ALA B 69 -25.64 5.42 -2.12
CA ALA B 69 -26.66 4.56 -2.71
C ALA B 69 -27.75 4.25 -1.71
N ALA B 70 -27.40 4.16 -0.42
CA ALA B 70 -28.37 3.87 0.62
C ALA B 70 -28.90 5.13 1.29
N GLY B 71 -28.56 6.30 0.76
CA GLY B 71 -29.02 7.54 1.35
C GLY B 71 -28.36 7.85 2.67
N ARG B 72 -27.09 7.47 2.84
CA ARG B 72 -26.38 7.64 4.09
C ARG B 72 -25.03 8.29 3.82
N ILE B 73 -24.51 8.95 4.84
CA ILE B 73 -23.17 9.54 4.81
C ILE B 73 -22.22 8.59 5.52
N PRO B 74 -21.07 8.25 4.94
CA PRO B 74 -20.19 7.25 5.55
C PRO B 74 -19.82 7.61 6.98
N GLY B 75 -19.69 6.58 7.82
CA GLY B 75 -19.44 6.74 9.23
C GLY B 75 -17.98 6.74 9.62
N SER B 76 -17.07 6.55 8.67
CA SER B 76 -15.65 6.52 8.95
C SER B 76 -15.16 7.92 9.37
N PHE B 77 -13.93 7.97 9.87
CA PHE B 77 -13.38 9.23 10.36
C PHE B 77 -13.35 10.29 9.27
N PHE B 78 -13.05 9.89 8.03
CA PHE B 78 -12.96 10.82 6.91
C PHE B 78 -14.26 10.97 6.15
N ARG B 79 -15.33 10.29 6.58
CA ARG B 79 -16.66 10.39 5.98
C ARG B 79 -16.64 10.06 4.49
N ARG B 80 -15.74 9.19 4.06
CA ARG B 80 -15.64 8.80 2.67
C ARG B 80 -15.47 7.30 2.57
N GLU B 81 -16.05 6.69 1.55
CA GLU B 81 -15.86 5.23 1.32
C GLU B 81 -14.37 5.00 1.06
N GLY B 82 -13.80 3.90 1.57
CA GLY B 82 -12.34 3.71 1.43
C GLY B 82 -11.91 2.47 0.68
N ARG B 83 -10.85 1.80 1.14
CA ARG B 83 -10.29 0.62 0.43
C ARG B 83 -11.31 -0.50 0.43
N PRO B 84 -11.21 -1.49 -0.48
CA PRO B 84 -12.27 -2.52 -0.62
C PRO B 84 -12.48 -3.23 0.70
N SER B 85 -13.74 -3.32 1.12
CA SER B 85 -14.08 -4.10 2.33
C SER B 85 -13.95 -5.57 1.99
N GLU B 86 -14.05 -6.46 2.97
CA GLU B 86 -14.07 -7.89 2.70
C GLU B 86 -15.26 -8.32 1.83
N GLY B 87 -16.42 -7.68 2.01
CA GLY B 87 -17.56 -8.00 1.19
C GLY B 87 -17.41 -7.57 -0.25
N GLU B 88 -16.82 -6.41 -0.47
CA GLU B 88 -16.57 -5.93 -1.83
C GLU B 88 -15.61 -6.85 -2.55
N THR B 89 -14.56 -7.29 -1.87
CA THR B 89 -13.61 -8.22 -2.48
C THR B 89 -14.27 -9.56 -2.76
N LEU B 90 -15.22 -9.99 -1.93
CA LEU B 90 -15.84 -11.29 -2.16
C LEU B 90 -16.82 -11.23 -3.33
N ILE B 91 -17.59 -10.14 -3.44
CA ILE B 91 -18.47 -10.01 -4.60
C ILE B 91 -17.67 -9.85 -5.89
N ALA B 92 -16.56 -9.11 -5.83
CA ALA B 92 -15.73 -9.00 -7.03
C ALA B 92 -15.09 -10.33 -7.40
N ARG B 93 -14.88 -11.21 -6.42
CA ARG B 93 -14.34 -12.52 -6.75
C ARG B 93 -15.44 -13.42 -7.29
N LEU B 94 -16.70 -13.08 -6.99
CA LEU B 94 -17.84 -13.84 -7.47
C LEU B 94 -18.23 -13.40 -8.86
N ILE B 95 -17.72 -12.25 -9.28
CA ILE B 95 -17.92 -11.79 -10.65
C ILE B 95 -16.77 -12.28 -11.51
N ASP B 96 -15.59 -12.47 -10.90
CA ASP B 96 -14.41 -12.89 -11.65
C ASP B 96 -14.46 -14.38 -11.94
N ARG B 97 -14.92 -15.18 -11.00
CA ARG B 97 -14.89 -16.66 -11.17
C ARG B 97 -15.62 -17.10 -12.43
N PRO B 98 -16.87 -16.70 -12.72
CA PRO B 98 -17.63 -17.19 -13.89
C PRO B 98 -17.16 -16.61 -15.23
N VAL B 99 -16.55 -15.43 -15.26
CA VAL B 99 -16.18 -14.74 -16.53
C VAL B 99 -14.78 -15.16 -16.99
N ARG B 100 -13.82 -15.29 -16.08
CA ARG B 100 -12.44 -15.59 -16.49
C ARG B 100 -12.35 -16.76 -17.48
N PRO B 101 -13.01 -17.92 -17.30
CA PRO B 101 -12.82 -19.04 -18.24
C PRO B 101 -13.52 -18.83 -19.57
N LEU B 102 -14.31 -17.77 -19.72
CA LEU B 102 -15.11 -17.59 -20.95
C LEU B 102 -14.37 -16.70 -21.96
N PHE B 103 -13.15 -16.30 -21.64
CA PHE B 103 -12.33 -15.51 -22.58
C PHE B 103 -11.51 -16.49 -23.36
N PRO B 104 -11.34 -16.29 -24.68
CA PRO B 104 -10.65 -17.26 -25.54
C PRO B 104 -9.26 -17.62 -25.02
N GLU B 105 -8.84 -18.83 -25.35
CA GLU B 105 -7.52 -19.29 -24.95
C GLU B 105 -6.47 -18.52 -25.75
N GLY B 106 -5.46 -18.01 -25.06
CA GLY B 106 -4.49 -17.17 -25.71
C GLY B 106 -4.71 -15.69 -25.46
N PHE B 107 -5.97 -15.27 -25.36
CA PHE B 107 -6.29 -13.88 -25.04
C PHE B 107 -5.56 -13.47 -23.76
N VAL B 108 -4.66 -12.50 -23.88
CA VAL B 108 -3.90 -12.04 -22.72
C VAL B 108 -3.88 -10.51 -22.69
N ASN B 109 -4.84 -9.89 -23.37
CA ASN B 109 -4.95 -8.44 -23.27
C ASN B 109 -5.51 -8.07 -21.91
N GLU B 110 -5.23 -6.84 -21.47
CA GLU B 110 -5.65 -6.43 -20.15
C GLU B 110 -7.10 -5.96 -20.17
N VAL B 111 -7.91 -6.56 -19.30
CA VAL B 111 -9.34 -6.24 -19.19
C VAL B 111 -9.62 -5.84 -17.74
N GLN B 112 -10.33 -4.73 -17.55
CA GLN B 112 -10.75 -4.31 -16.22
C GLN B 112 -12.26 -4.07 -16.23
N VAL B 113 -12.98 -4.76 -15.36
CA VAL B 113 -14.40 -4.59 -15.18
C VAL B 113 -14.60 -3.89 -13.85
N ILE B 114 -15.20 -2.71 -13.87
CA ILE B 114 -15.50 -1.97 -12.65
C ILE B 114 -17.01 -1.89 -12.51
N ALA B 115 -17.53 -2.45 -11.42
CA ALA B 115 -18.95 -2.41 -11.10
C ALA B 115 -19.12 -1.56 -9.85
N THR B 116 -19.91 -0.50 -9.96
CA THR B 116 -20.12 0.44 -8.86
C THR B 116 -21.60 0.48 -8.53
N VAL B 117 -21.93 0.21 -7.29
CA VAL B 117 -23.33 0.27 -6.86
C VAL B 117 -23.71 1.73 -6.69
N VAL B 118 -24.79 2.14 -7.35
CA VAL B 118 -25.20 3.53 -7.35
C VAL B 118 -26.55 3.73 -6.69
N SER B 119 -27.37 2.69 -6.55
CA SER B 119 -28.60 2.79 -5.79
C SER B 119 -28.88 1.42 -5.20
N VAL B 120 -29.47 1.40 -4.01
CA VAL B 120 -29.73 0.13 -3.34
C VAL B 120 -31.15 0.14 -2.77
N ASN B 121 -31.87 -0.95 -3.03
CA ASN B 121 -33.14 -1.22 -2.39
C ASN B 121 -32.85 -2.19 -1.25
N PRO B 122 -33.15 -1.84 0.01
CA PRO B 122 -32.71 -2.67 1.15
C PRO B 122 -33.06 -4.15 1.03
N GLN B 123 -33.98 -4.48 0.12
CA GLN B 123 -34.45 -5.85 -0.05
C GLN B 123 -33.74 -6.58 -1.17
N VAL B 124 -33.26 -5.87 -2.19
CA VAL B 124 -32.61 -6.45 -3.36
C VAL B 124 -31.10 -6.36 -3.21
N ASN B 125 -30.43 -7.52 -3.25
CA ASN B 125 -28.98 -7.58 -3.13
C ASN B 125 -28.29 -7.10 -4.40
N PRO B 126 -27.30 -6.21 -4.31
CA PRO B 126 -26.67 -5.67 -5.53
C PRO B 126 -25.68 -6.60 -6.19
N ASP B 127 -25.50 -7.82 -5.68
CA ASP B 127 -24.46 -8.71 -6.20
C ASP B 127 -24.90 -9.40 -7.47
N ILE B 128 -26.15 -9.89 -7.51
CA ILE B 128 -26.63 -10.52 -8.74
C ILE B 128 -26.80 -9.45 -9.81
N VAL B 129 -27.19 -8.23 -9.41
CA VAL B 129 -27.35 -7.15 -10.38
C VAL B 129 -25.99 -6.78 -10.97
N ALA B 130 -24.94 -6.88 -10.17
CA ALA B 130 -23.61 -6.53 -10.66
C ALA B 130 -23.06 -7.63 -11.55
N MET B 131 -23.50 -8.85 -11.32
CA MET B 131 -23.08 -9.97 -12.15
C MET B 131 -23.77 -9.90 -13.52
N ILE B 132 -25.05 -9.53 -13.52
CA ILE B 132 -25.79 -9.35 -14.77
C ILE B 132 -25.18 -8.21 -15.56
N GLY B 133 -24.73 -7.16 -14.85
CA GLY B 133 -24.16 -6.02 -15.53
C GLY B 133 -22.79 -6.33 -16.11
N ALA B 134 -22.01 -7.15 -15.41
CA ALA B 134 -20.71 -7.52 -15.93
C ALA B 134 -20.87 -8.38 -17.18
N SER B 135 -21.81 -9.33 -17.16
CA SER B 135 -22.09 -10.12 -18.36
C SER B 135 -22.49 -9.22 -19.52
N ALA B 136 -23.34 -8.22 -19.27
CA ALA B 136 -23.84 -7.38 -20.36
C ALA B 136 -22.74 -6.48 -20.91
N ALA B 137 -21.95 -5.87 -20.02
CA ALA B 137 -20.86 -5.01 -20.48
C ALA B 137 -19.82 -5.83 -21.23
N LEU B 138 -19.60 -7.09 -20.84
CA LEU B 138 -18.56 -7.86 -21.47
C LEU B 138 -19.07 -8.47 -22.77
N SER B 139 -20.39 -8.45 -22.98
CA SER B 139 -20.99 -8.98 -24.20
C SER B 139 -21.25 -7.87 -25.20
N LEU B 140 -21.29 -6.62 -24.76
CA LEU B 140 -21.49 -5.45 -25.61
C LEU B 140 -20.17 -4.82 -26.04
N SER B 141 -19.08 -5.21 -25.40
CA SER B 141 -17.78 -4.59 -25.62
C SER B 141 -17.17 -5.01 -26.96
N GLY B 142 -17.41 -6.24 -27.38
CA GLY B 142 -16.77 -6.79 -28.55
C GLY B 142 -15.51 -7.54 -28.22
N ILE B 143 -15.00 -7.38 -27.01
CA ILE B 143 -13.82 -8.11 -26.56
C ILE B 143 -14.10 -9.60 -26.70
N PRO B 144 -13.18 -10.39 -27.24
CA PRO B 144 -13.40 -11.84 -27.30
C PRO B 144 -13.87 -12.42 -25.98
N PHE B 145 -15.13 -12.86 -25.95
CA PHE B 145 -15.76 -13.38 -24.74
C PHE B 145 -16.75 -14.43 -25.23
N ASN B 146 -16.78 -15.59 -24.61
CA ASN B 146 -17.56 -16.70 -25.15
C ASN B 146 -18.91 -16.90 -24.46
N GLY B 147 -19.74 -15.87 -24.48
CA GLY B 147 -21.11 -16.07 -24.10
C GLY B 147 -21.63 -15.18 -23.01
N PRO B 148 -22.89 -14.67 -23.14
CA PRO B 148 -23.52 -13.97 -22.03
C PRO B 148 -23.66 -14.98 -20.90
N ILE B 149 -23.35 -14.60 -19.67
CA ILE B 149 -23.59 -15.48 -18.50
C ILE B 149 -24.82 -14.92 -17.80
N GLY B 150 -25.50 -15.71 -17.00
CA GLY B 150 -26.63 -15.22 -16.20
C GLY B 150 -26.23 -15.36 -14.75
N ALA B 151 -27.08 -14.97 -13.82
CA ALA B 151 -26.81 -15.14 -12.41
C ALA B 151 -28.14 -15.30 -11.69
N ALA B 152 -28.15 -16.16 -10.67
CA ALA B 152 -29.36 -16.34 -9.90
C ALA B 152 -29.00 -16.71 -8.48
N ARG B 153 -29.77 -16.22 -7.51
CA ARG B 153 -29.65 -16.68 -6.14
C ARG B 153 -30.90 -17.48 -5.85
N VAL B 154 -30.71 -18.72 -5.41
CA VAL B 154 -31.79 -19.61 -5.03
C VAL B 154 -31.82 -19.74 -3.52
N GLY B 155 -33.04 -19.78 -2.98
CA GLY B 155 -33.26 -20.04 -1.57
C GLY B 155 -34.20 -21.22 -1.45
N TYR B 156 -34.33 -21.74 -0.25
CA TYR B 156 -35.16 -22.91 0.01
C TYR B 156 -36.07 -22.57 1.20
N ILE B 157 -37.34 -22.36 0.92
CA ILE B 157 -38.32 -21.97 1.93
C ILE B 157 -39.52 -22.89 1.82
N ASN B 158 -39.87 -23.54 2.92
CA ASN B 158 -41.00 -24.49 2.96
C ASN B 158 -40.85 -25.56 1.90
N ASP B 159 -39.65 -26.12 1.79
CA ASP B 159 -39.33 -27.18 0.84
C ASP B 159 -39.68 -26.78 -0.59
N GLN B 160 -39.36 -25.53 -0.94
CA GLN B 160 -39.57 -25.02 -2.28
C GLN B 160 -38.42 -24.11 -2.66
N TYR B 161 -38.01 -24.18 -3.92
CA TYR B 161 -36.96 -23.30 -4.41
C TYR B 161 -37.56 -21.94 -4.75
N VAL B 162 -36.86 -20.87 -4.37
CA VAL B 162 -37.32 -19.51 -4.61
C VAL B 162 -36.20 -18.73 -5.29
N LEU B 163 -36.55 -18.04 -6.37
CA LEU B 163 -35.58 -17.28 -7.14
C LEU B 163 -35.36 -15.92 -6.49
N ASN B 164 -34.09 -15.51 -6.43
CA ASN B 164 -33.64 -14.25 -5.84
C ASN B 164 -34.43 -13.92 -4.59
N PRO B 165 -34.26 -14.68 -3.50
CA PRO B 165 -34.95 -14.35 -2.25
C PRO B 165 -34.55 -12.98 -1.74
N THR B 166 -35.52 -12.25 -1.19
CA THR B 166 -35.26 -10.94 -0.63
C THR B 166 -34.63 -11.10 0.75
N GLN B 167 -34.19 -9.96 1.32
CA GLN B 167 -33.51 -10.01 2.60
C GLN B 167 -34.43 -10.47 3.71
N ASP B 168 -35.72 -10.14 3.63
CA ASP B 168 -36.68 -10.70 4.59
C ASP B 168 -36.85 -12.20 4.38
N GLU B 169 -36.87 -12.65 3.12
CA GLU B 169 -37.10 -14.05 2.84
C GLU B 169 -35.87 -14.91 3.12
N LEU B 170 -34.68 -14.30 3.13
CA LEU B 170 -33.44 -15.03 3.34
C LEU B 170 -33.18 -15.31 4.81
N LYS B 171 -34.17 -15.09 5.66
CA LYS B 171 -34.09 -15.37 7.09
C LYS B 171 -34.76 -16.70 7.43
N GLU B 172 -35.91 -16.97 6.83
CA GLU B 172 -36.60 -18.25 6.96
C GLU B 172 -36.10 -19.28 5.97
N SER B 173 -35.08 -18.96 5.19
CA SER B 173 -34.57 -19.84 4.13
C SER B 173 -33.51 -20.79 4.66
N LYS B 174 -33.47 -21.97 4.06
CA LYS B 174 -32.52 -23.01 4.43
C LYS B 174 -31.36 -23.08 3.46
N LEU B 175 -31.33 -22.23 2.44
CA LEU B 175 -30.29 -22.22 1.42
C LEU B 175 -30.00 -20.79 0.97
N ASP B 176 -28.75 -20.53 0.58
CA ASP B 176 -28.35 -19.27 -0.05
C ASP B 176 -27.33 -19.65 -1.14
N LEU B 177 -27.83 -20.01 -2.33
CA LEU B 177 -26.98 -20.51 -3.41
C LEU B 177 -26.91 -19.48 -4.53
N VAL B 178 -25.72 -19.20 -5.04
CA VAL B 178 -25.54 -18.34 -6.21
C VAL B 178 -25.05 -19.25 -7.34
N VAL B 179 -25.80 -19.30 -8.44
CA VAL B 179 -25.43 -20.11 -9.64
C VAL B 179 -25.25 -19.19 -10.85
N ALA B 180 -24.13 -19.27 -11.53
CA ALA B 180 -23.90 -18.49 -12.76
C ALA B 180 -23.61 -19.46 -13.88
N GLY B 181 -24.17 -19.24 -15.04
CA GLY B 181 -23.83 -20.11 -16.15
C GLY B 181 -24.20 -19.54 -17.48
N THR B 182 -23.80 -20.22 -18.55
CA THR B 182 -24.14 -19.80 -19.91
C THR B 182 -25.41 -20.49 -20.29
N GLU B 183 -25.78 -20.41 -21.55
CA GLU B 183 -27.01 -21.08 -22.04
C GLU B 183 -26.82 -22.58 -22.02
N ALA B 184 -25.57 -23.04 -22.07
CA ALA B 184 -25.30 -24.49 -22.15
C ALA B 184 -24.89 -25.05 -20.80
N ALA B 185 -24.04 -24.34 -20.09
CA ALA B 185 -23.48 -24.96 -18.87
C ALA B 185 -23.47 -24.08 -17.64
N VAL B 186 -23.42 -24.69 -16.47
CA VAL B 186 -23.25 -23.95 -15.21
C VAL B 186 -21.75 -23.74 -15.11
N LEU B 187 -21.31 -22.61 -14.57
CA LEU B 187 -19.86 -22.34 -14.55
C LEU B 187 -19.43 -22.13 -13.11
N MET B 188 -20.32 -21.63 -12.27
CA MET B 188 -19.94 -21.34 -10.87
C MET B 188 -21.12 -21.60 -9.96
N VAL B 189 -20.88 -22.18 -8.80
CA VAL B 189 -21.92 -22.37 -7.76
C VAL B 189 -21.24 -22.00 -6.43
N GLU B 190 -21.72 -20.99 -5.73
CA GLU B 190 -21.25 -20.64 -4.39
C GLU B 190 -22.44 -20.73 -3.46
N SER B 191 -22.39 -21.62 -2.47
CA SER B 191 -23.59 -21.83 -1.68
C SER B 191 -23.30 -22.01 -0.20
N GLU B 192 -24.33 -21.77 0.62
CA GLU B 192 -24.25 -22.06 2.07
C GLU B 192 -25.62 -22.65 2.41
N ALA B 193 -25.67 -23.72 3.18
CA ALA B 193 -26.96 -24.37 3.45
C ALA B 193 -27.05 -24.77 4.91
N GLU B 194 -28.24 -25.12 5.35
CA GLU B 194 -28.43 -25.60 6.72
C GLU B 194 -28.57 -27.11 6.68
N LEU B 195 -27.47 -27.80 6.42
CA LEU B 195 -27.42 -29.29 6.38
C LEU B 195 -28.53 -29.86 5.50
N LEU B 196 -28.48 -29.53 4.21
CA LEU B 196 -29.47 -30.05 3.24
C LEU B 196 -28.84 -31.22 2.48
N SER B 197 -29.62 -32.01 1.76
CA SER B 197 -29.11 -33.21 1.06
C SER B 197 -28.37 -32.80 -0.21
N GLU B 198 -27.83 -33.78 -0.93
CA GLU B 198 -27.09 -33.51 -2.18
C GLU B 198 -28.09 -33.28 -3.30
N ASP B 199 -29.25 -33.92 -3.21
CA ASP B 199 -30.31 -33.78 -4.23
C ASP B 199 -31.01 -32.43 -4.10
N THR B 200 -31.16 -31.91 -2.90
CA THR B 200 -31.76 -30.58 -2.72
C THR B 200 -30.79 -29.57 -3.25
N MET B 201 -29.50 -29.81 -3.07
CA MET B 201 -28.51 -28.79 -3.47
C MET B 201 -28.34 -28.80 -5.00
N LEU B 202 -28.46 -29.94 -5.64
CA LEU B 202 -28.31 -30.04 -7.12
C LEU B 202 -29.60 -29.54 -7.78
N GLY B 203 -30.76 -29.94 -7.31
CA GLY B 203 -32.00 -29.37 -7.80
C GLY B 203 -32.00 -27.86 -7.75
N ALA B 204 -31.30 -27.27 -6.78
CA ALA B 204 -31.18 -25.81 -6.72
C ALA B 204 -30.29 -25.28 -7.82
N VAL B 205 -29.18 -25.98 -8.10
CA VAL B 205 -28.29 -25.53 -9.17
C VAL B 205 -29.02 -25.60 -10.52
N VAL B 206 -29.86 -26.62 -10.70
CA VAL B 206 -30.61 -26.76 -11.94
C VAL B 206 -31.69 -25.69 -12.02
N PHE B 207 -32.41 -25.46 -10.91
CA PHE B 207 -33.47 -24.45 -10.89
C PHE B 207 -32.90 -23.09 -11.28
N GLY B 208 -31.79 -22.69 -10.66
CA GLY B 208 -31.26 -21.36 -10.94
C GLY B 208 -30.64 -21.23 -12.31
N HIS B 209 -30.17 -22.35 -12.89
CA HIS B 209 -29.65 -22.28 -14.24
C HIS B 209 -30.79 -22.15 -15.24
N GLU B 210 -31.90 -22.86 -14.98
CA GLU B 210 -33.05 -22.77 -15.87
C GLU B 210 -33.73 -21.41 -15.76
N GLN B 211 -33.61 -20.76 -14.61
CA GLN B 211 -34.31 -19.49 -14.39
C GLN B 211 -33.50 -18.29 -14.85
N GLN B 212 -32.18 -18.43 -14.99
CA GLN B 212 -31.36 -17.28 -15.41
C GLN B 212 -31.30 -17.14 -16.93
N GLN B 213 -32.06 -17.97 -17.65
CA GLN B 213 -31.98 -17.96 -19.11
C GLN B 213 -32.68 -16.76 -19.69
N VAL B 214 -33.63 -16.16 -18.95
CA VAL B 214 -34.27 -14.94 -19.43
C VAL B 214 -33.28 -13.79 -19.41
N VAL B 215 -32.41 -13.76 -18.40
CA VAL B 215 -31.33 -12.78 -18.37
C VAL B 215 -30.39 -13.00 -19.54
N ILE B 216 -30.07 -14.27 -19.83
CA ILE B 216 -29.19 -14.54 -20.96
C ILE B 216 -29.81 -14.06 -22.28
N GLN B 217 -31.10 -14.32 -22.46
CA GLN B 217 -31.77 -13.91 -23.70
C GLN B 217 -31.87 -12.40 -23.81
N ALA B 218 -32.16 -11.72 -22.69
CA ALA B 218 -32.23 -10.27 -22.71
C ALA B 218 -30.89 -9.68 -23.11
N ILE B 219 -29.80 -10.22 -22.56
CA ILE B 219 -28.49 -9.66 -22.89
C ILE B 219 -28.17 -9.96 -24.35
N ASN B 220 -28.67 -11.06 -24.89
CA ASN B 220 -28.41 -11.37 -26.29
C ASN B 220 -29.18 -10.43 -27.21
N ASP B 221 -30.36 -9.99 -26.79
CA ASP B 221 -31.08 -8.99 -27.58
C ASP B 221 -30.43 -7.62 -27.47
N LEU B 222 -29.99 -7.25 -26.27
CA LEU B 222 -29.30 -5.97 -26.12
C LEU B 222 -28.03 -5.95 -26.95
N VAL B 223 -27.32 -7.06 -26.99
CA VAL B 223 -26.12 -7.16 -27.82
C VAL B 223 -26.48 -7.10 -29.30
N LYS B 224 -27.61 -7.71 -29.66
CA LYS B 224 -28.05 -7.66 -31.05
C LYS B 224 -28.37 -6.24 -31.49
N GLU B 225 -28.71 -5.34 -30.57
CA GLU B 225 -29.07 -3.99 -31.01
C GLU B 225 -28.06 -2.91 -30.67
N ALA B 226 -27.14 -3.15 -29.75
CA ALA B 226 -26.25 -2.08 -29.31
C ALA B 226 -24.81 -2.54 -29.14
N GLY B 227 -24.44 -3.71 -29.65
CA GLY B 227 -23.10 -4.22 -29.42
C GLY B 227 -22.08 -3.56 -30.32
N LYS B 228 -20.86 -3.46 -29.81
CA LYS B 228 -19.78 -2.93 -30.62
C LYS B 228 -19.23 -4.04 -31.52
N PRO B 229 -18.75 -3.68 -32.71
CA PRO B 229 -18.14 -4.69 -33.60
C PRO B 229 -17.15 -5.57 -32.87
N ARG B 230 -17.25 -6.87 -33.12
CA ARG B 230 -16.41 -7.85 -32.43
C ARG B 230 -14.94 -7.64 -32.81
N TRP B 231 -14.07 -7.80 -31.81
CA TRP B 231 -12.65 -7.55 -32.02
C TRP B 231 -12.09 -8.54 -33.03
N ASP B 232 -11.19 -8.06 -33.88
CA ASP B 232 -10.49 -8.91 -34.82
C ASP B 232 -9.21 -9.43 -34.17
N TRP B 233 -9.40 -10.24 -33.14
CA TRP B 233 -8.29 -10.86 -32.43
C TRP B 233 -8.17 -12.30 -32.88
N GLN B 234 -6.94 -12.72 -33.18
CA GLN B 234 -6.67 -14.10 -33.52
C GLN B 234 -5.57 -14.65 -32.63
N PRO B 235 -5.70 -15.89 -32.16
CA PRO B 235 -4.64 -16.46 -31.32
C PRO B 235 -3.39 -16.73 -32.13
N GLU B 236 -2.24 -16.57 -31.47
CA GLU B 236 -0.97 -16.88 -32.12
C GLU B 236 -0.93 -18.35 -32.48
N ALA B 237 -0.68 -18.63 -33.76
CA ALA B 237 -0.73 -20.02 -34.21
C ALA B 237 0.36 -20.84 -33.52
N VAL B 238 0.05 -22.11 -33.28
CA VAL B 238 0.97 -22.95 -32.52
C VAL B 238 2.17 -23.30 -33.39
N ASN B 239 3.35 -23.31 -32.76
CA ASN B 239 4.56 -23.79 -33.42
C ASN B 239 4.54 -25.32 -33.44
N ASP B 240 3.56 -25.86 -34.17
CA ASP B 240 3.32 -27.29 -34.27
C ASP B 240 4.62 -28.06 -34.47
N ALA B 241 5.57 -27.42 -35.16
CA ALA B 241 6.86 -28.05 -35.43
C ALA B 241 7.56 -28.26 -34.09
N LEU B 242 7.91 -27.16 -33.41
CA LEU B 242 8.63 -27.26 -32.15
C LEU B 242 7.90 -28.18 -31.18
N ASN B 243 6.57 -28.17 -31.22
CA ASN B 243 5.76 -29.03 -30.38
C ASN B 243 6.06 -30.49 -30.68
N ALA B 244 5.71 -30.96 -31.88
CA ALA B 244 5.91 -32.36 -32.23
C ALA B 244 7.37 -32.78 -32.06
N ARG B 245 8.29 -31.83 -32.18
CA ARG B 245 9.71 -32.08 -31.94
C ARG B 245 9.86 -32.49 -30.48
N VAL B 246 9.55 -31.56 -29.58
CA VAL B 246 9.70 -31.82 -28.15
C VAL B 246 9.00 -33.13 -27.80
N ALA B 247 7.84 -33.37 -28.42
CA ALA B 247 7.12 -34.62 -28.21
C ALA B 247 8.02 -35.80 -28.51
N ALA B 248 8.48 -35.89 -29.77
CA ALA B 248 9.32 -37.00 -30.19
C ALA B 248 10.50 -37.22 -29.25
N LEU B 249 10.99 -36.13 -28.65
CA LEU B 249 12.17 -36.23 -27.79
C LEU B 249 11.87 -36.51 -26.31
N ALA B 250 10.67 -36.14 -25.84
CA ALA B 250 10.41 -36.25 -24.38
C ALA B 250 9.11 -36.98 -24.02
N GLU B 251 8.17 -37.11 -24.93
CA GLU B 251 6.85 -37.66 -24.50
C GLU B 251 6.99 -39.08 -23.94
N SER B 252 7.64 -39.99 -24.67
CA SER B 252 7.68 -41.40 -24.19
C SER B 252 8.56 -41.49 -22.93
N ARG B 253 9.60 -40.69 -22.87
CA ARG B 253 10.46 -40.70 -21.67
C ARG B 253 9.63 -40.29 -20.46
N LEU B 254 8.83 -39.23 -20.58
CA LEU B 254 8.01 -38.72 -19.46
C LEU B 254 6.92 -39.76 -19.14
N SER B 255 6.35 -40.35 -20.18
CA SER B 255 5.28 -41.36 -20.00
C SER B 255 5.82 -42.57 -19.24
N ASP B 256 7.13 -42.81 -19.28
CA ASP B 256 7.76 -43.90 -18.54
C ASP B 256 8.21 -43.43 -17.16
N ALA B 257 8.66 -42.17 -17.09
CA ALA B 257 9.09 -41.58 -15.83
C ALA B 257 7.91 -41.53 -14.85
N TYR B 258 6.70 -41.42 -15.38
CA TYR B 258 5.52 -41.30 -14.53
C TYR B 258 5.04 -42.67 -14.07
N ARG B 259 5.70 -43.74 -14.53
CA ARG B 259 5.34 -45.10 -14.07
C ARG B 259 6.20 -45.40 -12.83
N ILE B 260 7.15 -44.52 -12.51
CA ILE B 260 8.01 -44.68 -11.30
C ILE B 260 7.16 -44.40 -10.06
N THR B 261 7.36 -45.16 -8.98
CA THR B 261 6.60 -44.97 -7.76
C THR B 261 7.20 -43.88 -6.89
N ASP B 262 8.47 -44.01 -6.54
CA ASP B 262 9.10 -43.08 -5.60
C ASP B 262 9.00 -41.64 -6.12
N LYS B 263 8.50 -40.75 -5.26
CA LYS B 263 8.34 -39.34 -5.61
C LYS B 263 9.68 -38.72 -6.00
N GLN B 264 10.69 -38.87 -5.15
CA GLN B 264 11.98 -38.22 -5.40
C GLN B 264 12.59 -38.72 -6.70
N GLU B 265 12.58 -40.05 -6.90
CA GLU B 265 13.16 -40.61 -8.12
C GLU B 265 12.40 -40.11 -9.33
N ARG B 266 11.07 -40.09 -9.27
CA ARG B 266 10.28 -39.61 -10.41
C ARG B 266 10.63 -38.16 -10.72
N TYR B 267 10.68 -37.31 -9.69
CA TYR B 267 10.92 -35.88 -9.92
C TYR B 267 12.30 -35.67 -10.53
N ALA B 268 13.29 -36.39 -10.02
CA ALA B 268 14.66 -36.26 -10.57
C ALA B 268 14.67 -36.63 -12.05
N GLN B 269 14.22 -37.85 -12.37
CA GLN B 269 14.32 -38.31 -13.78
C GLN B 269 13.61 -37.31 -14.69
N VAL B 270 12.50 -36.73 -14.25
CA VAL B 270 11.74 -35.83 -15.17
C VAL B 270 12.65 -34.66 -15.56
N ASP B 271 13.34 -34.07 -14.58
CA ASP B 271 14.25 -32.92 -14.86
C ASP B 271 15.37 -33.41 -15.79
N VAL B 272 15.84 -34.64 -15.60
CA VAL B 272 16.88 -35.21 -16.50
C VAL B 272 16.31 -35.21 -17.92
N ILE B 273 15.07 -35.67 -18.09
CA ILE B 273 14.45 -35.65 -19.43
C ILE B 273 14.28 -34.18 -19.82
N LYS B 274 13.84 -33.35 -18.88
CA LYS B 274 13.57 -31.93 -19.24
C LYS B 274 14.85 -31.27 -19.74
N SER B 275 15.93 -31.38 -18.96
CA SER B 275 17.21 -30.70 -19.34
C SER B 275 17.76 -31.32 -20.63
N GLU B 276 17.79 -32.64 -20.71
CA GLU B 276 18.42 -33.30 -21.87
C GLU B 276 17.66 -32.97 -23.14
N THR B 277 16.33 -33.01 -23.09
CA THR B 277 15.54 -32.77 -24.31
C THR B 277 15.74 -31.33 -24.70
N ILE B 278 16.01 -30.48 -23.71
CA ILE B 278 16.11 -29.03 -24.04
C ILE B 278 17.33 -28.85 -24.93
N GLU B 279 18.50 -29.32 -24.48
CA GLU B 279 19.74 -29.13 -25.26
C GLU B 279 19.67 -29.93 -26.56
N GLN B 280 19.38 -31.23 -26.46
CA GLN B 280 19.36 -32.10 -27.67
C GLN B 280 18.45 -31.50 -28.74
N LEU B 281 17.61 -30.53 -28.40
CA LEU B 281 16.81 -29.84 -29.45
C LEU B 281 17.49 -28.49 -29.71
N ILE B 282 17.79 -27.77 -28.63
CA ILE B 282 18.43 -26.43 -28.76
C ILE B 282 19.63 -26.51 -29.72
N ALA B 283 20.35 -27.64 -29.75
CA ALA B 283 21.58 -27.66 -30.59
C ALA B 283 21.27 -27.27 -32.04
N GLU B 284 20.20 -27.81 -32.62
CA GLU B 284 19.91 -27.55 -34.05
C GLU B 284 18.98 -26.33 -34.19
N ASP B 285 18.19 -26.04 -33.17
CA ASP B 285 17.22 -24.91 -33.23
C ASP B 285 18.00 -23.64 -32.87
N GLU B 286 19.33 -23.72 -32.88
CA GLU B 286 20.18 -22.55 -32.56
C GLU B 286 19.68 -21.95 -31.24
N THR B 287 19.41 -20.64 -31.24
CA THR B 287 18.94 -20.00 -30.00
C THR B 287 17.44 -20.10 -29.94
N LEU B 288 16.92 -20.98 -29.08
CA LEU B 288 15.47 -21.08 -28.85
C LEU B 288 15.30 -20.82 -27.35
N ASP B 289 14.41 -19.91 -26.97
CA ASP B 289 14.31 -19.53 -25.52
C ASP B 289 14.09 -20.78 -24.67
N ALA B 290 14.65 -20.80 -23.46
CA ALA B 290 14.41 -21.92 -22.56
C ALA B 290 12.97 -21.92 -22.05
N ASN B 291 12.52 -20.82 -21.43
CA ASN B 291 11.14 -20.70 -20.96
C ASN B 291 10.14 -21.30 -21.94
N GLU B 292 10.38 -21.11 -23.24
CA GLU B 292 9.47 -21.64 -24.25
C GLU B 292 9.49 -23.16 -24.25
N LEU B 293 10.70 -23.74 -24.24
CA LEU B 293 10.82 -25.19 -24.27
C LEU B 293 10.27 -25.78 -22.98
N GLY B 294 10.47 -25.07 -21.87
CA GLY B 294 9.94 -25.51 -20.59
C GLY B 294 8.43 -25.54 -20.60
N GLU B 295 7.82 -24.54 -21.24
CA GLU B 295 6.38 -24.53 -21.38
C GLU B 295 5.92 -25.74 -22.20
N ILE B 296 6.55 -25.96 -23.36
CA ILE B 296 6.11 -27.08 -24.20
C ILE B 296 6.21 -28.38 -23.40
N LEU B 297 7.23 -28.47 -22.54
CA LEU B 297 7.46 -29.70 -21.78
C LEU B 297 6.38 -29.85 -20.72
N HIS B 298 6.13 -28.78 -19.96
CA HIS B 298 5.06 -28.81 -18.96
C HIS B 298 3.76 -29.29 -19.60
N ALA B 299 3.41 -28.71 -20.74
CA ALA B 299 2.23 -29.14 -21.47
C ALA B 299 2.25 -30.66 -21.68
N ILE B 300 3.34 -31.16 -22.28
CA ILE B 300 3.45 -32.59 -22.58
C ILE B 300 3.19 -33.40 -21.32
N GLU B 301 3.89 -33.06 -20.24
CA GLU B 301 3.80 -33.72 -18.94
C GLU B 301 2.35 -33.76 -18.48
N LYS B 302 1.76 -32.58 -18.24
CA LYS B 302 0.36 -32.49 -17.82
C LYS B 302 -0.57 -33.33 -18.68
N ASN B 303 -0.26 -33.46 -19.98
CA ASN B 303 -1.09 -34.29 -20.84
C ASN B 303 -0.87 -35.77 -20.54
N VAL B 304 0.37 -36.14 -20.23
CA VAL B 304 0.64 -37.52 -19.84
C VAL B 304 -0.12 -37.87 -18.58
N VAL B 305 -0.11 -36.94 -17.60
CA VAL B 305 -0.79 -37.18 -16.33
C VAL B 305 -2.29 -37.32 -16.56
N ARG B 306 -2.86 -36.44 -17.39
CA ARG B 306 -4.28 -36.53 -17.71
C ARG B 306 -4.61 -37.88 -18.34
N SER B 307 -3.87 -38.24 -19.40
CA SER B 307 -4.14 -39.49 -20.08
C SER B 307 -4.07 -40.65 -19.11
N ARG B 308 -3.10 -40.64 -18.20
CA ARG B 308 -2.97 -41.75 -17.26
C ARG B 308 -4.18 -41.84 -16.35
N VAL B 309 -4.58 -40.70 -15.77
CA VAL B 309 -5.74 -40.69 -14.87
C VAL B 309 -6.99 -41.17 -15.60
N LEU B 310 -7.23 -40.63 -16.81
CA LEU B 310 -8.40 -41.03 -17.58
C LEU B 310 -8.34 -42.49 -18.01
N ALA B 311 -7.14 -43.05 -18.18
CA ALA B 311 -6.99 -44.46 -18.51
C ALA B 311 -7.20 -45.38 -17.32
N GLY B 312 -7.29 -44.83 -16.11
CA GLY B 312 -7.48 -45.63 -14.92
C GLY B 312 -6.23 -45.91 -14.12
N GLU B 313 -5.12 -45.28 -14.48
CA GLU B 313 -3.83 -45.59 -13.82
C GLU B 313 -3.72 -44.83 -12.50
N PRO B 314 -2.87 -45.27 -11.54
CA PRO B 314 -2.68 -44.59 -10.26
C PRO B 314 -2.42 -43.10 -10.49
N ARG B 315 -2.79 -42.27 -9.52
CA ARG B 315 -2.57 -40.82 -9.62
C ARG B 315 -1.09 -40.54 -9.33
N ILE B 316 -0.65 -39.29 -9.40
CA ILE B 316 0.79 -38.95 -9.26
C ILE B 316 1.34 -39.39 -7.90
N ASP B 317 0.50 -39.69 -6.92
CA ASP B 317 0.94 -40.05 -5.55
C ASP B 317 0.69 -41.53 -5.31
N GLY B 318 0.20 -42.24 -6.33
CA GLY B 318 -0.05 -43.67 -6.21
C GLY B 318 -1.44 -43.96 -5.74
N ARG B 319 -2.25 -42.94 -5.51
CA ARG B 319 -3.59 -43.15 -4.93
C ARG B 319 -4.57 -43.53 -6.03
N GLU B 320 -5.69 -44.14 -5.67
CA GLU B 320 -6.75 -44.44 -6.64
C GLU B 320 -7.71 -43.26 -6.60
N LYS B 321 -8.74 -43.27 -7.42
CA LYS B 321 -9.64 -42.09 -7.54
C LYS B 321 -10.37 -41.81 -6.22
N ASP B 322 -10.67 -42.84 -5.45
CA ASP B 322 -11.52 -42.66 -4.24
C ASP B 322 -10.71 -42.66 -2.96
N MET B 323 -9.38 -42.68 -3.01
CA MET B 323 -8.58 -42.79 -1.78
C MET B 323 -8.34 -41.42 -1.18
N ILE B 324 -8.49 -41.30 0.14
CA ILE B 324 -8.22 -40.03 0.85
C ILE B 324 -6.84 -40.18 1.48
N ARG B 325 -6.05 -39.11 1.52
CA ARG B 325 -4.68 -39.16 2.07
C ARG B 325 -4.75 -39.43 3.56
N GLY B 326 -3.62 -39.70 4.20
CA GLY B 326 -3.57 -39.99 5.64
C GLY B 326 -4.10 -38.87 6.46
N LEU B 327 -4.73 -39.16 7.58
CA LEU B 327 -5.38 -38.19 8.46
C LEU B 327 -4.76 -38.24 9.84
N ASP B 328 -4.52 -37.05 10.41
CA ASP B 328 -4.05 -36.89 11.77
C ASP B 328 -4.86 -35.80 12.44
N VAL B 329 -5.40 -36.08 13.63
CA VAL B 329 -6.24 -35.12 14.33
C VAL B 329 -5.73 -34.98 15.75
N ARG B 330 -5.43 -33.74 16.15
CA ARG B 330 -5.01 -33.45 17.51
C ARG B 330 -5.84 -32.31 18.07
N THR B 331 -6.12 -32.36 19.36
CA THR B 331 -6.90 -31.32 20.03
C THR B 331 -6.17 -30.85 21.28
N GLY B 332 -6.42 -29.61 21.65
CA GLY B 332 -5.75 -29.02 22.82
C GLY B 332 -4.26 -28.84 22.65
N VAL B 333 -3.83 -28.45 21.45
CA VAL B 333 -2.40 -28.36 21.16
C VAL B 333 -1.76 -27.11 21.76
N LEU B 334 -2.54 -26.10 22.13
CA LEU B 334 -2.01 -24.85 22.64
C LEU B 334 -2.44 -24.66 24.08
N PRO B 335 -1.53 -24.32 24.99
CA PRO B 335 -1.88 -24.30 26.42
C PRO B 335 -2.90 -23.24 26.82
N ARG B 336 -2.81 -22.01 26.30
CA ARG B 336 -3.62 -20.91 26.82
C ARG B 336 -4.71 -20.44 25.86
N THR B 337 -5.05 -21.24 24.86
CA THR B 337 -6.18 -20.92 24.01
C THR B 337 -7.44 -21.61 24.54
N HIS B 338 -8.59 -20.94 24.33
CA HIS B 338 -9.85 -21.55 24.75
C HIS B 338 -10.08 -22.87 24.04
N GLY B 339 -9.80 -22.94 22.75
CA GLY B 339 -9.85 -24.20 22.03
C GLY B 339 -8.82 -24.24 20.92
N SER B 340 -8.22 -25.40 20.69
CA SER B 340 -7.22 -25.49 19.63
C SER B 340 -7.25 -26.90 19.04
N ALA B 341 -6.77 -26.99 17.81
CA ALA B 341 -6.73 -28.27 17.10
C ALA B 341 -5.75 -28.19 15.96
N LEU B 342 -5.09 -29.31 15.69
CA LEU B 342 -4.23 -29.47 14.53
C LEU B 342 -4.82 -30.56 13.65
N PHE B 343 -5.19 -30.19 12.42
CA PHE B 343 -5.76 -31.12 11.46
C PHE B 343 -4.78 -31.30 10.31
N THR B 344 -4.39 -32.55 10.04
CA THR B 344 -3.47 -32.86 8.96
C THR B 344 -4.11 -33.88 8.03
N ARG B 345 -4.16 -33.55 6.74
CA ARG B 345 -4.61 -34.48 5.70
C ARG B 345 -3.48 -34.58 4.69
N GLY B 346 -2.75 -35.69 4.69
CA GLY B 346 -1.62 -35.77 3.79
C GLY B 346 -0.62 -34.68 4.12
N GLU B 347 -0.48 -33.73 3.20
CA GLU B 347 0.48 -32.64 3.33
C GLU B 347 -0.22 -31.29 3.45
N THR B 348 -1.50 -31.28 3.77
CA THR B 348 -2.23 -30.06 4.07
C THR B 348 -2.49 -30.06 5.56
N GLN B 349 -1.97 -29.05 6.26
CA GLN B 349 -2.12 -28.99 7.70
C GLN B 349 -2.60 -27.61 8.11
N ALA B 350 -3.53 -27.59 9.06
CA ALA B 350 -4.12 -26.37 9.58
C ALA B 350 -4.12 -26.40 11.10
N LEU B 351 -3.64 -25.31 11.70
CA LEU B 351 -3.71 -25.08 13.13
C LEU B 351 -4.84 -24.10 13.40
N VAL B 352 -5.92 -24.56 14.03
CA VAL B 352 -7.14 -23.79 14.20
C VAL B 352 -7.37 -23.54 15.68
N THR B 353 -7.73 -22.30 16.02
CA THR B 353 -8.02 -21.92 17.40
C THR B 353 -9.39 -21.26 17.47
N ALA B 354 -10.04 -21.44 18.62
CA ALA B 354 -11.34 -20.85 18.91
C ALA B 354 -11.25 -20.06 20.21
N THR B 355 -11.75 -18.82 20.18
CA THR B 355 -11.74 -17.91 21.30
C THR B 355 -13.16 -17.45 21.61
N LEU B 356 -13.49 -17.39 22.90
CA LEU B 356 -14.81 -16.98 23.36
C LEU B 356 -14.73 -15.58 23.97
N GLY B 357 -15.67 -14.72 23.55
CA GLY B 357 -15.71 -13.34 24.06
C GLY B 357 -17.15 -12.93 24.35
N THR B 358 -17.36 -11.70 24.83
CA THR B 358 -18.71 -11.24 25.19
C THR B 358 -19.43 -10.74 23.96
N ALA B 359 -20.73 -10.50 24.06
CA ALA B 359 -21.52 -9.97 22.93
C ALA B 359 -20.90 -8.68 22.43
N ARG B 360 -20.29 -7.89 23.32
CA ARG B 360 -19.61 -6.64 22.91
C ARG B 360 -18.53 -6.96 21.87
N ASP B 361 -17.73 -8.01 22.11
CA ASP B 361 -16.61 -8.35 21.20
C ASP B 361 -17.13 -8.68 19.79
N ALA B 362 -18.44 -8.58 19.56
CA ALA B 362 -18.92 -8.99 18.24
C ALA B 362 -18.70 -7.88 17.23
N GLN B 363 -18.45 -8.27 15.98
CA GLN B 363 -18.12 -7.28 14.95
C GLN B 363 -19.37 -6.61 14.41
N VAL B 364 -19.36 -5.28 14.41
CA VAL B 364 -20.47 -4.48 13.89
C VAL B 364 -20.11 -4.00 12.50
N LEU B 365 -20.85 -4.46 11.49
CA LEU B 365 -20.60 -4.14 10.09
C LEU B 365 -21.69 -3.21 9.60
N ASP B 366 -21.30 -2.04 9.10
CA ASP B 366 -22.23 -1.11 8.46
C ASP B 366 -22.26 -1.43 6.98
N GLU B 367 -23.35 -2.04 6.52
CA GLU B 367 -23.47 -2.54 5.16
C GLU B 367 -24.63 -1.87 4.43
N LEU B 368 -24.59 -1.97 3.09
CA LEU B 368 -25.62 -1.38 2.26
C LEU B 368 -26.99 -1.96 2.58
N MET B 369 -27.05 -3.25 2.90
CA MET B 369 -28.32 -3.87 3.28
C MET B 369 -28.83 -3.35 4.62
N GLY B 370 -27.94 -2.85 5.46
CA GLY B 370 -28.31 -2.33 6.76
C GLY B 370 -27.26 -2.71 7.78
N GLU B 371 -27.28 -2.01 8.90
CA GLU B 371 -26.36 -2.30 9.99
C GLU B 371 -26.57 -3.74 10.44
N ARG B 372 -25.47 -4.43 10.77
CA ARG B 372 -25.60 -5.82 11.15
C ARG B 372 -24.46 -6.21 12.09
N THR B 373 -24.78 -7.04 13.09
CA THR B 373 -23.80 -7.49 14.07
C THR B 373 -23.55 -8.97 13.87
N ASP B 374 -22.28 -9.34 13.76
CA ASP B 374 -21.87 -10.72 13.54
C ASP B 374 -21.17 -11.19 14.81
N SER B 375 -21.73 -12.23 15.43
CA SER B 375 -21.19 -12.82 16.65
C SER B 375 -20.24 -13.97 16.38
N PHE B 376 -20.10 -14.40 15.13
CA PHE B 376 -19.16 -15.47 14.77
C PHE B 376 -18.20 -14.93 13.73
N LEU B 377 -16.90 -15.01 14.04
CA LEU B 377 -15.86 -14.48 13.18
C LEU B 377 -14.95 -15.61 12.74
N PHE B 378 -14.62 -15.64 11.45
CA PHE B 378 -13.70 -16.63 10.91
C PHE B 378 -12.58 -15.89 10.20
N HIS B 379 -11.34 -16.10 10.63
CA HIS B 379 -10.17 -15.48 10.03
C HIS B 379 -9.20 -16.56 9.59
N TYR B 380 -8.79 -16.50 8.33
CA TYR B 380 -7.92 -17.47 7.71
C TYR B 380 -6.58 -16.82 7.40
N ASN B 381 -5.48 -17.51 7.74
CA ASN B 381 -4.14 -17.02 7.46
C ASN B 381 -3.39 -18.05 6.63
N PHE B 382 -2.91 -17.63 5.46
CA PHE B 382 -2.11 -18.48 4.57
C PHE B 382 -0.70 -17.91 4.52
N PRO B 383 0.20 -18.37 5.39
CA PRO B 383 1.56 -17.82 5.41
C PRO B 383 2.37 -18.31 4.22
N PRO B 384 3.43 -17.59 3.85
CA PRO B 384 4.24 -18.04 2.71
C PRO B 384 4.96 -19.36 2.94
N TYR B 385 5.21 -19.76 4.20
CA TYR B 385 5.96 -20.97 4.44
C TYR B 385 5.11 -22.23 4.28
N SER B 386 3.80 -22.09 4.13
CA SER B 386 2.94 -23.26 3.96
C SER B 386 3.30 -24.02 2.70
N VAL B 387 3.73 -23.32 1.65
CA VAL B 387 4.09 -23.93 0.39
C VAL B 387 5.61 -24.00 0.23
N GLY B 388 6.35 -23.83 1.31
CA GLY B 388 7.81 -23.84 1.24
C GLY B 388 8.40 -22.69 0.45
N GLU B 389 7.86 -21.50 0.60
CA GLU B 389 8.28 -20.35 -0.19
C GLU B 389 8.46 -19.14 0.71
N THR B 390 9.13 -18.13 0.17
CA THR B 390 9.33 -16.86 0.85
C THR B 390 8.36 -15.84 0.26
N GLY B 391 7.98 -14.84 1.04
CA GLY B 391 7.03 -13.86 0.57
C GLY B 391 6.64 -12.91 1.69
N MET B 392 5.59 -12.14 1.41
CA MET B 392 5.12 -11.11 2.32
C MET B 392 4.10 -11.70 3.28
N VAL B 393 4.31 -11.52 4.57
CA VAL B 393 3.41 -12.07 5.59
C VAL B 393 2.41 -11.00 5.99
N GLY B 394 1.24 -11.44 6.43
CA GLY B 394 0.21 -10.53 6.91
C GLY B 394 -0.62 -9.86 5.84
N SER B 395 -0.43 -10.23 4.58
CA SER B 395 -1.20 -9.66 3.47
C SER B 395 -2.27 -10.65 3.03
N PRO B 396 -3.53 -10.48 3.44
CA PRO B 396 -4.57 -11.48 3.11
C PRO B 396 -4.96 -11.43 1.64
N LYS B 397 -3.97 -11.63 0.79
CA LYS B 397 -4.13 -11.55 -0.65
C LYS B 397 -3.85 -12.88 -1.35
N ARG B 398 -3.50 -13.91 -0.58
CA ARG B 398 -3.34 -15.27 -1.08
C ARG B 398 -4.71 -15.95 -1.10
N ARG B 399 -5.72 -15.34 -1.73
CA ARG B 399 -7.08 -15.90 -1.74
C ARG B 399 -7.55 -16.28 -0.34
N GLU B 400 -7.00 -15.60 0.67
CA GLU B 400 -7.39 -15.86 2.06
C GLU B 400 -8.83 -15.43 2.33
N ILE B 401 -9.30 -14.35 1.69
CA ILE B 401 -10.67 -13.90 1.88
C ILE B 401 -11.67 -14.95 1.39
N GLY B 402 -11.46 -15.45 0.18
CA GLY B 402 -12.39 -16.41 -0.39
C GLY B 402 -12.39 -17.71 0.37
N HIS B 403 -11.21 -18.13 0.78
CA HIS B 403 -11.06 -19.44 1.44
C HIS B 403 -11.55 -19.36 2.87
N GLY B 404 -11.50 -18.18 3.46
CA GLY B 404 -11.99 -17.99 4.82
C GLY B 404 -13.47 -17.82 4.86
N ARG B 405 -14.10 -17.48 3.75
CA ARG B 405 -15.57 -17.36 3.69
C ARG B 405 -16.14 -18.72 3.36
N LEU B 406 -15.42 -19.53 2.60
CA LEU B 406 -15.90 -20.90 2.28
C LEU B 406 -15.81 -21.73 3.56
N ALA B 407 -14.84 -21.45 4.41
CA ALA B 407 -14.74 -22.20 5.65
C ALA B 407 -15.77 -21.73 6.66
N LYS B 408 -16.03 -20.42 6.70
CA LYS B 408 -17.08 -19.91 7.58
C LYS B 408 -18.41 -20.48 7.13
N ARG B 409 -18.64 -20.56 5.82
CA ARG B 409 -19.90 -21.05 5.31
C ARG B 409 -20.07 -22.51 5.65
N GLY B 410 -18.94 -23.21 5.80
CA GLY B 410 -18.98 -24.61 6.14
C GLY B 410 -19.31 -24.84 7.60
N VAL B 411 -18.93 -23.90 8.47
CA VAL B 411 -19.15 -24.08 9.90
C VAL B 411 -20.42 -23.39 10.42
N LEU B 412 -20.96 -22.41 9.70
CA LEU B 412 -22.12 -21.66 10.19
C LEU B 412 -23.35 -22.52 10.45
N ALA B 413 -23.55 -23.58 9.66
CA ALA B 413 -24.79 -24.34 9.78
C ALA B 413 -24.89 -25.04 11.13
N VAL B 414 -23.75 -25.40 11.73
CA VAL B 414 -23.78 -26.17 12.97
C VAL B 414 -23.52 -25.30 14.19
N MET B 415 -23.39 -23.99 14.01
CA MET B 415 -23.15 -23.11 15.14
C MET B 415 -24.42 -22.97 15.99
N PRO B 416 -24.30 -22.88 17.30
CA PRO B 416 -25.48 -22.78 18.16
C PRO B 416 -26.20 -21.46 18.00
N ASP B 417 -27.48 -21.48 18.33
CA ASP B 417 -28.29 -20.27 18.31
C ASP B 417 -27.88 -19.34 19.44
N MET B 418 -28.19 -18.05 19.26
CA MET B 418 -27.80 -17.05 20.24
C MET B 418 -28.49 -17.24 21.58
N ASP B 419 -29.65 -17.88 21.62
CA ASP B 419 -30.34 -18.10 22.88
C ASP B 419 -29.83 -19.32 23.63
N LYS B 420 -29.01 -20.16 23.01
CA LYS B 420 -28.29 -21.22 23.73
C LYS B 420 -26.87 -20.82 24.08
N PHE B 421 -26.16 -20.18 23.17
CA PHE B 421 -24.77 -19.76 23.37
C PHE B 421 -24.67 -18.28 23.06
N PRO B 422 -24.96 -17.42 24.04
CA PRO B 422 -24.91 -15.97 23.85
C PRO B 422 -23.51 -15.38 24.02
N TYR B 423 -22.53 -15.99 23.34
CA TYR B 423 -21.15 -15.56 23.40
C TYR B 423 -20.64 -15.31 21.99
N THR B 424 -19.64 -14.44 21.88
CA THR B 424 -18.96 -14.19 20.62
C THR B 424 -17.86 -15.24 20.43
N VAL B 425 -17.83 -15.85 19.25
CA VAL B 425 -16.85 -16.88 18.94
C VAL B 425 -16.00 -16.41 17.78
N ARG B 426 -14.67 -16.48 17.95
CA ARG B 426 -13.72 -16.15 16.90
C ARG B 426 -12.86 -17.36 16.63
N VAL B 427 -12.89 -17.83 15.38
CA VAL B 427 -12.11 -18.98 14.95
C VAL B 427 -11.04 -18.49 14.00
N VAL B 428 -9.79 -18.78 14.34
CA VAL B 428 -8.63 -18.39 13.53
C VAL B 428 -7.95 -19.66 13.05
N SER B 429 -7.76 -19.76 11.73
CA SER B 429 -7.13 -20.90 11.11
C SER B 429 -5.79 -20.46 10.54
N GLU B 430 -4.73 -21.18 10.91
CA GLU B 430 -3.39 -20.96 10.41
C GLU B 430 -3.04 -22.13 9.50
N ILE B 431 -2.75 -21.86 8.23
CA ILE B 431 -2.43 -22.93 7.30
C ILE B 431 -0.93 -23.18 7.41
N THR B 432 -0.57 -24.24 8.12
CA THR B 432 0.84 -24.55 8.31
C THR B 432 1.40 -25.29 7.10
N GLU B 433 0.60 -26.09 6.42
CA GLU B 433 1.06 -26.74 5.20
C GLU B 433 -0.08 -26.75 4.18
N SER B 434 0.29 -26.78 2.90
CA SER B 434 -0.72 -26.76 1.84
C SER B 434 -0.23 -27.56 0.65
N ASN B 435 -1.01 -28.58 0.28
CA ASN B 435 -0.80 -29.40 -0.90
C ASN B 435 -2.15 -30.03 -1.22
N GLY B 436 -3.15 -29.19 -1.33
CA GLY B 436 -4.54 -29.61 -1.48
C GLY B 436 -5.40 -28.44 -1.05
N SER B 437 -6.59 -28.74 -0.56
CA SER B 437 -7.50 -27.67 -0.16
C SER B 437 -7.35 -27.41 1.33
N SER B 438 -6.77 -26.26 1.63
CA SER B 438 -6.59 -25.82 3.01
C SER B 438 -7.91 -25.28 3.55
N SER B 439 -8.76 -24.78 2.66
CA SER B 439 -10.06 -24.25 3.06
C SER B 439 -10.91 -25.33 3.71
N MET B 440 -10.70 -26.60 3.36
CA MET B 440 -11.52 -27.68 3.90
C MET B 440 -10.88 -28.27 5.14
N ALA B 441 -9.56 -28.12 5.25
CA ALA B 441 -8.87 -28.52 6.47
C ALA B 441 -9.23 -27.53 7.55
N SER B 442 -9.45 -26.27 7.15
CA SER B 442 -9.87 -25.25 8.10
C SER B 442 -11.26 -25.55 8.63
N VAL B 443 -12.13 -26.15 7.81
CA VAL B 443 -13.47 -26.51 8.27
C VAL B 443 -13.40 -27.65 9.28
N CYS B 444 -12.55 -28.64 9.01
CA CYS B 444 -12.43 -29.74 9.97
C CYS B 444 -11.71 -29.30 11.24
N GLY B 445 -10.73 -28.40 11.12
CA GLY B 445 -10.05 -27.90 12.31
C GLY B 445 -10.93 -26.95 13.10
N ALA B 446 -11.74 -26.13 12.42
CA ALA B 446 -12.69 -25.29 13.12
C ALA B 446 -13.68 -26.13 13.91
N SER B 447 -14.18 -27.21 13.32
CA SER B 447 -15.10 -28.07 14.07
C SER B 447 -14.41 -28.69 15.29
N LEU B 448 -13.17 -29.17 15.12
CA LEU B 448 -12.46 -29.77 16.25
C LEU B 448 -12.18 -28.74 17.33
N ALA B 449 -11.77 -27.53 16.95
CA ALA B 449 -11.45 -26.50 17.93
C ALA B 449 -12.69 -26.01 18.65
N LEU B 450 -13.82 -25.89 17.94
CA LEU B 450 -15.05 -25.49 18.58
C LEU B 450 -15.51 -26.52 19.59
N MET B 451 -15.39 -27.81 19.25
CA MET B 451 -15.70 -28.82 20.25
C MET B 451 -14.71 -28.78 21.42
N ASP B 452 -13.43 -28.51 21.13
CA ASP B 452 -12.44 -28.39 22.20
C ASP B 452 -12.73 -27.19 23.10
N ALA B 453 -13.16 -26.07 22.51
CA ALA B 453 -13.43 -24.86 23.28
C ALA B 453 -14.70 -24.98 24.12
N GLY B 454 -15.47 -26.04 23.97
CA GLY B 454 -16.70 -26.20 24.71
C GLY B 454 -17.92 -25.57 24.06
N VAL B 455 -17.80 -25.06 22.86
CA VAL B 455 -18.93 -24.48 22.14
C VAL B 455 -19.87 -25.61 21.75
N PRO B 456 -21.14 -25.57 22.16
CA PRO B 456 -22.05 -26.65 21.76
C PRO B 456 -22.52 -26.48 20.33
N ILE B 457 -21.97 -27.27 19.43
CA ILE B 457 -22.36 -27.21 18.02
C ILE B 457 -23.32 -28.35 17.74
N LYS B 458 -24.17 -28.15 16.73
CA LYS B 458 -25.21 -29.13 16.42
C LYS B 458 -24.58 -30.46 15.99
N ALA B 459 -23.54 -30.41 15.17
CA ALA B 459 -22.84 -31.62 14.74
C ALA B 459 -21.45 -31.24 14.26
N ALA B 460 -20.59 -32.24 14.15
CA ALA B 460 -19.25 -32.04 13.62
C ALA B 460 -19.30 -31.96 12.10
N VAL B 461 -18.56 -31.02 11.54
CA VAL B 461 -18.54 -30.81 10.09
C VAL B 461 -17.13 -31.04 9.57
N ALA B 462 -17.05 -31.55 8.35
CA ALA B 462 -15.79 -31.73 7.65
C ALA B 462 -16.01 -31.34 6.19
N GLY B 463 -14.92 -31.11 5.48
CA GLY B 463 -14.99 -30.74 4.08
C GLY B 463 -13.99 -31.51 3.25
N ILE B 464 -14.32 -31.69 1.97
CA ILE B 464 -13.46 -32.39 1.04
C ILE B 464 -13.42 -31.61 -0.27
N ALA B 465 -12.23 -31.54 -0.86
CA ALA B 465 -12.06 -30.94 -2.18
C ALA B 465 -11.87 -32.04 -3.21
N MET B 466 -12.68 -32.00 -4.25
CA MET B 466 -12.71 -33.02 -5.28
C MET B 466 -12.48 -32.39 -6.64
N GLY B 467 -12.34 -33.25 -7.64
CA GLY B 467 -12.15 -32.78 -9.00
C GLY B 467 -12.71 -33.80 -9.96
N LEU B 468 -13.08 -33.34 -11.15
CA LEU B 468 -13.54 -34.22 -12.19
C LEU B 468 -12.76 -33.92 -13.47
N VAL B 469 -12.26 -34.98 -14.09
CA VAL B 469 -11.56 -34.92 -15.37
C VAL B 469 -12.41 -35.65 -16.40
N LYS B 470 -12.71 -34.97 -17.51
CA LYS B 470 -13.57 -35.52 -18.55
C LYS B 470 -12.90 -35.42 -19.92
N GLU B 471 -13.04 -36.49 -20.71
CA GLU B 471 -12.57 -36.51 -22.11
C GLU B 471 -13.61 -37.26 -22.93
N GLY B 472 -14.59 -36.53 -23.45
CA GLY B 472 -15.66 -37.16 -24.20
C GLY B 472 -16.75 -37.62 -23.25
N ASP B 473 -17.16 -38.87 -23.39
CA ASP B 473 -18.12 -39.49 -22.48
C ASP B 473 -17.45 -40.22 -21.34
N ASN B 474 -16.12 -40.18 -21.27
CA ASN B 474 -15.34 -40.78 -20.19
C ASN B 474 -15.01 -39.70 -19.16
N TYR B 475 -15.17 -40.04 -17.89
CA TYR B 475 -14.85 -39.08 -16.83
C TYR B 475 -14.47 -39.84 -15.57
N VAL B 476 -13.60 -39.22 -14.78
CA VAL B 476 -13.15 -39.76 -13.50
C VAL B 476 -13.29 -38.69 -12.44
N VAL B 477 -13.88 -39.07 -11.30
CA VAL B 477 -14.02 -38.17 -10.14
C VAL B 477 -12.91 -38.50 -9.16
N LEU B 478 -12.08 -37.52 -8.85
CA LEU B 478 -10.91 -37.74 -7.98
C LEU B 478 -11.13 -37.10 -6.61
N SER B 479 -10.97 -37.88 -5.54
CA SER B 479 -11.17 -37.39 -4.16
C SER B 479 -9.89 -36.78 -3.62
N ASP B 480 -9.97 -35.88 -2.64
CA ASP B 480 -8.78 -35.20 -2.08
C ASP B 480 -7.81 -34.84 -3.20
N ILE B 481 -8.19 -33.91 -4.04
CA ILE B 481 -7.30 -33.44 -5.14
C ILE B 481 -6.08 -32.77 -4.50
N LEU B 482 -4.91 -32.91 -5.10
CA LEU B 482 -3.68 -32.29 -4.60
C LEU B 482 -3.52 -30.95 -5.31
N GLY B 483 -2.54 -30.15 -4.89
CA GLY B 483 -2.32 -28.83 -5.50
C GLY B 483 -1.69 -28.98 -6.88
N ASP B 484 -1.06 -30.13 -7.12
CA ASP B 484 -0.37 -30.38 -8.41
C ASP B 484 -1.41 -30.77 -9.48
N GLU B 485 -2.46 -31.46 -9.07
CA GLU B 485 -3.48 -31.93 -10.05
C GLU B 485 -4.50 -30.81 -10.32
N ASP B 486 -4.16 -29.55 -10.04
CA ASP B 486 -5.12 -28.50 -10.37
C ASP B 486 -5.48 -28.53 -11.85
N HIS B 487 -4.51 -28.86 -12.71
CA HIS B 487 -4.76 -28.86 -14.14
C HIS B 487 -5.76 -29.93 -14.54
N LEU B 488 -5.99 -30.92 -13.68
CA LEU B 488 -6.84 -32.04 -13.98
C LEU B 488 -8.28 -31.76 -13.59
N GLY B 489 -8.59 -30.52 -13.25
CA GLY B 489 -9.91 -30.18 -12.78
C GLY B 489 -10.79 -29.56 -13.84
N ASP B 490 -11.53 -30.38 -14.59
CA ASP B 490 -12.52 -29.82 -15.49
C ASP B 490 -13.67 -29.28 -14.67
N MET B 491 -14.01 -29.97 -13.59
CA MET B 491 -14.93 -29.45 -12.60
C MET B 491 -14.17 -29.54 -11.30
N ASP B 492 -13.93 -28.42 -10.66
CA ASP B 492 -13.24 -28.45 -9.37
C ASP B 492 -14.30 -28.09 -8.31
N PHE B 493 -14.66 -29.03 -7.45
CA PHE B 493 -15.70 -28.78 -6.46
C PHE B 493 -15.22 -29.01 -5.02
N LYS B 494 -15.81 -28.27 -4.08
CA LYS B 494 -15.47 -28.41 -2.64
C LYS B 494 -16.79 -28.55 -1.89
N VAL B 495 -16.94 -29.57 -1.05
CA VAL B 495 -18.22 -29.82 -0.35
C VAL B 495 -17.95 -29.99 1.15
N ALA B 496 -18.51 -29.13 1.98
CA ALA B 496 -18.41 -29.28 3.43
C ALA B 496 -19.77 -29.73 3.93
N GLY B 497 -19.81 -30.27 5.13
CA GLY B 497 -21.08 -30.68 5.69
C GLY B 497 -20.92 -31.59 6.85
N SER B 498 -22.02 -32.02 7.44
CA SER B 498 -22.00 -32.93 8.59
C SER B 498 -22.32 -34.31 8.09
N ARG B 499 -22.54 -35.22 9.00
CA ARG B 499 -22.88 -36.58 8.61
C ARG B 499 -24.25 -36.67 7.93
N ASP B 500 -25.09 -35.67 8.15
CA ASP B 500 -26.47 -35.73 7.61
C ASP B 500 -26.79 -34.51 6.73
N GLY B 501 -25.80 -33.86 6.14
CA GLY B 501 -26.16 -32.78 5.24
C GLY B 501 -25.03 -31.95 4.77
N ILE B 502 -25.24 -31.22 3.68
CA ILE B 502 -24.21 -30.31 3.11
C ILE B 502 -24.40 -28.93 3.75
N SER B 503 -23.33 -28.27 4.11
CA SER B 503 -23.37 -26.94 4.74
C SER B 503 -22.78 -25.92 3.78
N ALA B 504 -21.98 -26.36 2.82
CA ALA B 504 -21.38 -25.47 1.81
C ALA B 504 -21.04 -26.24 0.56
N LEU B 505 -21.19 -25.64 -0.60
CA LEU B 505 -20.85 -26.26 -1.89
C LEU B 505 -20.25 -25.20 -2.78
N GLN B 506 -19.01 -25.36 -3.21
CA GLN B 506 -18.44 -24.45 -4.22
C GLN B 506 -18.13 -25.30 -5.43
N MET B 507 -18.56 -24.90 -6.62
CA MET B 507 -18.21 -25.64 -7.86
C MET B 507 -17.65 -24.64 -8.85
N ASP B 508 -16.64 -25.02 -9.62
CA ASP B 508 -16.12 -24.16 -10.70
C ASP B 508 -15.89 -25.04 -11.94
N ILE B 509 -16.85 -25.09 -12.84
CA ILE B 509 -16.75 -25.90 -14.08
C ILE B 509 -16.06 -25.05 -15.17
N LYS B 510 -15.19 -25.65 -15.97
CA LYS B 510 -14.44 -24.94 -17.02
C LYS B 510 -14.74 -25.58 -18.38
N ILE B 511 -15.51 -26.66 -18.37
CA ILE B 511 -15.83 -27.37 -19.60
C ILE B 511 -17.34 -27.38 -19.79
N GLU B 512 -17.81 -28.04 -20.84
CA GLU B 512 -19.24 -28.20 -21.08
C GLU B 512 -19.53 -29.68 -21.21
N GLY B 513 -20.78 -30.06 -20.92
CA GLY B 513 -21.19 -31.45 -21.00
C GLY B 513 -21.38 -32.13 -19.67
N ILE B 514 -21.24 -31.43 -18.54
CA ILE B 514 -21.45 -32.00 -17.22
C ILE B 514 -22.94 -31.95 -16.93
N THR B 515 -23.60 -33.10 -17.02
CA THR B 515 -25.04 -33.19 -16.81
C THR B 515 -25.35 -33.28 -15.32
N LYS B 516 -26.61 -33.59 -15.00
CA LYS B 516 -27.01 -33.74 -13.61
C LYS B 516 -26.59 -35.08 -13.02
N GLU B 517 -26.58 -36.14 -13.84
CA GLU B 517 -26.14 -37.45 -13.36
C GLU B 517 -24.67 -37.42 -12.96
N ILE B 518 -23.85 -36.74 -13.76
CA ILE B 518 -22.43 -36.62 -13.44
C ILE B 518 -22.24 -35.91 -12.11
N MET B 519 -23.00 -34.82 -11.89
CA MET B 519 -22.87 -34.09 -10.64
C MET B 519 -23.39 -34.92 -9.46
N GLN B 520 -24.36 -35.78 -9.70
CA GLN B 520 -24.86 -36.65 -8.63
C GLN B 520 -23.79 -37.66 -8.24
N VAL B 521 -23.13 -38.25 -9.22
CA VAL B 521 -22.07 -39.22 -8.93
C VAL B 521 -20.91 -38.53 -8.23
N ALA B 522 -20.58 -37.35 -8.72
CA ALA B 522 -19.46 -36.59 -8.14
C ALA B 522 -19.75 -36.25 -6.69
N LEU B 523 -20.98 -35.88 -6.38
CA LEU B 523 -21.30 -35.43 -5.01
C LEU B 523 -21.61 -36.62 -4.13
N ASN B 524 -21.75 -37.81 -4.70
CA ASN B 524 -21.96 -39.03 -3.90
C ASN B 524 -20.59 -39.54 -3.48
N GLN B 525 -19.57 -39.35 -4.31
CA GLN B 525 -18.22 -39.74 -3.94
C GLN B 525 -17.67 -38.75 -2.93
N ALA B 526 -18.20 -37.52 -2.94
CA ALA B 526 -17.77 -36.53 -1.96
C ALA B 526 -18.47 -36.79 -0.65
N LYS B 527 -19.57 -37.53 -0.67
CA LYS B 527 -20.20 -37.93 0.57
C LYS B 527 -19.40 -39.04 1.21
N GLY B 528 -18.96 -40.01 0.42
CA GLY B 528 -18.15 -41.06 1.00
C GLY B 528 -16.89 -40.49 1.61
N ALA B 529 -16.31 -39.45 1.04
CA ALA B 529 -15.04 -38.90 1.55
C ALA B 529 -15.25 -38.14 2.85
N ARG B 530 -16.32 -37.39 2.98
CA ARG B 530 -16.60 -36.60 4.18
C ARG B 530 -16.94 -37.56 5.32
N LEU B 531 -17.70 -38.60 5.03
CA LEU B 531 -18.13 -39.53 6.10
C LEU B 531 -16.90 -40.28 6.58
N HIS B 532 -15.93 -40.51 5.71
CA HIS B 532 -14.69 -41.08 6.24
C HIS B 532 -13.92 -40.08 7.08
N ILE B 533 -13.80 -38.84 6.60
CA ILE B 533 -13.10 -37.83 7.38
C ILE B 533 -13.82 -37.60 8.71
N LEU B 534 -15.15 -37.57 8.67
CA LEU B 534 -15.94 -37.34 9.88
C LEU B 534 -15.80 -38.49 10.88
N GLY B 535 -15.68 -39.74 10.40
CA GLY B 535 -15.48 -40.82 11.34
C GLY B 535 -14.10 -40.77 11.98
N VAL B 536 -13.10 -40.32 11.23
CA VAL B 536 -11.78 -40.17 11.83
C VAL B 536 -11.80 -39.03 12.85
N MET B 537 -12.48 -37.93 12.52
CA MET B 537 -12.58 -36.82 13.46
C MET B 537 -13.37 -37.18 14.71
N GLU B 538 -14.40 -38.02 14.59
CA GLU B 538 -15.16 -38.41 15.77
C GLU B 538 -14.36 -39.35 16.65
N GLN B 539 -13.46 -40.15 16.07
CA GLN B 539 -12.63 -41.00 16.94
C GLN B 539 -11.74 -40.19 17.88
N ALA B 540 -11.51 -38.91 17.59
CA ALA B 540 -10.71 -38.07 18.47
C ALA B 540 -11.58 -37.33 19.49
N ILE B 541 -12.57 -36.58 19.02
CA ILE B 541 -13.51 -35.89 19.90
C ILE B 541 -14.91 -36.04 19.33
N ASN B 542 -15.86 -36.43 20.17
CA ASN B 542 -17.24 -36.65 19.75
C ASN B 542 -18.21 -35.60 20.27
N ALA B 543 -17.99 -35.08 21.48
CA ALA B 543 -18.86 -34.09 22.08
C ALA B 543 -18.01 -32.90 22.54
N PRO B 544 -18.60 -31.71 22.59
CA PRO B 544 -17.81 -30.55 23.05
C PRO B 544 -17.30 -30.71 24.47
N ARG B 545 -16.07 -30.26 24.69
CA ARG B 545 -15.38 -30.40 25.97
C ARG B 545 -15.95 -29.47 27.04
N MET C 1 31.14 27.68 17.00
CA MET C 1 29.69 27.75 17.27
C MET C 1 28.92 27.96 15.97
N LEU C 2 27.82 27.23 15.77
CA LEU C 2 27.00 27.39 14.54
C LEU C 2 26.70 28.89 14.33
N ASN C 3 26.95 29.40 13.12
CA ASN C 3 26.62 30.79 12.80
C ASN C 3 25.37 30.93 11.94
N PRO C 4 24.20 31.17 12.52
CA PRO C 4 22.98 31.38 11.70
C PRO C 4 22.90 32.76 11.07
N ILE C 5 22.51 32.80 9.79
CA ILE C 5 22.25 34.04 9.06
C ILE C 5 20.75 34.32 9.11
N VAL C 6 20.39 35.41 9.82
CA VAL C 6 19.00 35.79 10.06
C VAL C 6 18.71 37.11 9.35
N ARG C 7 17.63 37.13 8.56
CA ARG C 7 17.17 38.34 7.87
C ARG C 7 15.70 38.57 8.17
N LYS C 8 15.39 39.72 8.77
CA LYS C 8 14.01 40.10 9.11
C LYS C 8 13.50 41.19 8.18
N PHE C 9 12.21 41.10 7.85
CA PHE C 9 11.57 42.15 7.06
C PHE C 9 10.10 42.25 7.47
N GLN C 10 9.47 43.36 7.10
CA GLN C 10 8.07 43.61 7.41
C GLN C 10 7.20 43.22 6.21
N TYR C 11 6.29 42.26 6.43
CA TYR C 11 5.32 41.85 5.43
C TYR C 11 3.93 42.23 5.91
N GLY C 12 3.42 43.35 5.39
CA GLY C 12 2.12 43.83 5.80
C GLY C 12 2.11 44.14 7.28
N GLN C 13 1.26 43.44 8.03
CA GLN C 13 1.15 43.65 9.46
C GLN C 13 2.01 42.69 10.26
N HIS C 14 2.78 41.84 9.60
CA HIS C 14 3.58 40.82 10.26
C HIS C 14 5.06 41.08 10.02
N THR C 15 5.89 40.36 10.77
CA THR C 15 7.34 40.39 10.61
C THR C 15 7.79 38.99 10.22
N VAL C 16 8.46 38.88 9.08
CA VAL C 16 8.94 37.60 8.57
C VAL C 16 10.44 37.51 8.79
N THR C 17 10.86 36.39 9.37
CA THR C 17 12.26 36.09 9.65
C THR C 17 12.68 34.90 8.82
N LEU C 18 13.79 35.05 8.10
CA LEU C 18 14.38 33.98 7.31
C LEU C 18 15.71 33.61 7.96
N GLU C 19 15.88 32.35 8.30
CA GLU C 19 17.12 31.92 8.96
C GLU C 19 17.72 30.76 8.19
N THR C 20 18.98 30.91 7.77
CA THR C 20 19.65 29.85 7.03
C THR C 20 21.06 29.67 7.59
N GLY C 21 21.61 28.47 7.36
CA GLY C 21 22.99 28.19 7.67
C GLY C 21 23.24 27.44 8.96
N MET C 22 22.19 27.00 9.66
CA MET C 22 22.39 26.41 10.99
C MET C 22 21.72 25.06 11.14
N MET C 23 20.60 24.85 10.45
CA MET C 23 19.76 23.69 10.75
C MET C 23 20.14 22.44 9.95
N ALA C 24 20.02 22.49 8.62
CA ALA C 24 20.29 21.33 7.79
C ALA C 24 21.40 21.69 6.80
N ARG C 25 22.63 21.32 7.13
CA ARG C 25 23.78 21.71 6.33
C ARG C 25 24.21 20.65 5.32
N GLN C 26 23.59 19.47 5.34
CA GLN C 26 23.89 18.42 4.37
C GLN C 26 22.88 18.39 3.24
N ALA C 27 21.96 19.33 3.22
CA ALA C 27 20.97 19.47 2.16
C ALA C 27 21.38 20.61 1.24
N THR C 28 20.84 20.59 0.02
CA THR C 28 21.22 21.62 -0.94
C THR C 28 20.86 23.01 -0.44
N ALA C 29 19.76 23.13 0.29
CA ALA C 29 19.43 24.38 0.96
C ALA C 29 18.40 24.12 2.06
N ALA C 30 18.46 24.92 3.11
CA ALA C 30 17.49 24.80 4.20
C ALA C 30 17.26 26.18 4.79
N VAL C 31 15.99 26.52 4.99
CA VAL C 31 15.62 27.83 5.54
C VAL C 31 14.47 27.63 6.53
N MET C 32 14.57 28.31 7.66
CA MET C 32 13.51 28.36 8.66
C MET C 32 12.82 29.71 8.55
N VAL C 33 11.58 29.70 8.05
CA VAL C 33 10.82 30.93 7.85
C VAL C 33 9.79 31.05 8.98
N SER C 34 9.75 32.22 9.62
CA SER C 34 8.76 32.46 10.67
C SER C 34 8.01 33.76 10.39
N MET C 35 6.68 33.72 10.49
CA MET C 35 5.83 34.89 10.40
C MET C 35 5.00 34.99 11.67
N ASP C 36 5.38 35.90 12.57
CA ASP C 36 4.62 36.17 13.80
C ASP C 36 4.31 34.88 14.57
N ASP C 37 5.33 34.06 14.77
CA ASP C 37 5.31 32.84 15.59
C ASP C 37 4.87 31.61 14.81
N THR C 38 4.49 31.72 13.55
CA THR C 38 4.25 30.52 12.76
C THR C 38 5.51 30.25 11.96
N ALA C 39 6.13 29.11 12.18
CA ALA C 39 7.40 28.76 11.57
C ALA C 39 7.30 27.46 10.80
N VAL C 40 7.93 27.46 9.63
CA VAL C 40 8.02 26.33 8.72
C VAL C 40 9.48 26.16 8.30
N PHE C 41 10.07 25.03 8.69
CA PHE C 41 11.38 24.62 8.21
C PHE C 41 11.24 24.00 6.82
N VAL C 42 11.88 24.58 5.81
CA VAL C 42 11.79 24.12 4.43
C VAL C 42 13.18 23.70 3.96
N THR C 43 13.28 22.50 3.40
CA THR C 43 14.53 21.98 2.88
C THR C 43 14.37 21.60 1.41
N VAL C 44 15.47 21.77 0.67
CA VAL C 44 15.54 21.42 -0.75
C VAL C 44 16.80 20.59 -0.97
N VAL C 45 16.64 19.42 -1.56
CA VAL C 45 17.74 18.55 -1.96
C VAL C 45 17.63 18.31 -3.45
N GLY C 46 18.67 18.66 -4.20
CA GLY C 46 18.69 18.41 -5.63
C GLY C 46 19.80 17.48 -6.05
N GLN C 47 19.46 16.43 -6.78
CA GLN C 47 20.47 15.50 -7.27
C GLN C 47 21.30 16.16 -8.37
N LYS C 48 22.62 16.08 -8.24
CA LYS C 48 23.48 16.80 -9.16
C LYS C 48 23.53 16.16 -10.54
N LYS C 49 23.36 14.84 -10.62
CA LYS C 49 23.41 14.11 -11.88
C LYS C 49 22.04 13.55 -12.21
N ALA C 50 21.61 13.75 -13.46
CA ALA C 50 20.36 13.18 -13.93
C ALA C 50 20.55 11.70 -14.26
N LYS C 51 19.52 10.91 -13.96
CA LYS C 51 19.57 9.49 -14.30
C LYS C 51 19.43 9.29 -15.80
N PRO C 52 20.15 8.35 -16.39
CA PRO C 52 20.12 8.18 -17.85
C PRO C 52 18.73 7.83 -18.35
N GLY C 53 18.35 8.43 -19.48
CA GLY C 53 17.04 8.22 -20.06
C GLY C 53 15.89 8.70 -19.20
N GLN C 54 15.95 9.96 -18.76
CA GLN C 54 14.87 10.59 -18.02
C GLN C 54 14.15 11.57 -18.93
N ASP C 55 12.82 11.51 -18.97
CA ASP C 55 12.04 12.31 -19.90
C ASP C 55 11.30 13.47 -19.26
N PHE C 56 10.83 13.34 -18.01
CA PHE C 56 10.06 14.40 -17.39
C PHE C 56 10.78 14.87 -16.14
N PHE C 57 10.49 16.10 -15.74
CA PHE C 57 11.09 16.66 -14.54
C PHE C 57 10.50 15.98 -13.31
N PRO C 58 11.30 15.30 -12.49
CA PRO C 58 10.80 14.67 -11.25
C PRO C 58 10.90 15.56 -10.00
N LEU C 59 9.96 16.48 -9.85
CA LEU C 59 9.91 17.35 -8.70
C LEU C 59 8.86 16.83 -7.72
N THR C 60 9.26 16.71 -6.45
CA THR C 60 8.36 16.30 -5.38
C THR C 60 8.31 17.37 -4.31
N VAL C 61 7.12 17.74 -3.86
CA VAL C 61 6.95 18.69 -2.77
C VAL C 61 6.13 18.00 -1.69
N ASN C 62 6.69 17.88 -0.49
CA ASN C 62 6.01 17.28 0.65
C ASN C 62 5.80 18.34 1.72
N TYR C 63 4.55 18.53 2.14
CA TYR C 63 4.22 19.45 3.22
C TYR C 63 3.73 18.63 4.40
N GLN C 64 4.27 18.92 5.58
CA GLN C 64 3.92 18.23 6.81
C GLN C 64 3.50 19.22 7.88
N GLU C 65 2.42 18.91 8.59
CA GLU C 65 1.98 19.66 9.76
C GLU C 65 2.24 18.80 10.98
N ARG C 66 3.04 19.33 11.91
CA ARG C 66 3.39 18.62 13.13
C ARG C 66 2.50 19.12 14.26
N THR C 67 1.87 18.18 14.97
CA THR C 67 0.88 18.55 15.98
C THR C 67 1.53 19.35 17.11
N TYR C 68 2.77 19.02 17.48
CA TYR C 68 3.43 19.72 18.58
C TYR C 68 3.56 21.22 18.30
N ALA C 69 3.52 21.62 17.02
CA ALA C 69 3.59 23.04 16.68
C ALA C 69 2.49 23.82 17.37
N ALA C 70 1.32 23.20 17.56
CA ALA C 70 0.20 23.83 18.24
C ALA C 70 0.18 23.52 19.73
N GLY C 71 1.20 22.86 20.24
CA GLY C 71 1.24 22.48 21.64
C GLY C 71 0.22 21.42 22.00
N ARG C 72 0.03 20.45 21.12
CA ARG C 72 -0.98 19.42 21.29
C ARG C 72 -0.38 18.05 20.96
N ILE C 73 -0.91 17.03 21.62
CA ILE C 73 -0.50 15.64 21.40
C ILE C 73 -1.49 15.01 20.42
N PRO C 74 -1.02 14.31 19.39
CA PRO C 74 -1.94 13.79 18.37
C PRO C 74 -3.01 12.88 18.97
N GLY C 75 -4.22 13.02 18.44
CA GLY C 75 -5.37 12.29 18.95
C GLY C 75 -5.70 11.00 18.22
N SER C 76 -4.86 10.58 17.28
CA SER C 76 -5.05 9.29 16.65
C SER C 76 -4.71 8.17 17.63
N PHE C 77 -5.09 6.95 17.27
CA PHE C 77 -4.89 5.82 18.18
C PHE C 77 -3.43 5.64 18.53
N PHE C 78 -2.54 5.83 17.56
CA PHE C 78 -1.10 5.70 17.79
C PHE C 78 -0.48 6.99 18.32
N ARG C 79 -1.28 8.05 18.44
CA ARG C 79 -0.84 9.34 18.99
C ARG C 79 0.38 9.88 18.24
N ARG C 80 0.43 9.63 16.94
CA ARG C 80 1.54 10.06 16.10
C ARG C 80 1.02 10.51 14.75
N GLU C 81 1.64 11.56 14.21
CA GLU C 81 1.24 12.08 12.91
C GLU C 81 1.36 10.98 11.85
N GLY C 82 0.32 10.80 11.05
CA GLY C 82 0.30 9.71 10.10
C GLY C 82 0.53 10.16 8.67
N ARG C 83 -0.25 9.59 7.74
CA ARG C 83 -0.09 9.88 6.33
C ARG C 83 -0.56 11.30 6.01
N PRO C 84 -0.03 11.91 4.96
CA PRO C 84 -0.47 13.26 4.58
C PRO C 84 -1.99 13.35 4.45
N SER C 85 -2.57 14.31 5.16
CA SER C 85 -4.00 14.55 5.08
C SER C 85 -4.34 15.29 3.80
N GLU C 86 -5.64 15.47 3.56
CA GLU C 86 -6.08 16.24 2.40
C GLU C 86 -5.49 17.63 2.42
N GLY C 87 -5.61 18.32 3.56
CA GLY C 87 -5.07 19.66 3.69
C GLY C 87 -3.59 19.73 3.35
N GLU C 88 -2.83 18.74 3.79
CA GLU C 88 -1.38 18.75 3.58
C GLU C 88 -1.08 18.50 2.11
N THR C 89 -1.86 17.65 1.47
CA THR C 89 -1.68 17.36 0.06
C THR C 89 -2.00 18.61 -0.75
N LEU C 90 -2.98 19.36 -0.30
CA LEU C 90 -3.42 20.53 -1.03
C LEU C 90 -2.40 21.65 -0.89
N ILE C 91 -1.83 21.82 0.30
CA ILE C 91 -0.81 22.85 0.48
C ILE C 91 0.46 22.46 -0.28
N ALA C 92 0.71 21.15 -0.44
CA ALA C 92 1.87 20.70 -1.21
C ALA C 92 1.65 21.00 -2.68
N ARG C 93 0.42 20.93 -3.17
CA ARG C 93 0.15 21.28 -4.58
C ARG C 93 0.13 22.80 -4.71
N LEU C 94 -0.32 23.51 -3.69
CA LEU C 94 -0.25 24.96 -3.77
C LEU C 94 1.18 25.44 -3.88
N ILE C 95 2.12 24.74 -3.23
CA ILE C 95 3.54 25.06 -3.38
C ILE C 95 4.09 24.55 -4.71
N ASP C 96 3.66 23.37 -5.15
CA ASP C 96 4.22 22.78 -6.36
C ASP C 96 3.81 23.54 -7.61
N ARG C 97 2.58 24.07 -7.65
CA ARG C 97 2.11 24.71 -8.87
C ARG C 97 2.99 25.89 -9.30
N PRO C 98 3.29 26.87 -8.44
CA PRO C 98 4.07 28.03 -8.90
C PRO C 98 5.52 27.74 -9.23
N VAL C 99 6.14 26.75 -8.57
CA VAL C 99 7.58 26.54 -8.72
C VAL C 99 7.91 25.68 -9.93
N ARG C 100 7.10 24.66 -10.24
CA ARG C 100 7.42 23.75 -11.34
C ARG C 100 7.74 24.50 -12.64
N PRO C 101 6.92 25.44 -13.11
CA PRO C 101 7.20 26.08 -14.40
C PRO C 101 8.47 26.91 -14.41
N LEU C 102 9.16 27.06 -13.28
CA LEU C 102 10.29 27.98 -13.20
C LEU C 102 11.61 27.23 -13.30
N PHE C 103 11.57 25.94 -13.60
CA PHE C 103 12.81 25.26 -13.89
C PHE C 103 12.98 25.21 -15.41
N PRO C 104 14.20 25.38 -15.93
CA PRO C 104 14.38 25.50 -17.38
C PRO C 104 14.15 24.20 -18.15
N GLU C 105 13.77 24.34 -19.43
CA GLU C 105 13.52 23.17 -20.27
C GLU C 105 14.76 22.30 -20.39
N GLY C 106 14.54 21.01 -20.19
CA GLY C 106 15.60 20.04 -20.19
C GLY C 106 16.15 19.71 -18.83
N PHE C 107 15.68 20.38 -17.78
CA PHE C 107 16.14 20.06 -16.44
C PHE C 107 15.34 18.87 -15.94
N VAL C 108 16.01 17.73 -15.79
CA VAL C 108 15.33 16.50 -15.40
C VAL C 108 15.99 15.88 -14.17
N ASN C 109 16.79 16.67 -13.46
CA ASN C 109 17.35 16.17 -12.20
C ASN C 109 16.29 16.15 -11.12
N GLU C 110 16.42 15.20 -10.20
CA GLU C 110 15.44 14.99 -9.16
C GLU C 110 15.57 16.08 -8.09
N VAL C 111 14.45 16.71 -7.76
CA VAL C 111 14.40 17.75 -6.74
C VAL C 111 13.27 17.43 -5.77
N GLN C 112 13.59 17.40 -4.48
CA GLN C 112 12.60 17.23 -3.42
C GLN C 112 12.62 18.45 -2.52
N VAL C 113 11.46 19.08 -2.36
CA VAL C 113 11.26 20.15 -1.40
C VAL C 113 10.40 19.60 -0.28
N ILE C 114 10.89 19.67 0.96
CA ILE C 114 10.14 19.25 2.12
C ILE C 114 9.95 20.45 3.03
N ALA C 115 8.69 20.77 3.32
CA ALA C 115 8.33 21.84 4.24
C ALA C 115 7.67 21.20 5.45
N THR C 116 8.20 21.47 6.63
CA THR C 116 7.66 20.95 7.88
C THR C 116 7.26 22.12 8.76
N VAL C 117 6.01 22.12 9.20
CA VAL C 117 5.53 23.17 10.10
C VAL C 117 5.99 22.83 11.51
N VAL C 118 6.67 23.79 12.14
CA VAL C 118 7.29 23.56 13.44
C VAL C 118 6.72 24.48 14.50
N SER C 119 6.03 25.56 14.13
CA SER C 119 5.38 26.41 15.12
C SER C 119 4.17 27.03 14.47
N VAL C 120 3.10 27.21 15.24
CA VAL C 120 1.86 27.75 14.68
C VAL C 120 1.27 28.79 15.62
N ASN C 121 1.02 29.98 15.09
CA ASN C 121 0.24 30.99 15.77
C ASN C 121 -1.17 30.83 15.21
N PRO C 122 -2.15 30.39 16.01
CA PRO C 122 -3.48 30.06 15.48
C PRO C 122 -4.06 31.05 14.48
N GLN C 123 -3.63 32.31 14.54
CA GLN C 123 -4.16 33.34 13.65
C GLN C 123 -3.40 33.47 12.34
N VAL C 124 -2.22 32.87 12.23
CA VAL C 124 -1.39 32.98 11.03
C VAL C 124 -1.37 31.64 10.32
N ASN C 125 -1.84 31.63 9.07
CA ASN C 125 -1.93 30.39 8.29
C ASN C 125 -0.54 29.98 7.83
N PRO C 126 -0.15 28.71 8.03
CA PRO C 126 1.21 28.29 7.65
C PRO C 126 1.44 28.11 6.16
N ASP C 127 0.41 28.17 5.33
CA ASP C 127 0.59 27.86 3.91
C ASP C 127 1.43 28.92 3.21
N ILE C 128 1.15 30.20 3.47
CA ILE C 128 1.91 31.27 2.84
C ILE C 128 3.36 31.25 3.33
N VAL C 129 3.55 30.97 4.62
CA VAL C 129 4.90 30.86 5.18
C VAL C 129 5.65 29.71 4.51
N ALA C 130 4.96 28.60 4.25
CA ALA C 130 5.60 27.47 3.61
C ALA C 130 5.97 27.77 2.16
N MET C 131 5.11 28.52 1.46
CA MET C 131 5.44 28.88 0.08
C MET C 131 6.62 29.85 0.03
N ILE C 132 6.65 30.82 0.95
CA ILE C 132 7.79 31.73 1.02
C ILE C 132 9.06 30.96 1.34
N GLY C 133 8.96 29.96 2.24
CA GLY C 133 10.13 29.18 2.59
C GLY C 133 10.62 28.33 1.44
N ALA C 134 9.70 27.78 0.64
CA ALA C 134 10.11 26.98 -0.50
C ALA C 134 10.77 27.85 -1.56
N SER C 135 10.26 29.08 -1.75
CA SER C 135 10.91 30.00 -2.67
C SER C 135 12.31 30.38 -2.19
N ALA C 136 12.45 30.65 -0.89
CA ALA C 136 13.75 31.04 -0.36
C ALA C 136 14.75 29.90 -0.45
N ALA C 137 14.31 28.68 -0.13
CA ALA C 137 15.21 27.54 -0.18
C ALA C 137 15.62 27.22 -1.61
N LEU C 138 14.67 27.23 -2.54
CA LEU C 138 15.00 26.97 -3.94
C LEU C 138 15.93 28.03 -4.50
N SER C 139 15.78 29.29 -4.07
CA SER C 139 16.66 30.34 -4.56
C SER C 139 18.05 30.28 -3.93
N LEU C 140 18.14 29.83 -2.67
CA LEU C 140 19.42 29.68 -2.01
C LEU C 140 20.20 28.45 -2.47
N SER C 141 19.53 27.48 -3.07
CA SER C 141 20.15 26.20 -3.35
C SER C 141 21.19 26.24 -4.48
N GLY C 142 21.08 27.20 -5.39
CA GLY C 142 21.95 27.22 -6.55
C GLY C 142 21.48 26.35 -7.69
N ILE C 143 20.40 25.60 -7.49
CA ILE C 143 19.75 24.83 -8.55
C ILE C 143 19.25 25.82 -9.58
N PRO C 144 19.20 25.48 -10.87
CA PRO C 144 18.71 26.45 -11.86
C PRO C 144 17.24 26.77 -11.69
N PHE C 145 16.95 27.70 -10.78
CA PHE C 145 15.61 28.18 -10.50
C PHE C 145 15.49 29.57 -11.10
N ASN C 146 14.49 29.77 -11.97
CA ASN C 146 14.46 30.96 -12.81
C ASN C 146 13.96 32.21 -12.11
N GLY C 147 13.91 32.22 -10.77
CA GLY C 147 13.62 33.43 -10.06
C GLY C 147 12.84 33.20 -8.78
N PRO C 148 13.12 34.03 -7.77
CA PRO C 148 12.36 33.94 -6.52
C PRO C 148 10.89 34.26 -6.77
N ILE C 149 10.02 33.48 -6.15
CA ILE C 149 8.59 33.77 -6.20
C ILE C 149 8.17 34.26 -4.83
N GLY C 150 7.07 35.00 -4.80
CA GLY C 150 6.45 35.37 -3.57
C GLY C 150 5.06 34.77 -3.54
N ALA C 151 4.34 35.09 -2.47
CA ALA C 151 2.98 34.61 -2.30
C ALA C 151 2.25 35.54 -1.34
N ALA C 152 0.95 35.67 -1.56
CA ALA C 152 0.12 36.50 -0.71
C ALA C 152 -1.28 35.93 -0.69
N ARG C 153 -1.97 36.13 0.44
CA ARG C 153 -3.38 35.84 0.54
C ARG C 153 -4.12 37.16 0.71
N VAL C 154 -5.13 37.36 -0.13
CA VAL C 154 -5.91 38.59 -0.17
C VAL C 154 -7.33 38.28 0.27
N GLY C 155 -7.86 39.14 1.14
CA GLY C 155 -9.24 39.08 1.55
C GLY C 155 -9.96 40.36 1.14
N TYR C 156 -11.27 40.32 1.27
CA TYR C 156 -12.14 41.45 0.89
C TYR C 156 -13.02 41.79 2.08
N ILE C 157 -12.61 42.78 2.86
CA ILE C 157 -13.33 43.20 4.05
C ILE C 157 -13.74 44.66 3.88
N ASN C 158 -15.02 44.94 4.08
CA ASN C 158 -15.57 46.30 3.96
C ASN C 158 -15.22 46.91 2.61
N ASP C 159 -15.34 46.10 1.56
CA ASP C 159 -15.06 46.53 0.18
C ASP C 159 -13.63 47.00 0.01
N GLN C 160 -12.72 46.50 0.84
CA GLN C 160 -11.30 46.82 0.74
C GLN C 160 -10.49 45.53 0.70
N TYR C 161 -9.35 45.59 0.01
CA TYR C 161 -8.44 44.46 -0.04
C TYR C 161 -7.55 44.45 1.18
N VAL C 162 -7.42 43.29 1.82
CA VAL C 162 -6.55 43.13 2.97
C VAL C 162 -5.53 42.06 2.66
N LEU C 163 -4.31 42.24 3.17
CA LEU C 163 -3.19 41.35 2.91
C LEU C 163 -3.02 40.40 4.07
N ASN C 164 -2.96 39.10 3.77
CA ASN C 164 -2.83 38.02 4.74
C ASN C 164 -3.82 38.22 5.89
N PRO C 165 -5.12 38.11 5.64
CA PRO C 165 -6.08 38.23 6.74
C PRO C 165 -5.94 37.08 7.73
N THR C 166 -6.04 37.40 9.01
CA THR C 166 -6.01 36.37 10.03
C THR C 166 -7.31 35.57 9.98
N GLN C 167 -7.35 34.48 10.75
CA GLN C 167 -8.53 33.62 10.73
C GLN C 167 -9.77 34.39 11.18
N ASP C 168 -9.60 35.33 12.11
CA ASP C 168 -10.73 36.13 12.57
C ASP C 168 -11.18 37.09 11.48
N GLU C 169 -10.23 37.77 10.83
CA GLU C 169 -10.56 38.60 9.68
C GLU C 169 -11.16 37.76 8.56
N LEU C 170 -10.61 36.56 8.34
CA LEU C 170 -11.10 35.70 7.27
C LEU C 170 -12.53 35.23 7.52
N LYS C 171 -12.96 35.18 8.78
CA LYS C 171 -14.34 34.79 9.06
C LYS C 171 -15.34 35.81 8.52
N GLU C 172 -14.96 37.10 8.48
CA GLU C 172 -15.84 38.14 7.98
C GLU C 172 -15.47 38.63 6.59
N SER C 173 -14.61 37.90 5.87
CA SER C 173 -14.16 38.31 4.55
C SER C 173 -14.98 37.60 3.48
N LYS C 174 -15.21 38.30 2.37
CA LYS C 174 -15.93 37.75 1.24
C LYS C 174 -15.00 37.14 0.20
N LEU C 175 -13.69 37.23 0.38
CA LEU C 175 -12.74 36.68 -0.57
C LEU C 175 -11.63 35.95 0.19
N ASP C 176 -11.11 34.89 -0.44
CA ASP C 176 -9.95 34.15 0.05
C ASP C 176 -9.12 33.79 -1.18
N LEU C 177 -8.22 34.68 -1.58
CA LEU C 177 -7.43 34.50 -2.79
C LEU C 177 -5.97 34.26 -2.41
N VAL C 178 -5.34 33.26 -3.02
CA VAL C 178 -3.91 33.02 -2.86
C VAL C 178 -3.27 33.25 -4.22
N VAL C 179 -2.43 34.28 -4.31
CA VAL C 179 -1.72 34.61 -5.53
C VAL C 179 -0.23 34.37 -5.31
N ALA C 180 0.43 33.73 -6.27
CA ALA C 180 1.86 33.53 -6.21
C ALA C 180 2.47 33.97 -7.52
N GLY C 181 3.62 34.64 -7.44
CA GLY C 181 4.19 35.17 -8.66
C GLY C 181 5.64 35.59 -8.52
N THR C 182 6.24 35.94 -9.65
CA THR C 182 7.60 36.43 -9.68
C THR C 182 7.58 37.95 -9.75
N GLU C 183 8.77 38.55 -9.93
CA GLU C 183 8.83 40.01 -9.99
C GLU C 183 8.17 40.55 -11.25
N ALA C 184 7.95 39.71 -12.25
CA ALA C 184 7.45 40.16 -13.53
C ALA C 184 6.06 39.64 -13.88
N ALA C 185 5.65 38.50 -13.34
CA ALA C 185 4.40 37.91 -13.77
C ALA C 185 3.75 37.11 -12.66
N VAL C 186 2.43 37.07 -12.69
CA VAL C 186 1.66 36.21 -11.80
C VAL C 186 1.74 34.79 -12.33
N LEU C 187 1.88 33.81 -11.45
CA LEU C 187 2.05 32.44 -11.89
C LEU C 187 0.93 31.53 -11.43
N MET C 188 0.29 31.84 -10.32
CA MET C 188 -0.72 30.97 -9.77
C MET C 188 -1.75 31.82 -9.05
N VAL C 189 -3.04 31.44 -9.17
CA VAL C 189 -4.12 32.08 -8.43
C VAL C 189 -5.10 30.98 -8.03
N GLU C 190 -5.17 30.65 -6.74
CA GLU C 190 -6.22 29.78 -6.22
C GLU C 190 -7.11 30.59 -5.30
N SER C 191 -8.39 30.72 -5.65
CA SER C 191 -9.24 31.63 -4.90
C SER C 191 -10.61 31.03 -4.65
N GLU C 192 -11.32 31.63 -3.69
CA GLU C 192 -12.72 31.34 -3.43
C GLU C 192 -13.39 32.60 -2.93
N ALA C 193 -14.51 32.96 -3.55
CA ALA C 193 -15.17 34.23 -3.29
C ALA C 193 -16.66 34.02 -3.11
N GLU C 194 -17.30 35.00 -2.47
CA GLU C 194 -18.75 34.98 -2.26
C GLU C 194 -19.45 35.77 -3.35
N LEU C 195 -19.39 35.21 -4.56
CA LEU C 195 -20.06 35.76 -5.74
C LEU C 195 -19.61 37.19 -6.03
N LEU C 196 -18.30 37.34 -6.19
CA LEU C 196 -17.70 38.62 -6.51
C LEU C 196 -17.54 38.78 -8.03
N SER C 197 -17.40 40.03 -8.46
CA SER C 197 -17.32 40.33 -9.88
C SER C 197 -15.92 40.05 -10.42
N GLU C 198 -15.78 40.13 -11.74
CA GLU C 198 -14.50 39.89 -12.37
C GLU C 198 -13.49 40.97 -12.04
N ASP C 199 -13.95 42.23 -11.99
CA ASP C 199 -13.05 43.33 -11.68
C ASP C 199 -12.49 43.22 -10.27
N THR C 200 -13.33 42.82 -9.31
CA THR C 200 -12.84 42.66 -7.94
C THR C 200 -11.78 41.57 -7.84
N MET C 201 -12.01 40.44 -8.52
CA MET C 201 -11.05 39.34 -8.45
C MET C 201 -9.74 39.71 -9.13
N LEU C 202 -9.81 40.47 -10.23
CA LEU C 202 -8.58 40.85 -10.91
C LEU C 202 -7.83 41.91 -10.12
N GLY C 203 -8.55 42.86 -9.53
CA GLY C 203 -7.92 43.80 -8.63
C GLY C 203 -7.25 43.11 -7.46
N ALA C 204 -7.85 42.03 -6.96
CA ALA C 204 -7.25 41.29 -5.84
C ALA C 204 -5.97 40.59 -6.29
N VAL C 205 -5.97 40.02 -7.49
CA VAL C 205 -4.76 39.36 -7.99
C VAL C 205 -3.65 40.40 -8.16
N VAL C 206 -3.98 41.57 -8.70
CA VAL C 206 -2.98 42.62 -8.87
C VAL C 206 -2.48 43.11 -7.51
N PHE C 207 -3.38 43.25 -6.55
CA PHE C 207 -3.00 43.71 -5.22
C PHE C 207 -2.02 42.75 -4.56
N GLY C 208 -2.31 41.45 -4.62
CA GLY C 208 -1.42 40.48 -4.02
C GLY C 208 -0.07 40.41 -4.72
N HIS C 209 -0.08 40.50 -6.06
CA HIS C 209 1.18 40.51 -6.78
C HIS C 209 2.02 41.72 -6.42
N GLU C 210 1.38 42.89 -6.27
CA GLU C 210 2.11 44.09 -5.86
C GLU C 210 2.66 43.95 -4.45
N GLN C 211 1.89 43.33 -3.54
CA GLN C 211 2.31 43.26 -2.16
C GLN C 211 3.35 42.19 -1.88
N GLN C 212 3.54 41.21 -2.77
CA GLN C 212 4.54 40.17 -2.52
C GLN C 212 5.94 40.55 -3.01
N GLN C 213 6.12 41.76 -3.52
CA GLN C 213 7.43 42.17 -4.01
C GLN C 213 8.40 42.40 -2.88
N VAL C 214 7.91 42.66 -1.67
CA VAL C 214 8.80 42.79 -0.52
C VAL C 214 9.40 41.43 -0.17
N VAL C 215 8.60 40.37 -0.25
CA VAL C 215 9.13 39.02 -0.05
C VAL C 215 10.14 38.69 -1.12
N ILE C 216 9.85 39.06 -2.37
CA ILE C 216 10.79 38.76 -3.44
C ILE C 216 12.12 39.49 -3.22
N GLN C 217 12.06 40.76 -2.83
CA GLN C 217 13.28 41.53 -2.59
C GLN C 217 14.07 40.97 -1.40
N ALA C 218 13.38 40.58 -0.33
CA ALA C 218 14.07 40.02 0.83
C ALA C 218 14.75 38.71 0.47
N ILE C 219 14.09 37.88 -0.34
CA ILE C 219 14.73 36.63 -0.76
C ILE C 219 15.94 36.92 -1.64
N ASN C 220 15.86 37.97 -2.47
CA ASN C 220 17.03 38.34 -3.27
C ASN C 220 18.19 38.77 -2.40
N ASP C 221 17.93 39.53 -1.33
CA ASP C 221 19.00 39.91 -0.41
C ASP C 221 19.60 38.69 0.29
N LEU C 222 18.74 37.81 0.79
CA LEU C 222 19.22 36.59 1.42
C LEU C 222 20.09 35.80 0.46
N VAL C 223 19.68 35.70 -0.80
CA VAL C 223 20.49 34.98 -1.78
C VAL C 223 21.81 35.70 -2.01
N LYS C 224 21.81 37.03 -1.95
CA LYS C 224 23.03 37.78 -2.19
C LYS C 224 24.00 37.65 -1.03
N GLU C 225 23.54 37.19 0.13
CA GLU C 225 24.42 37.11 1.28
C GLU C 225 24.72 35.69 1.74
N ALA C 226 23.89 34.70 1.39
CA ALA C 226 24.05 33.34 1.88
C ALA C 226 23.81 32.29 0.80
N GLY C 227 23.60 32.70 -0.46
CA GLY C 227 23.28 31.75 -1.49
C GLY C 227 24.50 30.95 -1.96
N LYS C 228 24.26 29.68 -2.24
CA LYS C 228 25.30 28.81 -2.77
C LYS C 228 25.65 29.22 -4.20
N PRO C 229 26.86 28.89 -4.67
CA PRO C 229 27.19 29.15 -6.06
C PRO C 229 26.27 28.41 -7.00
N ARG C 230 25.96 29.04 -8.14
CA ARG C 230 24.99 28.49 -9.06
C ARG C 230 25.51 27.19 -9.66
N TRP C 231 24.58 26.36 -10.13
CA TRP C 231 24.95 25.08 -10.70
C TRP C 231 25.48 25.25 -12.12
N ASP C 232 26.47 24.41 -12.46
CA ASP C 232 27.03 24.40 -13.81
C ASP C 232 26.24 23.42 -14.68
N TRP C 233 24.96 23.74 -14.84
CA TRP C 233 24.03 22.92 -15.61
C TRP C 233 23.80 23.53 -16.98
N GLN C 234 23.94 22.72 -18.02
CA GLN C 234 23.64 23.15 -19.37
C GLN C 234 22.63 22.20 -20.00
N PRO C 235 21.65 22.73 -20.72
CA PRO C 235 20.68 21.84 -21.38
C PRO C 235 21.35 21.00 -22.46
N GLU C 236 20.78 19.83 -22.69
CA GLU C 236 21.33 18.91 -23.69
C GLU C 236 21.27 19.54 -25.07
N ALA C 237 22.25 19.18 -25.91
CA ALA C 237 22.38 19.79 -27.23
C ALA C 237 21.15 19.49 -28.08
N VAL C 238 20.66 20.51 -28.76
CA VAL C 238 19.52 20.38 -29.66
C VAL C 238 20.03 20.06 -31.06
N ASN C 239 19.49 19.01 -31.66
CA ASN C 239 19.91 18.57 -33.00
C ASN C 239 19.16 19.41 -34.02
N ASP C 240 19.80 20.50 -34.47
CA ASP C 240 19.15 21.40 -35.42
C ASP C 240 19.00 20.75 -36.79
N ALA C 241 20.01 20.00 -37.23
CA ALA C 241 19.94 19.35 -38.53
C ALA C 241 18.83 18.29 -38.56
N LEU C 242 18.74 17.48 -37.51
CA LEU C 242 17.71 16.45 -37.46
C LEU C 242 16.33 17.08 -37.37
N ASN C 243 16.19 18.13 -36.57
CA ASN C 243 14.90 18.81 -36.46
C ASN C 243 14.49 19.40 -37.81
N ALA C 244 15.45 19.98 -38.53
CA ALA C 244 15.15 20.52 -39.85
C ALA C 244 14.76 19.41 -40.81
N ARG C 245 15.41 18.25 -40.72
CA ARG C 245 15.07 17.12 -41.57
C ARG C 245 13.65 16.64 -41.30
N VAL C 246 13.30 16.48 -40.03
CA VAL C 246 11.97 16.01 -39.67
C VAL C 246 10.91 17.02 -40.06
N ALA C 247 11.20 18.31 -39.87
CA ALA C 247 10.22 19.32 -40.27
C ALA C 247 10.02 19.32 -41.78
N ALA C 248 11.12 19.33 -42.55
CA ALA C 248 11.01 19.32 -44.00
C ALA C 248 10.40 18.04 -44.53
N LEU C 249 10.33 16.99 -43.71
CA LEU C 249 9.73 15.74 -44.14
C LEU C 249 8.25 15.64 -43.79
N ALA C 250 7.87 15.99 -42.55
CA ALA C 250 6.53 15.72 -42.07
C ALA C 250 5.68 16.95 -41.76
N GLU C 251 6.26 18.15 -41.70
CA GLU C 251 5.52 19.32 -41.23
C GLU C 251 4.34 19.63 -42.14
N SER C 252 4.57 19.72 -43.45
CA SER C 252 3.49 20.08 -44.35
C SER C 252 2.46 18.96 -44.47
N ARG C 253 2.87 17.70 -44.32
CA ARG C 253 1.88 16.63 -44.30
C ARG C 253 0.98 16.76 -43.09
N LEU C 254 1.56 16.95 -41.92
CA LEU C 254 0.70 17.01 -40.74
C LEU C 254 -0.18 18.26 -40.82
N SER C 255 0.36 19.36 -41.36
CA SER C 255 -0.44 20.56 -41.57
C SER C 255 -1.65 20.23 -42.42
N ASP C 256 -1.46 19.42 -43.45
CA ASP C 256 -2.59 19.08 -44.32
C ASP C 256 -3.52 18.13 -43.60
N ALA C 257 -2.97 17.15 -42.88
CA ALA C 257 -3.79 16.23 -42.10
C ALA C 257 -4.72 17.02 -41.21
N TYR C 258 -4.25 18.14 -40.68
CA TYR C 258 -5.06 18.89 -39.74
C TYR C 258 -6.01 19.80 -40.47
N ARG C 259 -5.74 20.08 -41.74
CA ARG C 259 -6.61 20.97 -42.46
C ARG C 259 -7.87 20.27 -43.01
N ILE C 260 -8.02 18.92 -42.76
CA ILE C 260 -9.20 18.11 -43.08
C ILE C 260 -10.12 18.04 -41.86
N THR C 261 -11.42 17.86 -42.09
CA THR C 261 -12.45 17.95 -41.05
C THR C 261 -13.09 16.63 -40.62
N ASP C 262 -12.30 15.58 -40.41
CA ASP C 262 -12.81 14.32 -39.88
C ASP C 262 -11.84 13.83 -38.82
N LYS C 263 -12.35 13.61 -37.61
CA LYS C 263 -11.47 13.29 -36.48
C LYS C 263 -10.79 11.94 -36.65
N GLN C 264 -11.55 10.89 -36.96
CA GLN C 264 -10.97 9.55 -37.05
C GLN C 264 -10.05 9.44 -38.26
N GLU C 265 -10.52 9.94 -39.41
CA GLU C 265 -9.69 9.97 -40.61
C GLU C 265 -8.38 10.68 -40.29
N ARG C 266 -8.48 11.90 -39.74
CA ARG C 266 -7.30 12.67 -39.40
C ARG C 266 -6.35 11.84 -38.56
N TYR C 267 -6.84 11.35 -37.42
CA TYR C 267 -6.02 10.59 -36.49
C TYR C 267 -5.23 9.52 -37.23
N ALA C 268 -5.92 8.82 -38.15
CA ALA C 268 -5.29 7.78 -38.96
C ALA C 268 -4.18 8.41 -39.78
N GLN C 269 -4.56 9.27 -40.73
CA GLN C 269 -3.59 9.96 -41.60
C GLN C 269 -2.36 10.39 -40.82
N VAL C 270 -2.58 11.03 -39.66
CA VAL C 270 -1.49 11.52 -38.82
C VAL C 270 -0.56 10.36 -38.49
N ASP C 271 -1.10 9.30 -37.89
CA ASP C 271 -0.28 8.16 -37.50
C ASP C 271 0.50 7.65 -38.70
N VAL C 272 -0.19 7.54 -39.84
CA VAL C 272 0.46 7.13 -41.09
C VAL C 272 1.70 8.01 -41.33
N ILE C 273 1.49 9.33 -41.42
CA ILE C 273 2.59 10.25 -41.67
C ILE C 273 3.75 9.94 -40.75
N LYS C 274 3.44 9.64 -39.49
CA LYS C 274 4.49 9.27 -38.55
C LYS C 274 5.17 7.99 -38.98
N SER C 275 4.46 6.86 -38.91
CA SER C 275 5.06 5.56 -39.20
C SER C 275 5.92 5.63 -40.46
N GLU C 276 5.41 6.29 -41.50
CA GLU C 276 6.17 6.44 -42.74
C GLU C 276 7.48 7.19 -42.50
N THR C 277 7.40 8.34 -41.80
CA THR C 277 8.61 9.13 -41.59
C THR C 277 9.62 8.40 -40.73
N ILE C 278 9.18 7.77 -39.64
CA ILE C 278 10.11 7.07 -38.77
C ILE C 278 10.76 5.91 -39.50
N GLU C 279 9.97 5.14 -40.25
CA GLU C 279 10.55 4.01 -40.99
C GLU C 279 11.57 4.49 -42.01
N GLN C 280 11.22 5.53 -42.78
CA GLN C 280 12.15 6.04 -43.78
C GLN C 280 13.43 6.55 -43.14
N LEU C 281 13.31 7.28 -42.03
CA LEU C 281 14.49 7.85 -41.38
C LEU C 281 15.37 6.77 -40.81
N ILE C 282 14.79 5.78 -40.11
CA ILE C 282 15.61 4.71 -39.55
C ILE C 282 16.23 3.87 -40.65
N ALA C 283 15.55 3.73 -41.80
CA ALA C 283 16.16 3.05 -42.93
C ALA C 283 17.36 3.82 -43.45
N GLU C 284 17.24 5.14 -43.57
CA GLU C 284 18.36 5.95 -44.01
C GLU C 284 19.50 5.91 -42.99
N ASP C 285 19.17 5.99 -41.69
CA ASP C 285 20.16 5.93 -40.62
C ASP C 285 19.54 5.20 -39.44
N GLU C 286 20.02 3.99 -39.17
CA GLU C 286 19.49 3.16 -38.08
C GLU C 286 19.97 3.61 -36.71
N THR C 287 20.98 4.49 -36.64
CA THR C 287 21.50 4.93 -35.36
C THR C 287 20.42 5.62 -34.52
N LEU C 288 19.66 6.52 -35.14
CA LEU C 288 18.64 7.27 -34.42
C LEU C 288 17.52 6.36 -33.92
N ASP C 289 17.30 6.35 -32.61
CA ASP C 289 16.25 5.54 -32.03
C ASP C 289 14.87 6.08 -32.39
N ALA C 290 13.91 5.16 -32.52
CA ALA C 290 12.56 5.52 -32.92
C ALA C 290 11.94 6.56 -32.00
N ASN C 291 11.90 6.26 -30.69
CA ASN C 291 11.28 7.11 -29.68
C ASN C 291 11.63 8.59 -29.81
N GLU C 292 12.89 8.92 -30.08
CA GLU C 292 13.26 10.33 -30.23
C GLU C 292 12.57 10.95 -31.44
N LEU C 293 12.50 10.21 -32.55
CA LEU C 293 11.78 10.70 -33.72
C LEU C 293 10.30 10.85 -33.43
N GLY C 294 9.73 9.93 -32.66
CA GLY C 294 8.32 10.05 -32.30
C GLY C 294 8.05 11.27 -31.44
N GLU C 295 8.96 11.57 -30.51
CA GLU C 295 8.80 12.78 -29.70
C GLU C 295 8.92 14.03 -30.55
N ILE C 296 9.86 14.04 -31.50
CA ILE C 296 10.02 15.23 -32.34
C ILE C 296 8.80 15.41 -33.25
N LEU C 297 8.21 14.31 -33.72
CA LEU C 297 6.99 14.42 -34.51
C LEU C 297 5.82 14.91 -33.67
N HIS C 298 5.70 14.38 -32.45
CA HIS C 298 4.65 14.87 -31.54
C HIS C 298 4.80 16.38 -31.32
N ALA C 299 6.02 16.84 -31.08
CA ALA C 299 6.23 18.27 -30.86
C ALA C 299 5.91 19.08 -32.10
N ILE C 300 6.19 18.54 -33.30
CA ILE C 300 5.86 19.25 -34.53
C ILE C 300 4.34 19.32 -34.71
N GLU C 301 3.65 18.24 -34.33
CA GLU C 301 2.19 18.24 -34.35
C GLU C 301 1.64 19.30 -33.42
N LYS C 302 2.23 19.42 -32.23
CA LYS C 302 1.79 20.43 -31.28
C LYS C 302 2.01 21.84 -31.83
N ASN C 303 3.15 22.06 -32.49
CA ASN C 303 3.40 23.37 -33.08
C ASN C 303 2.46 23.67 -34.24
N VAL C 304 2.09 22.64 -35.00
CA VAL C 304 1.12 22.81 -36.09
C VAL C 304 -0.22 23.25 -35.52
N VAL C 305 -0.70 22.54 -34.49
CA VAL C 305 -1.95 22.95 -33.83
C VAL C 305 -1.85 24.39 -33.34
N ARG C 306 -0.76 24.71 -32.62
CA ARG C 306 -0.61 26.05 -32.05
C ARG C 306 -0.69 27.11 -33.13
N SER C 307 -0.03 26.87 -34.27
CA SER C 307 -0.01 27.87 -35.34
C SER C 307 -1.35 27.96 -36.04
N ARG C 308 -2.07 26.83 -36.18
CA ARG C 308 -3.42 26.91 -36.73
C ARG C 308 -4.34 27.71 -35.82
N VAL C 309 -4.27 27.47 -34.52
CA VAL C 309 -5.12 28.21 -33.58
C VAL C 309 -4.81 29.70 -33.62
N LEU C 310 -3.52 30.05 -33.58
CA LEU C 310 -3.11 31.44 -33.58
C LEU C 310 -3.43 32.15 -34.89
N ALA C 311 -3.54 31.41 -35.99
CA ALA C 311 -3.85 32.01 -37.29
C ALA C 311 -5.34 32.23 -37.51
N GLY C 312 -6.18 31.83 -36.56
CA GLY C 312 -7.62 31.97 -36.70
C GLY C 312 -8.33 30.80 -37.32
N GLU C 313 -7.66 29.67 -37.47
CA GLU C 313 -8.28 28.48 -38.04
C GLU C 313 -9.08 27.74 -36.98
N PRO C 314 -10.03 26.90 -37.39
CA PRO C 314 -10.82 26.15 -36.41
C PRO C 314 -9.94 25.20 -35.60
N ARG C 315 -10.45 24.83 -34.43
CA ARG C 315 -9.70 24.02 -33.49
C ARG C 315 -9.70 22.57 -33.92
N ILE C 316 -9.11 21.70 -33.09
CA ILE C 316 -8.92 20.30 -33.47
C ILE C 316 -10.24 19.57 -33.63
N ASP C 317 -11.33 20.10 -33.07
CA ASP C 317 -12.64 19.47 -33.15
C ASP C 317 -13.60 20.25 -34.03
N GLY C 318 -13.11 21.24 -34.78
CA GLY C 318 -13.94 22.04 -35.65
C GLY C 318 -14.61 23.22 -34.99
N ARG C 319 -14.29 23.49 -33.73
CA ARG C 319 -14.99 24.57 -33.00
C ARG C 319 -14.25 25.89 -33.21
N GLU C 320 -14.94 27.02 -33.03
CA GLU C 320 -14.28 28.34 -33.09
C GLU C 320 -13.73 28.66 -31.69
N LYS C 321 -13.11 29.80 -31.50
CA LYS C 321 -12.44 30.11 -30.20
C LYS C 321 -13.45 30.27 -29.06
N ASP C 322 -14.67 30.67 -29.37
CA ASP C 322 -15.64 30.99 -28.29
C ASP C 322 -16.75 29.95 -28.21
N MET C 323 -16.71 28.88 -28.98
CA MET C 323 -17.83 27.91 -28.97
C MET C 323 -17.71 26.92 -27.82
N ILE C 324 -18.82 26.66 -27.13
CA ILE C 324 -18.86 25.66 -26.04
C ILE C 324 -19.37 24.38 -26.69
N ARG C 325 -18.99 23.22 -26.16
CA ARG C 325 -19.39 21.93 -26.74
C ARG C 325 -20.86 21.70 -26.41
N GLY C 326 -21.44 20.63 -26.91
CA GLY C 326 -22.83 20.29 -26.66
C GLY C 326 -23.09 19.99 -25.20
N LEU C 327 -24.29 20.33 -24.75
CA LEU C 327 -24.63 20.18 -23.32
C LEU C 327 -25.89 19.31 -23.13
N ASP C 328 -25.86 18.36 -22.21
CA ASP C 328 -27.04 17.54 -21.87
C ASP C 328 -27.15 17.57 -20.35
N VAL C 329 -28.31 17.94 -19.83
CA VAL C 329 -28.50 18.02 -18.37
C VAL C 329 -29.68 17.12 -18.01
N ARG C 330 -29.48 16.14 -17.16
CA ARG C 330 -30.56 15.24 -16.71
C ARG C 330 -30.54 15.24 -15.18
N THR C 331 -31.69 15.38 -14.54
CA THR C 331 -31.76 15.29 -13.06
C THR C 331 -32.71 14.18 -12.69
N GLY C 332 -32.39 13.42 -11.66
CA GLY C 332 -33.23 12.34 -11.20
C GLY C 332 -32.83 11.02 -11.81
N VAL C 333 -31.55 10.85 -12.12
CA VAL C 333 -31.08 9.66 -12.84
C VAL C 333 -31.01 8.44 -11.94
N LEU C 334 -30.82 8.62 -10.64
CA LEU C 334 -30.72 7.49 -9.74
C LEU C 334 -31.98 7.39 -8.88
N PRO C 335 -32.49 6.17 -8.68
CA PRO C 335 -33.79 6.03 -8.00
C PRO C 335 -33.79 6.29 -6.50
N ARG C 336 -32.75 5.88 -5.76
CA ARG C 336 -32.81 5.90 -4.31
C ARG C 336 -31.87 6.90 -3.66
N THR C 337 -31.31 7.83 -4.42
CA THR C 337 -30.46 8.87 -3.87
C THR C 337 -31.29 10.13 -3.62
N HIS C 338 -30.97 10.85 -2.53
CA HIS C 338 -31.72 12.06 -2.21
C HIS C 338 -31.73 13.04 -3.38
N GLY C 339 -30.58 13.21 -4.03
CA GLY C 339 -30.55 14.00 -5.24
C GLY C 339 -29.50 13.49 -6.20
N SER C 340 -29.76 13.56 -7.51
CA SER C 340 -28.78 13.07 -8.47
C SER C 340 -28.93 13.82 -9.77
N ALA C 341 -27.83 13.91 -10.52
CA ALA C 341 -27.83 14.56 -11.82
C ALA C 341 -26.71 13.99 -12.68
N LEU C 342 -26.91 14.08 -13.99
CA LEU C 342 -25.91 13.74 -14.98
C LEU C 342 -25.67 14.98 -15.84
N PHE C 343 -24.43 15.46 -15.88
CA PHE C 343 -24.07 16.63 -16.66
C PHE C 343 -23.05 16.22 -17.71
N THR C 344 -23.40 16.44 -18.99
CA THR C 344 -22.51 16.14 -20.11
C THR C 344 -22.21 17.43 -20.87
N ARG C 345 -20.93 17.71 -21.05
CA ARG C 345 -20.43 18.80 -21.88
C ARG C 345 -19.52 18.19 -22.94
N GLY C 346 -20.07 17.94 -24.13
CA GLY C 346 -19.29 17.30 -25.16
C GLY C 346 -18.95 15.87 -24.78
N GLU C 347 -17.67 15.63 -24.53
CA GLU C 347 -17.16 14.32 -24.17
C GLU C 347 -16.73 14.26 -22.72
N THR C 348 -17.15 15.23 -21.90
CA THR C 348 -16.89 15.19 -20.48
C THR C 348 -18.22 14.99 -19.76
N GLN C 349 -18.29 14.01 -18.89
CA GLN C 349 -19.53 13.70 -18.19
C GLN C 349 -19.26 13.46 -16.72
N ALA C 350 -20.21 13.88 -15.89
CA ALA C 350 -20.16 13.65 -14.46
C ALA C 350 -21.52 13.24 -13.93
N LEU C 351 -21.53 12.16 -13.14
CA LEU C 351 -22.69 11.70 -12.40
C LEU C 351 -22.54 12.15 -10.95
N VAL C 352 -23.34 13.13 -10.53
CA VAL C 352 -23.18 13.77 -9.24
C VAL C 352 -24.39 13.47 -8.36
N THR C 353 -24.14 13.13 -7.11
CA THR C 353 -25.20 12.82 -6.15
C THR C 353 -25.07 13.70 -4.92
N ALA C 354 -26.21 13.99 -4.29
CA ALA C 354 -26.29 14.76 -3.07
C ALA C 354 -27.07 13.98 -2.03
N THR C 355 -26.51 13.86 -0.83
CA THR C 355 -27.08 13.12 0.28
C THR C 355 -27.25 14.04 1.49
N LEU C 356 -28.37 13.90 2.18
CA LEU C 356 -28.69 14.72 3.34
C LEU C 356 -28.58 13.89 4.61
N GLY C 357 -27.88 14.42 5.60
CA GLY C 357 -27.70 13.72 6.86
C GLY C 357 -28.07 14.57 8.06
N THR C 358 -27.63 14.15 9.24
CA THR C 358 -27.90 14.84 10.49
C THR C 358 -26.61 15.43 11.05
N ALA C 359 -26.75 16.26 12.08
CA ALA C 359 -25.61 16.99 12.63
C ALA C 359 -24.51 16.06 13.10
N ARG C 360 -24.84 14.82 13.48
CA ARG C 360 -23.80 13.88 13.86
C ARG C 360 -22.94 13.46 12.68
N ASP C 361 -23.39 13.72 11.45
CA ASP C 361 -22.68 13.27 10.26
C ASP C 361 -21.64 14.28 9.78
N ALA C 362 -21.59 15.46 10.38
CA ALA C 362 -20.59 16.44 9.98
C ALA C 362 -19.19 15.92 10.30
N GLN C 363 -18.24 16.29 9.46
CA GLN C 363 -16.86 15.83 9.67
C GLN C 363 -16.16 16.76 10.64
N VAL C 364 -15.60 16.20 11.71
CA VAL C 364 -14.84 16.95 12.70
C VAL C 364 -13.37 16.81 12.33
N LEU C 365 -12.78 17.87 11.81
CA LEU C 365 -11.37 17.87 11.41
C LEU C 365 -10.58 18.57 12.50
N ASP C 366 -9.61 17.87 13.07
CA ASP C 366 -8.70 18.49 14.02
C ASP C 366 -7.51 18.97 13.22
N GLU C 367 -7.45 20.27 12.95
CA GLU C 367 -6.39 20.81 12.12
C GLU C 367 -5.39 21.53 13.01
N LEU C 368 -4.23 21.83 12.42
CA LEU C 368 -3.16 22.44 13.21
C LEU C 368 -3.60 23.78 13.78
N MET C 369 -4.53 24.46 13.13
CA MET C 369 -5.03 25.75 13.55
C MET C 369 -6.31 25.65 14.38
N GLY C 370 -6.77 24.45 14.70
CA GLY C 370 -7.96 24.31 15.52
C GLY C 370 -8.91 23.23 15.04
N GLU C 371 -9.80 22.80 15.93
CA GLU C 371 -10.88 21.91 15.54
C GLU C 371 -11.90 22.65 14.69
N ARG C 372 -12.40 21.99 13.66
CA ARG C 372 -13.36 22.59 12.74
C ARG C 372 -14.42 21.57 12.38
N THR C 373 -15.68 21.98 12.41
CA THR C 373 -16.80 21.13 12.02
C THR C 373 -17.25 21.49 10.62
N ASP C 374 -17.28 20.50 9.73
CA ASP C 374 -17.64 20.69 8.33
C ASP C 374 -18.97 19.99 8.07
N SER C 375 -20.01 20.79 7.83
CA SER C 375 -21.33 20.27 7.51
C SER C 375 -21.55 20.08 6.01
N PHE C 376 -20.62 20.52 5.18
CA PHE C 376 -20.69 20.33 3.74
C PHE C 376 -19.47 19.54 3.30
N LEU C 377 -19.70 18.39 2.68
CA LEU C 377 -18.65 17.49 2.25
C LEU C 377 -18.71 17.32 0.74
N PHE C 378 -17.55 17.39 0.09
CA PHE C 378 -17.47 17.19 -1.35
C PHE C 378 -16.42 16.12 -1.63
N HIS C 379 -16.83 15.09 -2.37
CA HIS C 379 -15.93 14.01 -2.74
C HIS C 379 -15.98 13.84 -4.25
N TYR C 380 -14.82 13.71 -4.87
CA TYR C 380 -14.69 13.60 -6.32
C TYR C 380 -13.93 12.32 -6.65
N ASN C 381 -14.51 11.48 -7.51
CA ASN C 381 -13.89 10.25 -7.96
C ASN C 381 -13.62 10.32 -9.45
N PHE C 382 -12.37 10.05 -9.84
CA PHE C 382 -11.97 10.06 -11.25
C PHE C 382 -11.57 8.64 -11.63
N PRO C 383 -12.51 7.81 -12.05
CA PRO C 383 -12.21 6.41 -12.37
C PRO C 383 -11.34 6.29 -13.60
N PRO C 384 -10.63 5.16 -13.75
CA PRO C 384 -9.75 5.00 -14.93
C PRO C 384 -10.51 4.96 -16.25
N TYR C 385 -11.75 4.48 -16.23
CA TYR C 385 -12.50 4.32 -17.46
C TYR C 385 -13.00 5.65 -17.97
N SER C 386 -12.84 6.71 -17.17
CA SER C 386 -13.22 8.04 -17.60
C SER C 386 -12.38 8.45 -18.79
N VAL C 387 -11.22 7.80 -18.99
CA VAL C 387 -10.33 8.14 -20.07
C VAL C 387 -10.04 6.96 -20.97
N GLY C 388 -10.76 5.85 -20.77
CA GLY C 388 -10.59 4.68 -21.61
C GLY C 388 -9.37 3.87 -21.29
N GLU C 389 -8.92 3.91 -20.04
CA GLU C 389 -7.70 3.25 -19.62
C GLU C 389 -7.99 2.27 -18.48
N THR C 390 -7.03 1.39 -18.23
CA THR C 390 -7.07 0.47 -17.12
C THR C 390 -6.09 0.94 -16.05
N GLY C 391 -6.44 0.69 -14.79
CA GLY C 391 -5.61 1.18 -13.71
C GLY C 391 -6.19 0.80 -12.37
N MET C 392 -5.80 1.57 -11.35
CA MET C 392 -6.19 1.29 -9.98
C MET C 392 -7.34 2.20 -9.56
N VAL C 393 -8.29 1.64 -8.83
CA VAL C 393 -9.47 2.37 -8.38
C VAL C 393 -9.41 2.51 -6.88
N GLY C 394 -10.04 3.59 -6.40
CA GLY C 394 -10.02 3.89 -4.96
C GLY C 394 -8.92 4.86 -4.67
N SER C 395 -7.67 4.49 -5.00
CA SER C 395 -6.50 5.36 -4.75
C SER C 395 -6.67 6.73 -5.42
N PRO C 396 -6.88 7.83 -4.67
CA PRO C 396 -7.06 9.18 -5.23
C PRO C 396 -5.71 9.83 -5.49
N LYS C 397 -5.39 10.16 -6.74
CA LYS C 397 -4.12 10.87 -7.00
C LYS C 397 -4.22 12.30 -6.43
N ARG C 398 -3.12 13.05 -6.38
CA ARG C 398 -3.13 14.38 -5.72
C ARG C 398 -3.90 15.42 -6.55
N ARG C 399 -3.74 15.40 -7.87
CA ARG C 399 -4.53 16.32 -8.73
C ARG C 399 -6.02 16.06 -8.50
N GLU C 400 -6.43 14.79 -8.48
CA GLU C 400 -7.85 14.44 -8.24
C GLU C 400 -8.32 15.00 -6.90
N ILE C 401 -7.42 15.16 -5.92
CA ILE C 401 -7.78 15.76 -4.61
C ILE C 401 -7.88 17.28 -4.80
N GLY C 402 -7.03 17.84 -5.65
CA GLY C 402 -7.03 19.28 -5.90
C GLY C 402 -8.21 19.67 -6.72
N HIS C 403 -8.71 18.74 -7.52
CA HIS C 403 -9.85 19.02 -8.39
C HIS C 403 -11.14 18.91 -7.61
N GLY C 404 -11.12 18.12 -6.54
CA GLY C 404 -12.30 18.02 -5.69
C GLY C 404 -12.38 19.21 -4.78
N ARG C 405 -11.22 19.78 -4.40
CA ARG C 405 -11.29 21.01 -3.62
C ARG C 405 -11.67 22.19 -4.50
N LEU C 406 -11.21 22.22 -5.75
CA LEU C 406 -11.65 23.31 -6.63
C LEU C 406 -13.15 23.25 -6.85
N ALA C 407 -13.72 22.06 -7.02
CA ALA C 407 -15.16 21.97 -7.21
C ALA C 407 -15.92 22.34 -5.93
N LYS C 408 -15.40 21.93 -4.78
CA LYS C 408 -16.04 22.32 -3.52
C LYS C 408 -15.99 23.83 -3.32
N ARG C 409 -14.88 24.46 -3.72
CA ARG C 409 -14.78 25.91 -3.64
C ARG C 409 -15.79 26.58 -4.56
N GLY C 410 -15.98 26.01 -5.75
CA GLY C 410 -16.95 26.58 -6.68
C GLY C 410 -18.37 26.48 -6.17
N VAL C 411 -18.70 25.40 -5.47
CA VAL C 411 -20.07 25.24 -4.99
C VAL C 411 -20.31 25.86 -3.61
N LEU C 412 -19.25 26.13 -2.84
CA LEU C 412 -19.42 26.56 -1.45
C LEU C 412 -20.09 27.92 -1.32
N ALA C 413 -20.02 28.78 -2.33
CA ALA C 413 -20.52 30.14 -2.17
C ALA C 413 -22.04 30.22 -2.12
N VAL C 414 -22.75 29.21 -2.62
CA VAL C 414 -24.20 29.24 -2.67
C VAL C 414 -24.85 28.29 -1.69
N MET C 415 -24.08 27.60 -0.86
CA MET C 415 -24.67 26.73 0.14
C MET C 415 -25.39 27.56 1.20
N PRO C 416 -26.53 27.09 1.70
CA PRO C 416 -27.30 27.88 2.66
C PRO C 416 -26.61 27.96 4.01
N ASP C 417 -26.95 29.00 4.75
CA ASP C 417 -26.45 29.16 6.10
C ASP C 417 -27.10 28.13 7.03
N MET C 418 -26.41 27.86 8.14
CA MET C 418 -26.82 26.78 9.04
C MET C 418 -28.14 27.05 9.74
N ASP C 419 -28.56 28.31 9.89
CA ASP C 419 -29.82 28.58 10.57
C ASP C 419 -31.03 28.35 9.67
N LYS C 420 -30.83 28.23 8.35
CA LYS C 420 -31.91 27.94 7.43
C LYS C 420 -31.90 26.51 6.93
N PHE C 421 -30.74 25.86 6.93
CA PHE C 421 -30.60 24.47 6.55
C PHE C 421 -29.61 23.82 7.50
N PRO C 422 -30.09 23.31 8.63
CA PRO C 422 -29.19 22.77 9.65
C PRO C 422 -28.75 21.34 9.38
N TYR C 423 -28.94 20.88 8.14
CA TYR C 423 -28.64 19.50 7.79
C TYR C 423 -27.22 19.39 7.27
N THR C 424 -26.69 18.17 7.31
CA THR C 424 -25.37 17.89 6.74
C THR C 424 -25.55 17.40 5.32
N VAL C 425 -24.78 17.98 4.40
CA VAL C 425 -24.90 17.69 2.98
C VAL C 425 -23.60 17.10 2.48
N ARG C 426 -23.68 15.94 1.83
CA ARG C 426 -22.54 15.32 1.17
C ARG C 426 -22.82 15.24 -0.33
N VAL C 427 -21.90 15.74 -1.13
CA VAL C 427 -22.01 15.74 -2.57
C VAL C 427 -20.87 14.88 -3.11
N VAL C 428 -21.23 13.87 -3.90
CA VAL C 428 -20.28 12.95 -4.50
C VAL C 428 -20.38 13.06 -6.00
N SER C 429 -19.23 13.27 -6.64
CA SER C 429 -19.13 13.43 -8.08
C SER C 429 -18.38 12.21 -8.62
N GLU C 430 -18.89 11.64 -9.70
CA GLU C 430 -18.27 10.50 -10.35
C GLU C 430 -17.99 10.94 -11.77
N ILE C 431 -16.72 11.02 -12.15
CA ILE C 431 -16.42 11.46 -13.51
C ILE C 431 -16.58 10.25 -14.42
N THR C 432 -17.62 10.26 -15.24
CA THR C 432 -17.87 9.09 -16.09
C THR C 432 -17.16 9.24 -17.42
N GLU C 433 -16.94 10.47 -17.89
CA GLU C 433 -16.16 10.67 -19.10
C GLU C 433 -15.29 11.90 -18.88
N SER C 434 -14.10 11.92 -19.48
CA SER C 434 -13.21 13.06 -19.26
C SER C 434 -12.44 13.42 -20.53
N ASN C 435 -12.88 14.49 -21.20
CA ASN C 435 -12.17 15.07 -22.35
C ASN C 435 -12.34 16.58 -22.19
N GLY C 436 -11.63 17.14 -21.23
CA GLY C 436 -11.83 18.52 -20.88
C GLY C 436 -11.61 18.68 -19.38
N SER C 437 -12.40 19.54 -18.77
CA SER C 437 -12.29 19.85 -17.35
C SER C 437 -13.41 19.13 -16.60
N SER C 438 -13.04 18.09 -15.86
CA SER C 438 -14.01 17.35 -15.08
C SER C 438 -14.45 18.11 -13.84
N SER C 439 -13.58 18.97 -13.30
CA SER C 439 -13.93 19.72 -12.09
C SER C 439 -15.08 20.68 -12.35
N MET C 440 -15.15 21.28 -13.53
CA MET C 440 -16.20 22.24 -13.78
C MET C 440 -17.53 21.56 -14.09
N ALA C 441 -17.47 20.39 -14.74
CA ALA C 441 -18.67 19.59 -14.87
C ALA C 441 -19.13 19.08 -13.52
N SER C 442 -18.18 18.85 -12.61
CA SER C 442 -18.54 18.49 -11.24
C SER C 442 -19.24 19.64 -10.53
N VAL C 443 -18.80 20.88 -10.80
CA VAL C 443 -19.47 22.04 -10.21
C VAL C 443 -20.91 22.12 -10.70
N CYS C 444 -21.11 22.00 -12.01
CA CYS C 444 -22.47 22.11 -12.55
C CYS C 444 -23.34 20.94 -12.10
N GLY C 445 -22.76 19.74 -12.01
CA GLY C 445 -23.53 18.60 -11.55
C GLY C 445 -23.86 18.67 -10.08
N ALA C 446 -22.93 19.20 -9.27
CA ALA C 446 -23.23 19.45 -7.86
C ALA C 446 -24.37 20.43 -7.71
N SER C 447 -24.39 21.49 -8.52
CA SER C 447 -25.50 22.44 -8.44
C SER C 447 -26.81 21.76 -8.80
N LEU C 448 -26.82 20.97 -9.87
CA LEU C 448 -28.05 20.30 -10.28
C LEU C 448 -28.52 19.29 -9.24
N ALA C 449 -27.59 18.53 -8.66
CA ALA C 449 -27.96 17.52 -7.67
C ALA C 449 -28.43 18.15 -6.38
N LEU C 450 -27.81 19.27 -5.99
CA LEU C 450 -28.27 19.98 -4.79
C LEU C 450 -29.67 20.53 -5.00
N MET C 451 -29.96 21.06 -6.18
CA MET C 451 -31.32 21.51 -6.45
C MET C 451 -32.29 20.33 -6.48
N ASP C 452 -31.86 19.20 -7.03
CA ASP C 452 -32.71 18.01 -7.06
C ASP C 452 -32.99 17.48 -5.66
N ALA C 453 -31.99 17.51 -4.77
CA ALA C 453 -32.15 17.02 -3.42
C ALA C 453 -33.04 17.90 -2.56
N GLY C 454 -33.41 19.08 -3.04
CA GLY C 454 -34.21 20.00 -2.26
C GLY C 454 -33.44 20.93 -1.37
N VAL C 455 -32.11 20.95 -1.49
CA VAL C 455 -31.28 21.87 -0.71
C VAL C 455 -31.51 23.27 -1.24
N PRO C 456 -31.96 24.22 -0.42
CA PRO C 456 -32.16 25.58 -0.92
C PRO C 456 -30.85 26.33 -1.07
N ILE C 457 -30.38 26.47 -2.30
CA ILE C 457 -29.14 27.17 -2.58
C ILE C 457 -29.49 28.57 -3.04
N LYS C 458 -28.54 29.49 -2.83
CA LYS C 458 -28.79 30.89 -3.19
C LYS C 458 -28.99 31.05 -4.70
N ALA C 459 -28.17 30.37 -5.49
CA ALA C 459 -28.30 30.41 -6.95
C ALA C 459 -27.58 29.22 -7.53
N ALA C 460 -27.93 28.89 -8.77
CA ALA C 460 -27.24 27.83 -9.49
C ALA C 460 -25.86 28.31 -9.93
N VAL C 461 -24.88 27.41 -9.87
CA VAL C 461 -23.51 27.72 -10.24
C VAL C 461 -23.05 26.77 -11.32
N ALA C 462 -22.22 27.29 -12.22
CA ALA C 462 -21.59 26.51 -13.26
C ALA C 462 -20.14 26.95 -13.38
N GLY C 463 -19.31 26.11 -14.01
CA GLY C 463 -17.93 26.43 -14.23
C GLY C 463 -17.53 26.23 -15.67
N ILE C 464 -16.44 26.91 -16.05
CA ILE C 464 -15.89 26.84 -17.40
C ILE C 464 -14.37 26.83 -17.30
N ALA C 465 -13.73 25.92 -18.03
CA ALA C 465 -12.29 25.87 -18.13
C ALA C 465 -11.84 26.53 -19.44
N MET C 466 -10.96 27.52 -19.34
CA MET C 466 -10.55 28.30 -20.48
C MET C 466 -9.03 28.22 -20.63
N GLY C 467 -8.56 28.77 -21.74
CA GLY C 467 -7.13 28.75 -22.03
C GLY C 467 -6.77 29.92 -22.91
N LEU C 468 -5.57 30.44 -22.73
CA LEU C 468 -5.07 31.52 -23.57
C LEU C 468 -3.74 31.11 -24.19
N VAL C 469 -3.69 31.16 -25.54
CA VAL C 469 -2.47 30.89 -26.30
C VAL C 469 -1.90 32.22 -26.79
N LYS C 470 -0.62 32.46 -26.51
CA LYS C 470 0.07 33.70 -26.83
C LYS C 470 1.43 33.52 -27.52
N GLU C 471 1.63 34.22 -28.64
CA GLU C 471 2.93 34.32 -29.32
C GLU C 471 3.22 35.79 -29.56
N GLY C 472 4.07 36.35 -28.70
CA GLY C 472 4.37 37.77 -28.81
C GLY C 472 3.15 38.58 -28.48
N ASP C 473 2.81 39.48 -29.39
CA ASP C 473 1.62 40.29 -29.21
C ASP C 473 0.33 39.53 -29.49
N ASN C 474 0.39 38.47 -30.31
CA ASN C 474 -0.85 37.79 -30.69
C ASN C 474 -1.31 36.86 -29.58
N TYR C 475 -2.60 36.89 -29.27
CA TYR C 475 -3.16 35.97 -28.29
C TYR C 475 -4.58 35.61 -28.69
N VAL C 476 -4.99 34.39 -28.31
CA VAL C 476 -6.34 33.90 -28.55
C VAL C 476 -6.85 33.25 -27.28
N VAL C 477 -8.07 33.60 -26.87
CA VAL C 477 -8.72 32.99 -25.71
C VAL C 477 -9.62 31.87 -26.23
N LEU C 478 -9.49 30.69 -25.63
CA LEU C 478 -10.23 29.51 -26.09
C LEU C 478 -11.19 29.01 -25.00
N SER C 479 -12.47 28.91 -25.31
CA SER C 479 -13.50 28.48 -24.33
C SER C 479 -13.68 26.97 -24.35
N ASP C 480 -13.96 26.38 -23.20
CA ASP C 480 -14.17 24.92 -23.07
C ASP C 480 -12.97 24.22 -23.69
N ILE C 481 -11.82 24.36 -23.07
CA ILE C 481 -10.62 23.73 -23.59
C ILE C 481 -10.76 22.21 -23.50
N LEU C 482 -10.17 21.52 -24.48
CA LEU C 482 -10.21 20.07 -24.53
C LEU C 482 -9.01 19.49 -23.79
N GLY C 483 -9.09 18.20 -23.50
CA GLY C 483 -7.98 17.50 -22.87
C GLY C 483 -6.76 17.38 -23.76
N ASP C 484 -6.95 17.40 -25.08
CA ASP C 484 -5.86 17.37 -26.03
C ASP C 484 -5.28 18.76 -26.32
N GLU C 485 -5.92 19.81 -25.82
CA GLU C 485 -5.45 21.18 -26.02
C GLU C 485 -4.67 21.70 -24.82
N ASP C 486 -4.25 20.80 -23.92
CA ASP C 486 -3.52 21.24 -22.74
C ASP C 486 -2.17 21.87 -23.09
N HIS C 487 -1.65 21.59 -24.29
CA HIS C 487 -0.38 22.17 -24.70
C HIS C 487 -0.53 23.62 -25.14
N LEU C 488 -1.76 24.09 -25.34
CA LEU C 488 -2.03 25.42 -25.86
C LEU C 488 -2.34 26.39 -24.73
N GLY C 489 -2.18 25.94 -23.49
CA GLY C 489 -2.52 26.75 -22.35
C GLY C 489 -1.36 27.56 -21.81
N ASP C 490 -1.01 28.65 -22.49
CA ASP C 490 -0.03 29.56 -21.89
C ASP C 490 -0.60 30.09 -20.58
N MET C 491 -1.91 30.35 -20.55
CA MET C 491 -2.60 30.64 -19.30
C MET C 491 -3.80 29.70 -19.28
N ASP C 492 -3.84 28.78 -18.33
CA ASP C 492 -5.01 27.93 -18.15
C ASP C 492 -5.78 28.40 -16.92
N PHE C 493 -7.04 28.78 -17.10
CA PHE C 493 -7.82 29.27 -15.97
C PHE C 493 -9.13 28.50 -15.90
N LYS C 494 -9.75 28.52 -14.73
CA LYS C 494 -11.01 27.80 -14.51
C LYS C 494 -11.86 28.70 -13.64
N VAL C 495 -12.97 29.19 -14.18
CA VAL C 495 -13.82 30.12 -13.46
C VAL C 495 -15.16 29.45 -13.18
N ALA C 496 -15.60 29.52 -11.93
CA ALA C 496 -16.90 29.01 -11.52
C ALA C 496 -17.70 30.16 -10.92
N GLY C 497 -19.02 30.06 -10.99
CA GLY C 497 -19.84 31.06 -10.35
C GLY C 497 -21.29 30.96 -10.78
N SER C 498 -22.06 31.97 -10.37
CA SER C 498 -23.47 32.06 -10.65
C SER C 498 -23.71 33.15 -11.70
N ARG C 499 -24.98 33.50 -11.89
CA ARG C 499 -25.33 34.50 -12.88
C ARG C 499 -24.86 35.89 -12.49
N ASP C 500 -24.52 36.10 -11.22
CA ASP C 500 -24.19 37.43 -10.72
C ASP C 500 -22.79 37.57 -10.16
N GLY C 501 -22.01 36.50 -10.05
CA GLY C 501 -20.66 36.66 -9.52
C GLY C 501 -19.85 35.39 -9.64
N ILE C 502 -18.58 35.51 -9.28
CA ILE C 502 -17.62 34.41 -9.32
C ILE C 502 -17.50 33.81 -7.94
N SER C 503 -17.48 32.47 -7.87
CA SER C 503 -17.32 31.76 -6.61
C SER C 503 -15.97 31.09 -6.47
N ALA C 504 -15.31 30.74 -7.58
CA ALA C 504 -13.98 30.15 -7.52
C ALA C 504 -13.22 30.56 -8.78
N LEU C 505 -11.95 30.89 -8.60
CA LEU C 505 -11.09 31.22 -9.73
C LEU C 505 -9.72 30.56 -9.54
N GLN C 506 -9.31 29.78 -10.52
CA GLN C 506 -7.98 29.17 -10.53
C GLN C 506 -7.29 29.55 -11.82
N MET C 507 -6.05 30.03 -11.70
CA MET C 507 -5.22 30.42 -12.83
C MET C 507 -3.85 29.81 -12.67
N ASP C 508 -3.24 29.41 -13.79
CA ASP C 508 -1.88 28.86 -13.80
C ASP C 508 -1.17 29.39 -15.05
N ILE C 509 -0.46 30.50 -14.90
CA ILE C 509 0.22 31.13 -16.03
C ILE C 509 1.66 30.64 -16.09
N LYS C 510 2.12 30.27 -17.28
CA LYS C 510 3.46 29.74 -17.45
C LYS C 510 4.34 30.65 -18.30
N ILE C 511 3.80 31.74 -18.83
CA ILE C 511 4.53 32.64 -19.72
C ILE C 511 4.57 34.01 -19.07
N GLU C 512 5.17 34.98 -19.75
CA GLU C 512 5.20 36.35 -19.28
C GLU C 512 4.56 37.26 -20.32
N GLY C 513 4.00 38.37 -19.86
CA GLY C 513 3.34 39.31 -20.74
C GLY C 513 1.83 39.36 -20.62
N ILE C 514 1.23 38.60 -19.70
CA ILE C 514 -0.21 38.62 -19.50
C ILE C 514 -0.55 39.87 -18.68
N THR C 515 -1.05 40.90 -19.35
CA THR C 515 -1.42 42.15 -18.70
C THR C 515 -2.80 42.01 -18.06
N LYS C 516 -3.23 43.06 -17.35
CA LYS C 516 -4.56 43.07 -16.75
C LYS C 516 -5.65 43.16 -17.81
N GLU C 517 -5.39 43.85 -18.93
CA GLU C 517 -6.37 43.92 -20.02
C GLU C 517 -6.62 42.54 -20.62
N ILE C 518 -5.55 41.74 -20.73
CA ILE C 518 -5.69 40.39 -21.26
C ILE C 518 -6.56 39.56 -20.32
N MET C 519 -6.41 39.78 -19.01
CA MET C 519 -7.25 39.07 -18.06
C MET C 519 -8.69 39.59 -18.11
N GLN C 520 -8.88 40.85 -18.52
CA GLN C 520 -10.24 41.35 -18.69
C GLN C 520 -10.93 40.66 -19.84
N VAL C 521 -10.17 40.44 -20.92
CA VAL C 521 -10.76 39.83 -22.10
C VAL C 521 -11.03 38.35 -21.84
N ALA C 522 -10.15 37.70 -21.07
CA ALA C 522 -10.33 36.27 -20.83
C ALA C 522 -11.44 36.01 -19.82
N LEU C 523 -11.60 36.89 -18.83
CA LEU C 523 -12.65 36.62 -17.85
C LEU C 523 -13.98 37.12 -18.34
N ASN C 524 -13.98 37.93 -19.39
CA ASN C 524 -15.26 38.35 -19.98
C ASN C 524 -15.75 37.24 -20.91
N GLN C 525 -14.84 36.54 -21.58
CA GLN C 525 -15.22 35.43 -22.48
C GLN C 525 -15.69 34.26 -21.62
N ALA C 526 -15.16 34.13 -20.42
CA ALA C 526 -15.55 33.05 -19.50
C ALA C 526 -16.88 33.41 -18.87
N LYS C 527 -17.15 34.69 -18.68
CA LYS C 527 -18.46 35.04 -18.16
C LYS C 527 -19.52 34.65 -19.18
N GLY C 528 -19.29 35.01 -20.46
CA GLY C 528 -20.25 34.63 -21.49
C GLY C 528 -20.47 33.13 -21.56
N ALA C 529 -19.38 32.36 -21.42
CA ALA C 529 -19.49 30.90 -21.50
C ALA C 529 -20.27 30.34 -20.32
N ARG C 530 -19.96 30.82 -19.12
CA ARG C 530 -20.66 30.36 -17.93
C ARG C 530 -22.13 30.75 -17.98
N LEU C 531 -22.45 31.96 -18.42
CA LEU C 531 -23.85 32.34 -18.50
C LEU C 531 -24.62 31.48 -19.51
N HIS C 532 -23.98 31.09 -20.61
CA HIS C 532 -24.64 30.19 -21.55
C HIS C 532 -24.91 28.83 -20.89
N ILE C 533 -23.92 28.31 -20.17
CA ILE C 533 -24.09 27.03 -19.50
C ILE C 533 -25.18 27.13 -18.43
N LEU C 534 -25.22 28.24 -17.71
CA LEU C 534 -26.23 28.44 -16.67
C LEU C 534 -27.62 28.54 -17.27
N GLY C 535 -27.75 29.15 -18.45
CA GLY C 535 -29.05 29.16 -19.11
C GLY C 535 -29.52 27.77 -19.48
N VAL C 536 -28.60 26.95 -20.02
CA VAL C 536 -28.99 25.60 -20.38
C VAL C 536 -29.35 24.80 -19.12
N MET C 537 -28.63 25.04 -18.03
CA MET C 537 -28.93 24.37 -16.76
C MET C 537 -30.29 24.78 -16.21
N GLU C 538 -30.60 26.08 -16.26
CA GLU C 538 -31.87 26.56 -15.74
C GLU C 538 -33.05 26.05 -16.55
N GLN C 539 -32.86 25.83 -17.86
CA GLN C 539 -34.00 25.30 -18.62
C GLN C 539 -34.45 23.92 -18.14
N ALA C 540 -33.59 23.17 -17.46
CA ALA C 540 -34.01 21.87 -16.90
C ALA C 540 -34.66 22.04 -15.53
N ILE C 541 -33.86 22.43 -14.53
CA ILE C 541 -34.34 22.67 -13.18
C ILE C 541 -33.98 24.10 -12.81
N ASN C 542 -34.95 24.84 -12.27
CA ASN C 542 -34.74 26.24 -11.94
C ASN C 542 -34.91 26.55 -10.46
N ALA C 543 -35.33 25.59 -9.64
CA ALA C 543 -35.57 25.83 -8.23
C ALA C 543 -35.52 24.52 -7.49
N PRO C 544 -35.16 24.53 -6.20
CA PRO C 544 -35.03 23.28 -5.45
C PRO C 544 -36.35 22.51 -5.36
N ARG C 545 -36.25 21.19 -5.37
CA ARG C 545 -37.45 20.35 -5.32
C ARG C 545 -38.18 20.54 -4.01
N GLY C 546 -39.51 20.61 -4.10
CA GLY C 546 -40.35 20.79 -2.93
C GLY C 546 -40.35 19.61 -1.99
N ASN D 1 -8.54 -35.89 22.28
CA ASN D 1 -7.11 -36.09 22.40
C ASN D 1 -6.45 -36.24 21.03
N HIS D 2 -6.30 -37.49 20.58
CA HIS D 2 -5.56 -37.79 19.36
C HIS D 2 -6.23 -38.94 18.61
N ALA D 3 -6.22 -38.83 17.28
CA ALA D 3 -6.69 -39.90 16.42
C ALA D 3 -6.03 -39.76 15.06
N SER D 4 -5.78 -40.91 14.42
CA SER D 4 -5.16 -40.91 13.10
C SER D 4 -5.69 -42.08 12.31
N ALA D 5 -5.60 -41.96 10.99
CA ALA D 5 -5.97 -43.04 10.08
C ALA D 5 -4.97 -43.11 8.94
N PRO D 6 -4.67 -44.31 8.38
CA PRO D 6 -3.76 -44.42 7.21
C PRO D 6 -4.44 -43.89 5.96
N MET D 7 -3.79 -44.04 4.81
CA MET D 7 -4.46 -43.63 3.55
C MET D 7 -5.51 -44.69 3.19
N THR D 8 -6.79 -44.30 3.15
CA THR D 8 -7.85 -45.30 2.91
C THR D 8 -8.73 -44.89 1.76
N ARG D 9 -9.20 -45.87 0.99
CA ARG D 9 -10.17 -45.57 -0.07
C ARG D 9 -11.54 -45.44 0.57
N ALA D 10 -12.16 -44.27 0.40
CA ALA D 10 -13.51 -44.10 0.90
C ALA D 10 -14.47 -44.17 -0.28
N PRO D 11 -15.07 -45.34 -0.53
CA PRO D 11 -15.91 -45.48 -1.72
C PRO D 11 -17.22 -44.73 -1.56
N ALA D 12 -17.77 -44.29 -2.69
CA ALA D 12 -19.05 -43.62 -2.66
C ALA D 12 -20.10 -44.56 -2.07
N PRO D 13 -20.89 -44.10 -1.10
CA PRO D 13 -21.94 -44.94 -0.54
C PRO D 13 -23.04 -45.21 -1.56
N GLU D 14 -23.84 -46.23 -1.26
CA GLU D 14 -24.94 -46.59 -2.15
C GLU D 14 -25.88 -45.39 -2.31
N TYR D 15 -26.38 -45.20 -3.52
CA TYR D 15 -27.20 -44.05 -3.85
C TYR D 15 -28.67 -44.46 -3.91
N VAL D 16 -29.49 -43.80 -3.11
CA VAL D 16 -30.94 -43.96 -3.14
C VAL D 16 -31.55 -42.66 -3.65
N PRO D 17 -32.24 -42.67 -4.78
CA PRO D 17 -32.90 -41.44 -5.26
C PRO D 17 -33.90 -40.94 -4.23
N GLU D 18 -33.96 -39.62 -4.09
CA GLU D 18 -34.81 -38.99 -3.09
C GLU D 18 -36.10 -38.49 -3.72
N THR D 19 -37.21 -38.75 -3.06
CA THR D 19 -38.49 -38.22 -3.51
C THR D 19 -38.55 -36.74 -3.18
N PRO D 20 -38.97 -35.89 -4.13
CA PRO D 20 -38.93 -34.44 -3.89
C PRO D 20 -40.09 -34.00 -3.01
N HIS D 21 -39.77 -33.50 -1.83
CA HIS D 21 -40.80 -33.05 -0.90
C HIS D 21 -41.63 -31.95 -1.52
N HIS D 22 -42.95 -32.03 -1.33
CA HIS D 22 -43.88 -31.12 -1.96
C HIS D 22 -44.60 -30.30 -0.90
N SER D 23 -44.78 -29.01 -1.19
CA SER D 23 -45.53 -28.10 -0.34
C SER D 23 -46.41 -27.23 -1.21
N ASP D 24 -47.56 -26.85 -0.68
CA ASP D 24 -48.47 -25.94 -1.36
C ASP D 24 -48.29 -24.50 -0.90
N TRP D 25 -47.20 -24.21 -0.19
CA TRP D 25 -46.90 -22.84 0.21
C TRP D 25 -46.85 -21.93 -1.00
N GLN D 26 -47.54 -20.80 -0.91
CA GLN D 26 -47.53 -19.78 -1.95
C GLN D 26 -46.62 -18.65 -1.51
N ARG D 27 -45.56 -18.41 -2.27
CA ARG D 27 -44.67 -17.29 -1.99
C ARG D 27 -45.43 -15.98 -2.14
N PRO D 28 -45.50 -15.16 -1.09
CA PRO D 28 -46.17 -13.86 -1.22
C PRO D 28 -45.50 -13.01 -2.29
N SER D 29 -46.26 -12.07 -2.83
CA SER D 29 -45.75 -11.24 -3.91
C SER D 29 -44.91 -10.11 -3.34
N PHE D 30 -43.98 -9.62 -4.15
CA PHE D 30 -43.08 -8.54 -3.74
C PHE D 30 -43.73 -7.21 -4.08
N HIS D 31 -43.94 -6.38 -3.07
CA HIS D 31 -44.51 -5.06 -3.27
C HIS D 31 -43.38 -4.06 -3.44
N PHE D 32 -43.32 -3.42 -4.60
CA PHE D 32 -42.28 -2.46 -4.91
C PHE D 32 -42.92 -1.10 -5.15
N GLU D 33 -42.49 -0.10 -4.39
CA GLU D 33 -42.89 1.29 -4.58
C GLU D 33 -41.65 2.08 -4.95
N GLY D 34 -41.54 2.45 -6.23
CA GLY D 34 -40.41 3.24 -6.67
C GLY D 34 -40.38 3.34 -8.18
N LYS D 35 -39.39 4.09 -8.67
CA LYS D 35 -39.22 4.25 -10.11
C LYS D 35 -38.81 2.93 -10.75
N GLY D 36 -37.85 2.23 -10.15
CA GLY D 36 -37.39 0.95 -10.62
C GLY D 36 -36.23 0.99 -11.59
N ALA D 37 -35.95 2.14 -12.19
CA ALA D 37 -34.96 2.23 -13.25
C ALA D 37 -33.99 3.36 -12.94
N ALA D 38 -32.75 3.19 -13.40
CA ALA D 38 -31.72 4.21 -13.24
C ALA D 38 -31.16 4.53 -14.62
N GLY D 39 -30.30 5.52 -14.67
CA GLY D 39 -29.75 5.97 -15.93
C GLY D 39 -30.45 7.22 -16.41
N GLY D 40 -29.97 7.73 -17.54
CA GLY D 40 -30.53 8.96 -18.09
C GLY D 40 -31.99 8.83 -18.48
N HIS D 41 -32.39 7.67 -18.99
CA HIS D 41 -33.76 7.51 -19.49
C HIS D 41 -34.80 7.77 -18.40
N SER D 42 -34.41 7.79 -17.14
CA SER D 42 -35.33 7.92 -16.03
C SER D 42 -35.37 9.35 -15.51
N ALA D 43 -34.63 10.25 -16.13
CA ALA D 43 -34.51 11.62 -15.67
C ALA D 43 -35.88 12.28 -15.57
N THR D 44 -36.13 12.93 -14.44
CA THR D 44 -37.35 13.66 -14.23
C THR D 44 -37.35 14.99 -14.97
N ARG D 45 -36.19 15.64 -15.02
CA ARG D 45 -36.04 16.92 -15.75
C ARG D 45 -34.84 16.79 -16.69
N HIS D 46 -34.97 17.26 -17.93
CA HIS D 46 -33.86 17.17 -18.92
C HIS D 46 -33.80 18.43 -19.77
N ALA D 47 -32.60 18.87 -20.13
CA ALA D 47 -32.41 20.01 -21.04
C ALA D 47 -31.18 19.74 -21.89
N SER D 48 -31.12 20.32 -23.08
CA SER D 48 -29.91 20.16 -23.92
C SER D 48 -29.70 21.41 -24.77
N ALA D 49 -28.49 21.59 -25.28
CA ALA D 49 -28.20 22.68 -26.24
C ALA D 49 -27.09 22.13 -27.11
N PRO D 50 -27.12 22.33 -28.45
CA PRO D 50 -26.00 21.91 -29.30
C PRO D 50 -24.79 22.80 -29.06
N ALA D 51 -23.72 22.53 -29.81
CA ALA D 51 -22.53 23.36 -29.70
C ALA D 51 -22.89 24.74 -30.22
N THR D 52 -22.74 25.74 -29.35
CA THR D 52 -23.10 27.12 -29.70
C THR D 52 -22.02 28.07 -29.25
N ARG D 53 -21.94 29.24 -29.89
CA ARG D 53 -21.01 30.30 -29.44
C ARG D 53 -21.78 31.18 -28.48
N PRO D 54 -21.46 31.20 -27.17
CA PRO D 54 -22.12 32.09 -26.20
C PRO D 54 -22.39 33.44 -26.83
N GLN D 55 -23.65 33.84 -26.86
CA GLN D 55 -24.05 35.14 -27.43
C GLN D 55 -23.20 36.27 -26.82
#